data_8X4S
#
_entry.id   8X4S
#
_cell.length_a   82.681
_cell.length_b   122.502
_cell.length_c   128.716
_cell.angle_alpha   90.000
_cell.angle_beta   99.770
_cell.angle_gamma   90.000
#
_symmetry.space_group_name_H-M   'P 1 21 1'
#
loop_
_entity.id
_entity.type
_entity.pdbx_description
1 polymer 'L-tryptophan decarboxylase'
2 polymer 'L-tryptophan decarboxylase'
3 non-polymer '(2~{R})-2-[2-(1~{H}-indol-3-yl)ethylamino]propanoic acid'
4 water water
#
loop_
_entity_poly.entity_id
_entity_poly.type
_entity_poly.pdbx_seq_one_letter_code
_entity_poly.pdbx_strand_id
1 'polypeptide(L)'
;MQVIPACNSAAIRSLCPTPESFRNMGWLSVSDAVYSEFIGELATRASNRNYSNEFGLMQPIQEFKAFIESDPVVHQEFID
MFEGIQDSPRNYQELCNMFNDIFRKAPVYGDLGPPVYMIMAKLMNTRAGFSAFTRQRLNLHFKKLFDTWGLFLSSKDSRN
VLVADQFDDRHCGWLNERALSAMVKHYNGRAFDEVFLCDKNAPYYGFNSYDDFFNRRFRNRDIDRPVVGGVNNTTLISAA
CESLSYNVSYDVQSLDTLVFKGETYSLKHLLNNDPFTPQFEHGSILQGFLNVTAYHRWHAPVNGTIVKIINVPGTYFAQA
PSTIGDPIPDNDYDPPPYLKSLVYFSNIAARQIMFIEADNKEIGLIFLVFIGMTEISTCEATVSEGQHVNRGDDLGMFHF
GG
;
I,G,A,C,E,K
2 'polypeptide(L)' SFALGLRKDCRAEIVEKFTEPGTVIRINEVVAALKA J,H,B,D,F,L
#
# COMPACT_ATOMS: atom_id res chain seq x y z
N LEU A 57 -22.31 19.44 40.89
CA LEU A 57 -23.25 18.64 40.11
C LEU A 57 -22.72 18.40 38.71
N MET A 58 -22.89 17.19 38.20
CA MET A 58 -22.44 16.91 36.85
C MET A 58 -23.27 17.70 35.84
N GLN A 59 -22.64 18.10 34.74
CA GLN A 59 -23.25 19.01 33.79
C GLN A 59 -24.65 18.61 33.35
N PRO A 60 -24.95 17.34 33.01
CA PRO A 60 -26.34 17.01 32.61
C PRO A 60 -27.36 17.36 33.69
N ILE A 61 -27.02 17.18 34.97
CA ILE A 61 -27.93 17.60 36.04
C ILE A 61 -28.02 19.11 36.11
N GLN A 62 -26.91 19.80 35.85
CA GLN A 62 -26.94 21.25 35.80
C GLN A 62 -27.94 21.73 34.74
N GLU A 63 -27.80 21.22 33.52
CA GLU A 63 -28.70 21.60 32.43
C GLU A 63 -30.14 21.22 32.76
N PHE A 64 -30.33 20.07 33.42
CA PHE A 64 -31.66 19.67 33.89
C PHE A 64 -32.25 20.71 34.82
N LYS A 65 -31.50 21.08 35.87
CA LYS A 65 -31.93 22.14 36.80
C LYS A 65 -32.17 23.47 36.07
N ALA A 66 -31.29 23.82 35.14
CA ALA A 66 -31.46 25.06 34.40
C ALA A 66 -32.75 25.04 33.59
N PHE A 67 -33.12 23.86 33.08
CA PHE A 67 -34.34 23.75 32.30
C PHE A 67 -35.56 23.97 33.19
N ILE A 68 -35.60 23.30 34.34
CA ILE A 68 -36.69 23.46 35.30
C ILE A 68 -36.91 24.93 35.61
N GLU A 69 -35.82 25.68 35.77
CA GLU A 69 -35.87 27.09 36.12
C GLU A 69 -36.14 27.99 34.92
N SER A 70 -35.95 27.48 33.70
CA SER A 70 -36.10 28.30 32.50
C SER A 70 -37.56 28.59 32.13
N ASP A 71 -38.53 27.86 32.69
CA ASP A 71 -39.93 28.01 32.29
C ASP A 71 -40.76 28.10 33.58
N PRO A 72 -41.45 29.21 33.80
CA PRO A 72 -42.18 29.37 35.08
C PRO A 72 -43.24 28.31 35.32
N VAL A 73 -43.87 27.76 34.27
CA VAL A 73 -44.86 26.71 34.46
C VAL A 73 -44.19 25.42 34.91
N VAL A 74 -43.12 25.02 34.23
CA VAL A 74 -42.34 23.84 34.62
C VAL A 74 -41.84 24.01 36.05
N HIS A 75 -41.22 25.17 36.33
CA HIS A 75 -40.73 25.46 37.67
C HIS A 75 -41.82 25.27 38.72
N GLN A 76 -43.01 25.83 38.46
CA GLN A 76 -44.11 25.70 39.41
C GLN A 76 -44.47 24.22 39.62
N GLU A 77 -44.48 23.44 38.55
CA GLU A 77 -44.73 22.01 38.67
C GLU A 77 -43.69 21.35 39.58
N PHE A 78 -42.42 21.75 39.47
CA PHE A 78 -41.37 21.20 40.33
C PHE A 78 -41.37 21.80 41.73
N ILE A 79 -42.31 22.67 42.04
CA ILE A 79 -42.58 23.05 43.40
C ILE A 79 -43.80 22.32 43.94
N ASP A 80 -44.93 22.43 43.23
CA ASP A 80 -46.17 21.85 43.72
C ASP A 80 -46.05 20.35 43.95
N MET A 81 -45.25 19.65 43.13
CA MET A 81 -45.14 18.20 43.25
C MET A 81 -44.52 17.76 44.58
N PHE A 82 -43.84 18.67 45.31
CA PHE A 82 -43.23 18.35 46.59
C PHE A 82 -44.10 18.69 47.79
N GLU A 83 -45.32 19.19 47.54
CA GLU A 83 -46.14 19.77 48.61
C GLU A 83 -46.28 18.82 49.79
N GLY A 84 -45.85 19.29 50.96
CA GLY A 84 -45.96 18.53 52.18
C GLY A 84 -45.03 17.34 52.32
N ILE A 85 -44.11 17.14 51.38
CA ILE A 85 -43.15 16.05 51.49
C ILE A 85 -42.13 16.39 52.56
N GLN A 86 -42.09 15.56 53.59
CA GLN A 86 -41.23 15.80 54.72
C GLN A 86 -39.86 15.12 54.58
N ASP A 87 -39.74 14.10 53.72
CA ASP A 87 -38.49 13.38 53.56
C ASP A 87 -37.69 13.87 52.36
N SER A 88 -36.46 13.41 52.31
CA SER A 88 -35.56 13.74 51.22
C SER A 88 -35.89 12.87 49.99
N PRO A 89 -36.07 13.47 48.78
CA PRO A 89 -35.95 14.88 48.43
C PRO A 89 -37.15 15.75 48.84
N ARG A 90 -36.91 16.95 49.36
CA ARG A 90 -38.00 17.85 49.71
C ARG A 90 -38.20 18.97 48.67
N ASN A 91 -37.26 19.17 47.77
CA ASN A 91 -37.45 20.16 46.72
C ASN A 91 -36.68 19.68 45.50
N TYR A 92 -36.77 20.47 44.44
CA TYR A 92 -36.08 20.05 43.23
C TYR A 92 -34.57 20.16 43.38
N GLN A 93 -34.08 21.01 44.29
CA GLN A 93 -32.63 21.08 44.47
C GLN A 93 -32.10 19.82 45.13
N GLU A 94 -32.80 19.30 46.13
CA GLU A 94 -32.36 18.04 46.74
C GLU A 94 -32.50 16.90 45.76
N LEU A 95 -33.56 16.92 44.95
CA LEU A 95 -33.71 15.92 43.89
C LEU A 95 -32.46 15.89 43.02
N CYS A 96 -32.03 17.07 42.55
CA CYS A 96 -30.82 17.13 41.71
C CYS A 96 -29.59 16.61 42.44
N ASN A 97 -29.47 16.90 43.74
CA ASN A 97 -28.30 16.44 44.49
C ASN A 97 -28.32 14.92 44.64
N MET A 98 -29.50 14.34 44.91
CA MET A 98 -29.59 12.89 45.03
C MET A 98 -29.34 12.20 43.69
N PHE A 99 -29.79 12.82 42.57
CA PHE A 99 -29.44 12.30 41.25
C PHE A 99 -27.94 12.22 41.09
N ASN A 100 -27.24 13.27 41.55
CA ASN A 100 -25.78 13.34 41.41
C ASN A 100 -25.09 12.20 42.16
N ASP A 101 -25.64 11.78 43.32
CA ASP A 101 -25.12 10.58 43.98
C ASP A 101 -25.49 9.32 43.20
N ILE A 102 -26.78 9.17 42.84
CA ILE A 102 -27.25 7.92 42.26
C ILE A 102 -26.50 7.59 40.98
N PHE A 103 -26.31 8.60 40.11
CA PHE A 103 -25.72 8.38 38.79
C PHE A 103 -24.22 8.11 38.84
N ARG A 104 -23.59 8.08 40.03
CA ARG A 104 -22.17 7.83 40.14
C ARG A 104 -21.90 6.43 40.68
N LYS A 105 -22.95 5.68 41.00
CA LYS A 105 -22.77 4.35 41.54
C LYS A 105 -23.82 3.42 40.98
N ALA A 106 -23.53 2.13 41.06
CA ALA A 106 -24.41 1.10 40.53
C ALA A 106 -25.50 0.75 41.55
N PRO A 107 -26.64 0.26 41.09
CA PRO A 107 -27.71 -0.12 42.02
C PRO A 107 -27.30 -1.34 42.85
N VAL A 108 -28.00 -1.52 43.96
CA VAL A 108 -27.78 -2.67 44.83
C VAL A 108 -29.10 -3.42 45.01
N TYR A 109 -28.99 -4.63 45.55
CA TYR A 109 -30.16 -5.47 45.77
C TYR A 109 -30.86 -5.09 47.06
N GLY A 110 -32.19 -5.10 47.04
CA GLY A 110 -32.90 -4.79 48.25
C GLY A 110 -34.20 -4.01 48.12
N ASP A 111 -34.24 -2.99 47.25
CA ASP A 111 -35.43 -2.16 47.19
C ASP A 111 -36.47 -2.76 46.25
N LEU A 112 -37.71 -2.25 46.36
CA LEU A 112 -38.79 -2.78 45.52
C LEU A 112 -38.61 -2.37 44.06
N GLY A 113 -37.94 -1.26 43.80
CA GLY A 113 -37.60 -0.88 42.45
C GLY A 113 -36.24 -0.23 42.37
N PRO A 114 -35.85 0.18 41.16
CA PRO A 114 -34.51 0.80 40.98
C PRO A 114 -34.45 2.16 41.65
N PRO A 115 -33.25 2.72 41.82
CA PRO A 115 -33.09 3.83 42.79
C PRO A 115 -33.73 5.14 42.36
N VAL A 116 -33.74 5.47 41.06
CA VAL A 116 -34.42 6.69 40.64
C VAL A 116 -35.93 6.56 40.85
N TYR A 117 -36.51 5.42 40.48
CA TYR A 117 -37.92 5.20 40.79
C TYR A 117 -38.21 5.43 42.27
N MET A 118 -37.39 4.84 43.15
CA MET A 118 -37.67 4.91 44.59
C MET A 118 -37.80 6.36 45.07
N ILE A 119 -36.85 7.25 44.69
CA ILE A 119 -36.99 8.64 45.12
C ILE A 119 -37.99 9.44 44.28
N MET A 120 -38.48 8.91 43.15
CA MET A 120 -39.43 9.64 42.31
C MET A 120 -40.89 9.27 42.56
N ALA A 121 -41.14 8.13 43.22
CA ALA A 121 -42.50 7.58 43.24
C ALA A 121 -43.50 8.54 43.87
N LYS A 122 -43.10 9.23 44.94
CA LYS A 122 -44.01 10.18 45.59
C LYS A 122 -44.34 11.34 44.64
N LEU A 123 -43.34 11.83 43.88
CA LEU A 123 -43.58 12.90 42.90
C LEU A 123 -44.48 12.44 41.77
N MET A 124 -44.19 11.27 41.19
CA MET A 124 -45.03 10.74 40.12
C MET A 124 -46.49 10.64 40.52
N ASN A 125 -46.76 10.51 41.82
CA ASN A 125 -48.10 10.29 42.32
C ASN A 125 -48.86 11.60 42.59
N THR A 126 -48.47 12.70 41.96
CA THR A 126 -49.18 13.97 42.07
C THR A 126 -49.62 14.43 40.69
N ARG A 127 -50.57 15.36 40.68
CA ARG A 127 -50.91 15.97 39.40
C ARG A 127 -49.74 16.76 38.86
N ALA A 128 -49.15 17.58 39.71
CA ALA A 128 -48.04 18.40 39.26
C ALA A 128 -46.93 17.54 38.65
N GLY A 129 -46.62 16.41 39.28
CA GLY A 129 -45.56 15.53 38.76
C GLY A 129 -45.92 14.92 37.42
N PHE A 130 -47.15 14.40 37.29
CA PHE A 130 -47.59 13.87 36.01
C PHE A 130 -47.51 14.92 34.91
N SER A 131 -47.97 16.16 35.17
CA SER A 131 -47.82 17.22 34.17
C SER A 131 -46.37 17.38 33.72
N ALA A 132 -45.46 17.52 34.69
CA ALA A 132 -44.05 17.73 34.35
C ALA A 132 -43.52 16.58 33.52
N PHE A 133 -43.81 15.35 33.96
CA PHE A 133 -43.26 14.13 33.38
C PHE A 133 -43.91 13.76 32.05
N THR A 134 -44.92 14.52 31.60
CA THR A 134 -45.51 14.30 30.29
C THR A 134 -45.18 15.44 29.32
N ARG A 135 -44.08 16.15 29.56
CA ARG A 135 -43.55 17.15 28.63
C ARG A 135 -42.36 16.55 27.89
N GLN A 136 -42.46 16.47 26.56
CA GLN A 136 -41.36 15.94 25.77
C GLN A 136 -40.06 16.68 26.05
N ARG A 137 -40.15 17.99 26.35
CA ARG A 137 -38.94 18.81 26.59
C ARG A 137 -38.19 18.33 27.82
N LEU A 138 -38.92 18.13 28.93
CA LEU A 138 -38.30 17.57 30.13
C LEU A 138 -37.77 16.15 29.90
N ASN A 139 -38.53 15.32 29.20
CA ASN A 139 -38.11 13.94 29.01
C ASN A 139 -36.82 13.85 28.21
N LEU A 140 -36.54 14.84 27.35
CA LEU A 140 -35.23 14.90 26.70
C LEU A 140 -34.11 14.95 27.73
N HIS A 141 -34.33 15.65 28.85
CA HIS A 141 -33.30 15.73 29.87
C HIS A 141 -33.16 14.41 30.64
N PHE A 142 -34.28 13.81 31.03
CA PHE A 142 -34.20 12.48 31.65
C PHE A 142 -33.43 11.51 30.76
N LYS A 143 -33.67 11.57 29.45
CA LYS A 143 -32.92 10.71 28.54
C LYS A 143 -31.43 10.92 28.71
N LYS A 144 -30.98 12.17 28.63
CA LYS A 144 -29.55 12.46 28.78
C LYS A 144 -29.03 12.10 30.17
N LEU A 145 -29.82 12.27 31.23
CA LEU A 145 -29.39 11.85 32.56
C LEU A 145 -29.13 10.34 32.59
N PHE A 146 -30.11 9.55 32.14
CA PHE A 146 -29.98 8.10 32.23
C PHE A 146 -28.94 7.56 31.26
N ASP A 147 -28.81 8.16 30.07
CA ASP A 147 -27.74 7.73 29.18
C ASP A 147 -26.38 7.97 29.84
N THR A 148 -26.22 9.13 30.50
CA THR A 148 -24.98 9.42 31.20
C THR A 148 -24.73 8.37 32.27
N TRP A 149 -25.75 8.06 33.08
CA TRP A 149 -25.64 7.02 34.10
C TRP A 149 -25.23 5.69 33.49
N GLY A 150 -25.84 5.34 32.35
CA GLY A 150 -25.58 4.05 31.74
C GLY A 150 -24.15 3.88 31.29
N LEU A 151 -23.49 4.99 30.94
CA LEU A 151 -22.05 4.97 30.67
C LEU A 151 -21.28 4.39 31.83
N PHE A 152 -21.49 4.96 33.03
CA PHE A 152 -20.86 4.43 34.21
C PHE A 152 -21.21 2.96 34.43
N LEU A 153 -22.45 2.56 34.14
CA LEU A 153 -22.86 1.19 34.41
C LEU A 153 -22.30 0.20 33.39
N SER A 154 -21.62 0.68 32.36
CA SER A 154 -20.91 -0.13 31.39
C SER A 154 -19.42 -0.21 31.68
N SER A 155 -18.94 0.50 32.70
CA SER A 155 -17.54 0.69 33.00
C SER A 155 -17.08 -0.29 34.08
N LYS A 156 -15.77 -0.60 34.06
CA LYS A 156 -15.24 -1.56 35.01
C LYS A 156 -15.55 -1.14 36.45
N ASP A 157 -15.67 0.17 36.70
CA ASP A 157 -15.88 0.68 38.05
C ASP A 157 -17.25 0.31 38.62
N SER A 158 -18.23 0.03 37.76
CA SER A 158 -19.54 -0.37 38.26
C SER A 158 -19.56 -1.81 38.77
N ARG A 159 -18.45 -2.56 38.68
CA ARG A 159 -18.43 -3.92 39.20
C ARG A 159 -18.48 -3.97 40.73
N ASN A 160 -18.23 -2.85 41.42
CA ASN A 160 -18.09 -2.90 42.87
C ASN A 160 -19.35 -3.36 43.60
N VAL A 161 -20.51 -3.36 42.95
CA VAL A 161 -21.70 -3.95 43.57
C VAL A 161 -21.81 -5.44 43.31
N LEU A 162 -20.95 -5.99 42.45
CA LEU A 162 -20.97 -7.41 42.12
C LEU A 162 -20.13 -8.17 43.15
N VAL A 163 -20.66 -8.21 44.37
CA VAL A 163 -19.98 -8.72 45.56
C VAL A 163 -21.03 -9.35 46.46
N ALA A 164 -20.58 -10.07 47.48
CA ALA A 164 -21.52 -10.63 48.45
C ALA A 164 -21.75 -9.75 49.65
N ASP A 165 -20.88 -8.74 49.86
CA ASP A 165 -20.96 -7.83 50.99
C ASP A 165 -22.40 -7.38 51.27
N GLN A 166 -22.77 -7.44 52.54
CA GLN A 166 -23.98 -6.78 53.00
C GLN A 166 -23.63 -5.32 53.24
N PHE A 167 -24.45 -4.40 52.72
CA PHE A 167 -24.14 -2.97 52.72
C PHE A 167 -24.79 -2.21 53.87
N ASP A 168 -25.94 -2.67 54.34
CA ASP A 168 -26.65 -2.10 55.48
C ASP A 168 -27.73 -3.10 55.88
N ASP A 169 -28.70 -2.70 56.69
CA ASP A 169 -29.67 -3.65 57.18
C ASP A 169 -30.55 -4.19 56.05
N ARG A 170 -30.80 -3.38 55.01
CA ARG A 170 -31.76 -3.74 53.98
C ARG A 170 -31.15 -4.03 52.60
N HIS A 171 -29.87 -3.69 52.36
CA HIS A 171 -29.25 -3.78 51.03
C HIS A 171 -28.01 -4.67 51.06
N CYS A 172 -27.77 -5.36 49.94
CA CYS A 172 -26.59 -6.20 49.79
C CYS A 172 -26.14 -6.20 48.34
N GLY A 173 -24.96 -6.77 48.12
CA GLY A 173 -24.42 -6.93 46.79
C GLY A 173 -25.13 -8.03 46.01
N TRP A 174 -24.88 -8.04 44.69
CA TRP A 174 -25.61 -8.93 43.78
C TRP A 174 -25.10 -10.36 43.83
N LEU A 175 -23.93 -10.61 44.40
CA LEU A 175 -23.40 -11.96 44.57
C LEU A 175 -23.64 -12.51 45.98
N ASN A 176 -24.25 -11.72 46.86
CA ASN A 176 -24.76 -12.21 48.14
C ASN A 176 -25.79 -13.31 47.91
N GLU A 177 -25.83 -14.29 48.81
CA GLU A 177 -26.69 -15.45 48.54
C GLU A 177 -28.17 -15.08 48.60
N ARG A 178 -28.53 -14.06 49.37
CA ARG A 178 -29.92 -13.59 49.36
C ARG A 178 -30.34 -13.20 47.95
N ALA A 179 -29.47 -12.47 47.23
CA ALA A 179 -29.78 -12.01 45.89
C ALA A 179 -29.63 -13.13 44.87
N LEU A 180 -28.54 -13.89 44.98
CA LEU A 180 -28.34 -15.08 44.16
C LEU A 180 -29.54 -16.02 44.23
N SER A 181 -30.11 -16.20 45.43
CA SER A 181 -31.28 -17.05 45.57
C SER A 181 -32.48 -16.46 44.84
N ALA A 182 -32.74 -15.16 45.04
CA ALA A 182 -33.89 -14.52 44.41
C ALA A 182 -33.86 -14.66 42.89
N MET A 183 -32.67 -14.50 42.30
CA MET A 183 -32.51 -14.51 40.85
C MET A 183 -32.68 -15.88 40.20
N VAL A 184 -32.69 -16.98 40.95
CA VAL A 184 -32.93 -18.30 40.37
C VAL A 184 -34.19 -18.93 40.90
N LYS A 185 -35.05 -18.15 41.55
CA LYS A 185 -36.32 -18.63 42.07
C LYS A 185 -37.08 -19.52 41.07
N HIS A 186 -37.11 -19.12 39.81
CA HIS A 186 -37.91 -19.83 38.80
C HIS A 186 -37.08 -20.77 37.93
N TYR A 187 -35.90 -21.17 38.40
CA TYR A 187 -35.07 -22.06 37.60
C TYR A 187 -34.99 -23.45 38.21
N ASN A 188 -35.93 -23.77 39.10
CA ASN A 188 -36.22 -25.15 39.43
C ASN A 188 -35.01 -25.82 40.11
N GLY A 189 -34.49 -25.16 41.15
CA GLY A 189 -33.40 -25.71 41.92
C GLY A 189 -32.00 -25.50 41.37
N ARG A 190 -31.85 -25.20 40.07
CA ARG A 190 -30.53 -24.86 39.55
C ARG A 190 -30.01 -23.55 40.15
N ALA A 191 -28.69 -23.46 40.25
CA ALA A 191 -28.02 -22.35 40.90
C ALA A 191 -27.61 -21.29 39.89
N PHE A 192 -27.30 -20.09 40.41
CA PHE A 192 -27.03 -18.94 39.55
C PHE A 192 -25.97 -19.24 38.49
N ASP A 193 -24.84 -19.82 38.90
CA ASP A 193 -23.73 -20.07 37.99
C ASP A 193 -23.97 -21.26 37.06
N GLU A 194 -24.95 -22.11 37.35
CA GLU A 194 -25.42 -23.08 36.38
C GLU A 194 -26.30 -22.42 35.31
N VAL A 195 -27.25 -21.60 35.75
CA VAL A 195 -28.24 -20.98 34.86
C VAL A 195 -27.59 -19.94 33.95
N PHE A 196 -26.83 -19.01 34.51
CA PHE A 196 -26.28 -17.92 33.75
C PHE A 196 -24.79 -18.14 33.49
N LEU A 197 -24.31 -17.62 32.37
CA LEU A 197 -22.92 -17.75 31.95
C LEU A 197 -22.05 -16.80 32.77
N CYS A 198 -21.26 -17.35 33.67
CA CYS A 198 -20.37 -16.53 34.47
C CYS A 198 -19.22 -17.43 34.92
N ASP A 199 -18.44 -16.91 35.87
CA ASP A 199 -17.34 -17.65 36.50
C ASP A 199 -17.48 -17.48 38.01
N LYS A 200 -17.98 -18.51 38.70
CA LYS A 200 -18.24 -18.37 40.14
C LYS A 200 -16.95 -18.22 40.95
N ASN A 201 -15.80 -18.50 40.37
CA ASN A 201 -14.51 -18.39 41.04
C ASN A 201 -13.79 -17.09 40.72
N ALA A 202 -14.27 -16.35 39.85
CA ALA A 202 -13.63 -15.10 39.50
C ALA A 202 -14.17 -13.97 40.36
N PRO A 203 -13.39 -12.90 40.54
CA PRO A 203 -13.96 -11.70 41.17
C PRO A 203 -15.05 -11.13 40.28
N TYR A 204 -16.13 -10.68 40.93
CA TYR A 204 -17.32 -10.15 40.26
C TYR A 204 -18.00 -11.20 39.39
N TYR A 205 -17.83 -12.47 39.72
CA TYR A 205 -18.34 -13.58 38.93
C TYR A 205 -17.95 -13.47 37.44
N GLY A 206 -16.88 -12.73 37.14
CA GLY A 206 -16.40 -12.62 35.78
C GLY A 206 -17.04 -11.53 34.95
N PHE A 207 -18.10 -10.87 35.45
CA PHE A 207 -18.71 -9.79 34.71
C PHE A 207 -17.80 -8.56 34.72
N ASN A 208 -17.74 -7.85 33.59
CA ASN A 208 -16.85 -6.70 33.47
C ASN A 208 -17.51 -5.37 33.78
N SER A 209 -18.78 -5.35 34.17
CA SER A 209 -19.51 -4.14 34.53
C SER A 209 -20.85 -4.56 35.07
N TYR A 210 -21.58 -3.59 35.61
CA TYR A 210 -22.92 -3.88 36.10
C TYR A 210 -23.84 -4.26 34.95
N ASP A 211 -23.79 -3.49 33.86
CA ASP A 211 -24.62 -3.78 32.69
C ASP A 211 -24.36 -5.18 32.16
N ASP A 212 -23.09 -5.60 32.19
CA ASP A 212 -22.76 -6.97 31.79
C ASP A 212 -23.51 -7.99 32.67
N PHE A 213 -23.55 -7.74 33.97
CA PHE A 213 -24.29 -8.63 34.87
C PHE A 213 -25.79 -8.55 34.62
N PHE A 214 -26.29 -7.32 34.46
CA PHE A 214 -27.72 -7.08 34.23
C PHE A 214 -28.20 -7.82 32.98
N ASN A 215 -27.36 -7.88 31.94
CA ASN A 215 -27.70 -8.56 30.69
C ASN A 215 -26.96 -9.89 30.53
N ARG A 216 -26.77 -10.60 31.64
CA ARG A 216 -26.13 -11.90 31.62
C ARG A 216 -26.86 -12.87 30.70
N ARG A 217 -26.12 -13.67 29.94
CA ARG A 217 -26.79 -14.62 29.04
C ARG A 217 -26.93 -15.99 29.72
N PHE A 218 -27.82 -16.82 29.17
CA PHE A 218 -28.04 -18.15 29.73
C PHE A 218 -26.85 -19.06 29.38
N ARG A 219 -26.40 -19.86 30.35
CA ARG A 219 -25.31 -20.80 30.08
C ARG A 219 -25.77 -21.92 29.16
N ASN A 220 -27.02 -22.33 29.27
CA ASN A 220 -27.51 -23.48 28.53
C ASN A 220 -29.03 -23.41 28.47
N ARG A 221 -29.56 -22.66 27.50
CA ARG A 221 -31.01 -22.45 27.47
C ARG A 221 -31.76 -23.76 27.26
N ASP A 222 -31.16 -24.73 26.56
CA ASP A 222 -31.86 -26.00 26.33
C ASP A 222 -32.13 -26.78 27.63
N ILE A 223 -31.40 -26.52 28.70
CA ILE A 223 -31.77 -27.08 29.99
C ILE A 223 -32.82 -26.21 30.68
N ASP A 224 -32.50 -24.93 30.89
CA ASP A 224 -33.26 -24.06 31.79
C ASP A 224 -34.43 -23.32 31.14
N ARG A 225 -34.33 -22.95 29.86
CA ARG A 225 -35.38 -22.18 29.17
C ARG A 225 -35.50 -22.68 27.75
N PRO A 226 -35.95 -23.92 27.56
CA PRO A 226 -35.97 -24.51 26.23
C PRO A 226 -36.98 -23.84 25.32
N VAL A 227 -36.66 -23.81 24.02
CA VAL A 227 -37.61 -23.42 22.99
C VAL A 227 -38.66 -24.52 22.88
N VAL A 228 -39.73 -24.40 23.67
CA VAL A 228 -40.69 -25.48 23.85
C VAL A 228 -41.27 -25.92 22.52
N GLY A 229 -41.27 -27.23 22.28
CA GLY A 229 -41.73 -27.80 21.02
C GLY A 229 -40.70 -27.79 19.91
N GLY A 230 -39.57 -27.11 20.10
CA GLY A 230 -38.48 -27.07 19.15
C GLY A 230 -38.67 -26.02 18.07
N VAL A 231 -37.54 -25.45 17.63
CA VAL A 231 -37.51 -24.40 16.63
C VAL A 231 -38.22 -24.80 15.34
N ASN A 232 -38.37 -26.10 15.10
CA ASN A 232 -38.99 -26.59 13.87
C ASN A 232 -40.51 -26.54 13.86
N ASN A 233 -41.15 -26.44 15.04
CA ASN A 233 -42.60 -26.34 15.09
C ASN A 233 -42.95 -24.86 14.99
N THR A 234 -43.45 -24.45 13.83
CA THR A 234 -43.72 -23.04 13.60
C THR A 234 -45.14 -22.64 13.96
N THR A 235 -45.90 -23.56 14.56
CA THR A 235 -47.24 -23.24 15.05
C THR A 235 -47.23 -22.65 16.45
N LEU A 236 -46.05 -22.45 17.05
CA LEU A 236 -45.92 -22.01 18.43
C LEU A 236 -45.26 -20.65 18.48
N ILE A 237 -45.73 -19.80 19.39
CA ILE A 237 -45.15 -18.48 19.62
C ILE A 237 -44.60 -18.46 21.04
N SER A 238 -43.31 -18.12 21.15
CA SER A 238 -42.59 -18.12 22.42
C SER A 238 -42.67 -16.77 23.13
N ALA A 239 -42.58 -16.82 24.45
CA ALA A 239 -42.42 -15.61 25.25
C ALA A 239 -41.08 -14.94 24.94
N ALA A 240 -41.13 -13.63 24.67
CA ALA A 240 -39.91 -12.91 24.29
C ALA A 240 -39.06 -12.48 25.49
N CYS A 241 -39.65 -12.39 26.68
CA CYS A 241 -38.96 -11.91 27.86
C CYS A 241 -39.34 -12.78 29.05
N GLU A 242 -38.34 -13.10 29.87
CA GLU A 242 -38.55 -13.64 31.20
C GLU A 242 -39.35 -12.64 32.04
N SER A 243 -40.59 -12.95 32.38
CA SER A 243 -41.47 -11.93 32.93
C SER A 243 -42.60 -12.58 33.73
N LEU A 244 -43.45 -11.73 34.29
CA LEU A 244 -44.73 -12.09 34.87
C LEU A 244 -45.85 -11.58 33.97
N SER A 245 -46.88 -12.40 33.77
CA SER A 245 -48.12 -11.98 33.13
C SER A 245 -48.60 -10.66 33.71
N TYR A 246 -48.94 -9.69 32.85
CA TYR A 246 -49.49 -8.43 33.36
C TYR A 246 -50.90 -8.13 32.87
N ASN A 247 -51.16 -8.27 31.57
CA ASN A 247 -52.48 -8.02 31.02
C ASN A 247 -52.58 -8.75 29.69
N VAL A 248 -53.78 -9.25 29.39
CA VAL A 248 -54.15 -9.66 28.03
C VAL A 248 -55.38 -8.89 27.62
N SER A 249 -55.39 -8.37 26.41
CA SER A 249 -56.55 -7.66 25.90
C SER A 249 -56.91 -8.21 24.53
N TYR A 250 -58.20 -8.38 24.30
CA TYR A 250 -58.73 -8.83 23.02
C TYR A 250 -59.46 -7.68 22.34
N ASP A 251 -59.57 -7.79 21.02
CA ASP A 251 -60.27 -6.81 20.19
C ASP A 251 -59.77 -5.40 20.48
N VAL A 252 -58.46 -5.21 20.34
CA VAL A 252 -57.85 -3.92 20.67
C VAL A 252 -58.15 -2.90 19.58
N GLN A 253 -58.07 -1.63 19.98
CA GLN A 253 -58.54 -0.53 19.15
C GLN A 253 -57.63 0.69 19.35
N SER A 254 -57.95 1.77 18.62
CA SER A 254 -57.27 3.04 18.81
C SER A 254 -58.19 4.05 19.50
N LEU A 255 -57.58 4.91 20.29
CA LEU A 255 -58.27 5.97 21.01
C LEU A 255 -57.79 7.33 20.53
N ASP A 256 -58.66 8.34 20.62
CA ASP A 256 -58.22 9.68 20.24
C ASP A 256 -57.44 10.36 21.36
N THR A 257 -57.77 10.09 22.64
CA THR A 257 -56.98 10.54 23.78
C THR A 257 -56.86 9.42 24.80
N LEU A 258 -55.85 9.54 25.66
CA LEU A 258 -55.63 8.58 26.75
C LEU A 258 -56.09 9.20 28.07
N VAL A 259 -57.40 9.37 28.17
CA VAL A 259 -58.05 10.04 29.29
C VAL A 259 -59.26 9.22 29.69
N PHE A 260 -59.39 8.95 31.00
CA PHE A 260 -60.60 8.34 31.57
C PHE A 260 -60.81 6.94 31.05
N LYS A 261 -59.93 6.43 30.31
CA LYS A 261 -59.95 5.00 30.11
C LYS A 261 -58.45 4.71 30.12
N GLY A 262 -57.97 4.81 31.37
CA GLY A 262 -56.70 4.30 31.85
C GLY A 262 -56.61 2.79 31.77
N GLU A 263 -55.44 2.30 31.43
CA GLU A 263 -55.22 0.85 31.38
C GLU A 263 -56.00 0.23 30.23
N THR A 264 -56.15 1.01 29.16
CA THR A 264 -56.58 0.53 27.85
C THR A 264 -55.49 0.81 26.84
N TYR A 265 -55.21 -0.15 25.96
CA TYR A 265 -54.32 0.14 24.85
C TYR A 265 -55.01 1.04 23.83
N SER A 266 -54.20 1.86 23.17
CA SER A 266 -54.59 2.59 21.95
C SER A 266 -53.54 2.25 20.90
N LEU A 267 -53.91 1.40 19.93
CA LEU A 267 -52.97 0.92 18.92
C LEU A 267 -52.23 2.08 18.26
N LYS A 268 -52.98 3.10 17.82
CA LYS A 268 -52.41 4.30 17.20
C LYS A 268 -51.28 4.89 18.05
N HIS A 269 -51.45 4.90 19.38
CA HIS A 269 -50.41 5.42 20.29
C HIS A 269 -49.32 4.39 20.51
N LEU A 270 -49.67 3.21 21.03
CA LEU A 270 -48.71 2.13 21.25
C LEU A 270 -47.74 1.99 20.07
N LEU A 271 -48.28 1.86 18.85
CA LEU A 271 -47.46 1.66 17.66
C LEU A 271 -47.06 2.97 16.99
N ASN A 272 -47.31 4.12 17.63
CA ASN A 272 -46.79 5.41 17.16
C ASN A 272 -47.22 5.69 15.71
N ASN A 273 -48.50 5.44 15.41
CA ASN A 273 -49.10 5.73 14.10
C ASN A 273 -48.41 5.02 12.95
N ASP A 274 -47.88 3.82 13.18
CA ASP A 274 -47.20 3.11 12.09
C ASP A 274 -48.19 2.77 10.98
N PRO A 275 -47.76 2.81 9.71
CA PRO A 275 -48.63 2.30 8.62
C PRO A 275 -49.18 0.90 8.87
N PHE A 276 -48.48 0.01 9.59
CA PHE A 276 -49.05 -1.31 9.90
C PHE A 276 -50.19 -1.27 10.91
N THR A 277 -50.39 -0.15 11.61
CA THR A 277 -51.38 -0.11 12.69
C THR A 277 -52.74 -0.67 12.30
N PRO A 278 -53.32 -0.36 11.13
CA PRO A 278 -54.67 -0.90 10.84
C PRO A 278 -54.74 -2.41 10.84
N GLN A 279 -53.65 -3.11 10.47
CA GLN A 279 -53.66 -4.57 10.43
C GLN A 279 -53.91 -5.21 11.80
N PHE A 280 -53.63 -4.48 12.88
CA PHE A 280 -53.75 -4.99 14.23
C PHE A 280 -55.02 -4.53 14.92
N GLU A 281 -55.82 -3.70 14.23
CA GLU A 281 -57.14 -3.35 14.72
C GLU A 281 -57.95 -4.62 14.95
N HIS A 282 -58.60 -4.71 16.13
CA HIS A 282 -59.38 -5.86 16.58
C HIS A 282 -58.52 -7.06 16.97
N GLY A 283 -57.18 -6.96 16.93
CA GLY A 283 -56.31 -8.06 17.31
C GLY A 283 -56.17 -8.19 18.81
N SER A 284 -55.13 -8.87 19.28
CA SER A 284 -54.98 -9.12 20.70
C SER A 284 -53.55 -8.83 21.12
N ILE A 285 -53.39 -8.53 22.41
CA ILE A 285 -52.11 -8.13 22.98
C ILE A 285 -51.91 -8.86 24.30
N LEU A 286 -50.73 -9.46 24.47
CA LEU A 286 -50.26 -10.00 25.73
C LEU A 286 -49.09 -9.13 26.20
N GLN A 287 -49.12 -8.70 27.47
CA GLN A 287 -48.10 -7.82 28.02
C GLN A 287 -47.52 -8.43 29.30
N GLY A 288 -46.19 -8.48 29.39
CA GLY A 288 -45.50 -8.96 30.57
C GLY A 288 -44.69 -7.90 31.29
N PHE A 289 -44.41 -8.14 32.57
CA PHE A 289 -43.60 -7.27 33.41
C PHE A 289 -42.36 -8.03 33.84
N LEU A 290 -41.19 -7.42 33.66
CA LEU A 290 -39.92 -7.99 34.09
C LEU A 290 -39.54 -7.42 35.46
N ASN A 291 -39.38 -8.28 36.47
CA ASN A 291 -38.87 -7.85 37.79
C ASN A 291 -37.47 -7.27 37.66
N VAL A 292 -37.04 -6.58 38.70
CA VAL A 292 -35.73 -5.94 38.62
C VAL A 292 -34.62 -6.99 38.59
N THR A 293 -34.86 -8.18 39.16
CA THR A 293 -33.86 -9.24 39.17
C THR A 293 -33.98 -10.21 38.00
N ALA A 294 -34.84 -9.96 37.02
CA ALA A 294 -35.06 -10.93 35.96
C ALA A 294 -34.01 -10.81 34.85
N TYR A 295 -33.89 -11.91 34.10
CA TYR A 295 -33.15 -11.87 32.86
C TYR A 295 -33.74 -10.78 31.97
N HIS A 296 -32.90 -9.91 31.43
CA HIS A 296 -33.41 -8.73 30.72
C HIS A 296 -33.08 -8.72 29.22
N ARG A 297 -32.79 -9.87 28.62
CA ARG A 297 -32.62 -9.90 27.18
C ARG A 297 -33.92 -10.27 26.49
N TRP A 298 -33.97 -10.03 25.18
CA TRP A 298 -35.12 -10.35 24.35
C TRP A 298 -34.79 -11.53 23.45
N HIS A 299 -35.75 -12.45 23.32
CA HIS A 299 -35.65 -13.59 22.43
C HIS A 299 -36.72 -13.49 21.35
N ALA A 300 -36.42 -14.07 20.19
CA ALA A 300 -37.36 -14.02 19.06
C ALA A 300 -38.55 -14.93 19.36
N PRO A 301 -39.78 -14.44 19.22
CA PRO A 301 -40.96 -15.26 19.57
C PRO A 301 -41.38 -16.24 18.48
N VAL A 302 -40.85 -16.11 17.26
CA VAL A 302 -41.19 -16.96 16.13
C VAL A 302 -39.97 -17.08 15.23
N ASN A 303 -39.98 -18.08 14.34
CA ASN A 303 -39.09 -18.05 13.19
C ASN A 303 -39.64 -17.02 12.21
N GLY A 304 -38.81 -16.07 11.80
CA GLY A 304 -39.33 -15.07 10.89
C GLY A 304 -38.29 -14.02 10.54
N THR A 305 -38.78 -12.99 9.86
CA THR A 305 -37.95 -11.90 9.35
C THR A 305 -38.29 -10.60 10.08
N ILE A 306 -37.25 -9.86 10.45
CA ILE A 306 -37.46 -8.55 11.06
C ILE A 306 -37.92 -7.61 9.97
N VAL A 307 -39.14 -7.10 10.09
CA VAL A 307 -39.67 -6.23 9.08
C VAL A 307 -39.26 -4.78 9.31
N LYS A 308 -39.32 -4.32 10.57
CA LYS A 308 -39.22 -2.89 10.88
C LYS A 308 -38.95 -2.71 12.36
N ILE A 309 -37.97 -1.88 12.69
CA ILE A 309 -37.61 -1.53 14.06
C ILE A 309 -37.74 -0.02 14.19
N ILE A 310 -38.55 0.45 15.15
CA ILE A 310 -38.77 1.88 15.35
C ILE A 310 -38.49 2.23 16.80
N ASN A 311 -37.69 3.26 17.01
CA ASN A 311 -37.41 3.72 18.37
C ASN A 311 -38.18 5.00 18.64
N VAL A 312 -39.00 4.97 19.68
CA VAL A 312 -39.96 6.03 19.95
C VAL A 312 -39.58 6.72 21.25
N PRO A 313 -39.28 8.01 21.22
CA PRO A 313 -39.10 8.75 22.48
C PRO A 313 -40.41 8.86 23.24
N GLY A 314 -40.31 8.92 24.56
CA GLY A 314 -41.52 8.97 25.36
C GLY A 314 -41.28 9.33 26.80
N THR A 315 -42.23 8.92 27.64
CA THR A 315 -42.16 9.18 29.07
C THR A 315 -41.24 8.15 29.76
N TYR A 316 -40.90 8.48 31.01
CA TYR A 316 -40.17 7.69 32.00
C TYR A 316 -40.92 7.60 33.32
N PHE A 317 -41.63 8.66 33.72
CA PHE A 317 -42.19 8.73 35.06
C PHE A 317 -43.68 9.00 35.06
N ALA A 318 -44.38 8.63 33.98
CA ALA A 318 -45.82 8.86 33.86
C ALA A 318 -46.58 7.63 34.33
N GLN A 319 -47.33 7.76 35.43
CA GLN A 319 -48.28 6.72 35.79
C GLN A 319 -49.64 7.06 35.20
N ALA A 320 -50.58 6.14 35.33
CA ALA A 320 -51.94 6.39 34.80
C ALA A 320 -52.63 7.47 35.62
N PRO A 321 -53.20 8.49 34.98
CA PRO A 321 -53.83 9.59 35.74
C PRO A 321 -54.91 9.11 36.71
N SER A 322 -55.66 8.06 36.38
CA SER A 322 -56.65 7.48 37.29
C SER A 322 -56.06 7.00 38.61
N THR A 323 -54.75 6.73 38.68
CA THR A 323 -54.13 6.27 39.91
C THR A 323 -53.47 7.38 40.70
N ILE A 324 -53.47 8.61 40.19
CA ILE A 324 -52.80 9.69 40.91
C ILE A 324 -53.46 9.88 42.26
N GLY A 325 -52.67 9.77 43.33
CA GLY A 325 -53.18 9.89 44.67
C GLY A 325 -53.39 8.59 45.42
N ASP A 326 -53.48 7.45 44.72
CA ASP A 326 -53.58 6.16 45.37
C ASP A 326 -52.44 5.94 46.36
N PRO A 327 -52.64 5.11 47.38
CA PRO A 327 -51.57 4.88 48.36
C PRO A 327 -50.36 4.19 47.75
N ILE A 328 -49.17 4.61 48.18
CA ILE A 328 -47.94 3.92 47.83
C ILE A 328 -47.56 2.97 48.97
N PRO A 329 -47.84 1.67 48.84
CA PRO A 329 -47.62 0.74 49.95
C PRO A 329 -46.18 0.73 50.43
N ASP A 330 -46.02 0.58 51.74
CA ASP A 330 -44.72 0.48 52.39
C ASP A 330 -44.24 -0.96 52.57
N ASN A 331 -44.76 -1.89 51.74
CA ASN A 331 -44.42 -3.30 51.75
C ASN A 331 -44.00 -3.68 50.34
N ASP A 332 -44.31 -5.03 49.96
CA ASP A 332 -44.02 -5.58 48.61
C ASP A 332 -45.12 -6.48 48.06
N TYR A 333 -46.11 -6.93 48.86
CA TYR A 333 -47.23 -7.61 48.16
C TYR A 333 -48.22 -6.62 47.52
N ASP A 334 -48.07 -5.39 47.85
CA ASP A 334 -49.09 -4.53 47.24
C ASP A 334 -48.49 -3.63 46.16
N PRO A 335 -49.04 -3.64 44.95
CA PRO A 335 -48.48 -2.85 43.86
C PRO A 335 -48.72 -1.37 44.08
N PRO A 336 -47.69 -0.54 43.90
CA PRO A 336 -47.87 0.92 43.94
C PRO A 336 -48.52 1.42 42.65
N PRO A 337 -48.97 2.67 42.62
CA PRO A 337 -49.73 3.14 41.43
C PRO A 337 -49.01 2.95 40.10
N TYR A 338 -47.71 3.25 40.04
CA TYR A 338 -46.96 3.06 38.81
C TYR A 338 -47.05 1.62 38.30
N LEU A 339 -46.86 0.64 39.20
CA LEU A 339 -46.93 -0.77 38.75
C LEU A 339 -48.36 -1.23 38.47
N LYS A 340 -49.37 -0.41 38.74
CA LYS A 340 -50.71 -0.64 38.22
C LYS A 340 -51.00 0.13 36.92
N SER A 341 -49.96 0.68 36.26
CA SER A 341 -50.13 1.57 35.10
C SER A 341 -49.53 1.04 33.81
N LEU A 342 -49.03 -0.21 33.78
CA LEU A 342 -48.23 -0.67 32.66
C LEU A 342 -49.00 -0.65 31.34
N VAL A 343 -50.29 -0.98 31.36
CA VAL A 343 -51.03 -0.91 30.11
C VAL A 343 -51.13 0.54 29.63
N TYR A 344 -51.49 1.45 30.54
CA TYR A 344 -51.60 2.85 30.19
C TYR A 344 -50.32 3.38 29.54
N PHE A 345 -49.17 3.24 30.22
CA PHE A 345 -47.98 3.94 29.74
C PHE A 345 -47.23 3.18 28.65
N SER A 346 -47.64 1.96 28.32
CA SER A 346 -47.17 1.36 27.08
C SER A 346 -47.51 2.25 25.89
N ASN A 347 -48.56 3.07 26.02
CA ASN A 347 -48.97 3.97 24.95
C ASN A 347 -47.99 5.13 24.76
N ILE A 348 -47.26 5.53 25.81
CA ILE A 348 -46.53 6.80 25.77
C ILE A 348 -45.07 6.70 26.23
N ALA A 349 -44.68 5.58 26.83
CA ALA A 349 -43.33 5.47 27.37
C ALA A 349 -42.30 5.32 26.26
N ALA A 350 -41.08 5.79 26.54
CA ALA A 350 -39.95 5.44 25.67
C ALA A 350 -39.93 3.94 25.42
N ARG A 351 -39.89 3.56 24.14
CA ARG A 351 -40.15 2.19 23.77
C ARG A 351 -39.58 1.93 22.38
N GLN A 352 -39.42 0.64 22.07
CA GLN A 352 -39.04 0.20 20.73
C GLN A 352 -40.10 -0.74 20.20
N ILE A 353 -40.56 -0.47 18.98
CA ILE A 353 -41.55 -1.28 18.29
C ILE A 353 -40.81 -2.14 17.29
N MET A 354 -41.12 -3.44 17.27
CA MET A 354 -40.48 -4.34 16.33
C MET A 354 -41.55 -5.17 15.63
N PHE A 355 -41.62 -5.05 14.30
CA PHE A 355 -42.55 -5.83 13.49
C PHE A 355 -41.82 -7.04 12.92
N ILE A 356 -42.41 -8.22 13.08
CA ILE A 356 -41.80 -9.44 12.58
C ILE A 356 -42.78 -10.16 11.68
N GLU A 357 -42.28 -10.65 10.54
CA GLU A 357 -43.08 -11.49 9.65
C GLU A 357 -42.74 -12.96 9.92
N ALA A 358 -43.66 -13.66 10.61
CA ALA A 358 -43.48 -15.07 10.93
C ALA A 358 -43.40 -15.90 9.66
N ASP A 359 -42.47 -16.86 9.65
CA ASP A 359 -42.38 -17.79 8.53
C ASP A 359 -43.70 -18.52 8.32
N ASN A 360 -44.41 -18.84 9.38
CA ASN A 360 -45.70 -19.49 9.27
C ASN A 360 -46.75 -18.46 8.84
N LYS A 361 -47.25 -18.58 7.60
CA LYS A 361 -48.19 -17.59 7.06
C LYS A 361 -49.46 -17.47 7.88
N GLU A 362 -49.82 -18.50 8.64
CA GLU A 362 -51.01 -18.46 9.49
C GLU A 362 -50.80 -17.61 10.73
N ILE A 363 -49.56 -17.25 11.04
CA ILE A 363 -49.24 -16.32 12.11
C ILE A 363 -48.95 -14.93 11.53
N GLY A 364 -48.15 -14.89 10.47
CA GLY A 364 -48.01 -13.72 9.68
C GLY A 364 -47.29 -12.59 10.40
N LEU A 365 -47.78 -11.38 10.15
CA LEU A 365 -47.18 -10.20 10.75
C LEU A 365 -47.57 -10.14 12.23
N ILE A 366 -46.57 -9.99 13.09
CA ILE A 366 -46.79 -9.78 14.51
C ILE A 366 -46.03 -8.53 14.89
N PHE A 367 -46.30 -8.02 16.09
CA PHE A 367 -45.45 -6.96 16.61
C PHE A 367 -45.03 -7.27 18.04
N LEU A 368 -43.89 -6.71 18.39
CA LEU A 368 -43.39 -6.65 19.75
C LEU A 368 -43.19 -5.19 20.09
N VAL A 369 -43.56 -4.78 21.30
CA VAL A 369 -43.17 -3.47 21.83
C VAL A 369 -42.39 -3.70 23.12
N PHE A 370 -41.15 -3.21 23.17
CA PHE A 370 -40.36 -3.25 24.39
C PHE A 370 -40.49 -1.91 25.11
N ILE A 371 -41.01 -1.95 26.34
CA ILE A 371 -41.53 -0.77 27.02
C ILE A 371 -40.61 -0.41 28.19
N GLY A 372 -40.04 0.80 28.14
CA GLY A 372 -39.21 1.25 29.24
C GLY A 372 -40.01 1.56 30.49
N MET A 373 -39.29 1.55 31.62
CA MET A 373 -39.86 1.93 32.91
C MET A 373 -38.79 2.68 33.68
N THR A 374 -39.10 3.93 34.05
CA THR A 374 -38.17 4.85 34.71
C THR A 374 -36.76 4.71 34.14
N GLU A 375 -35.76 4.46 34.97
CA GLU A 375 -34.38 4.47 34.46
C GLU A 375 -34.00 3.23 33.64
N ILE A 376 -34.82 2.18 33.62
CA ILE A 376 -34.54 1.05 32.74
C ILE A 376 -35.36 1.21 31.46
N SER A 377 -34.90 2.07 30.55
CA SER A 377 -35.71 2.48 29.41
C SER A 377 -34.96 2.45 28.09
N THR A 378 -33.70 2.02 28.08
CA THR A 378 -32.98 1.85 26.83
C THR A 378 -33.30 0.49 26.20
N CYS A 379 -33.65 0.51 24.91
CA CYS A 379 -34.07 -0.68 24.17
C CYS A 379 -33.08 -0.87 23.02
N GLU A 380 -32.13 -1.76 23.21
CA GLU A 380 -31.15 -2.06 22.17
C GLU A 380 -31.59 -3.29 21.39
N ALA A 381 -31.86 -3.10 20.10
CA ALA A 381 -32.00 -4.22 19.17
C ALA A 381 -30.60 -4.69 18.74
N THR A 382 -30.38 -6.00 18.75
CA THR A 382 -29.19 -6.60 18.17
C THR A 382 -29.48 -7.34 16.86
N VAL A 383 -30.64 -7.09 16.27
CA VAL A 383 -31.00 -7.62 14.96
C VAL A 383 -31.24 -6.42 14.04
N SER A 384 -31.27 -6.71 12.74
CA SER A 384 -31.40 -5.66 11.74
C SER A 384 -32.65 -5.91 10.91
N GLU A 385 -33.21 -4.84 10.36
CA GLU A 385 -34.34 -5.03 9.45
C GLU A 385 -33.90 -5.94 8.30
N GLY A 386 -34.77 -6.87 7.92
CA GLY A 386 -34.48 -7.82 6.88
C GLY A 386 -33.85 -9.12 7.35
N GLN A 387 -33.23 -9.13 8.52
CA GLN A 387 -32.59 -10.32 9.04
C GLN A 387 -33.61 -11.41 9.38
N HIS A 388 -33.19 -12.67 9.24
CA HIS A 388 -33.99 -13.81 9.65
C HIS A 388 -33.53 -14.29 11.03
N VAL A 389 -34.49 -14.76 11.83
CA VAL A 389 -34.22 -15.28 13.17
C VAL A 389 -35.10 -16.49 13.41
N ASN A 390 -34.62 -17.37 14.29
CA ASN A 390 -35.38 -18.51 14.78
C ASN A 390 -35.87 -18.22 16.19
N ARG A 391 -37.06 -18.77 16.49
CA ARG A 391 -37.63 -18.72 17.83
C ARG A 391 -36.56 -19.04 18.88
N GLY A 392 -36.33 -18.09 19.81
CA GLY A 392 -35.36 -18.23 20.87
C GLY A 392 -34.04 -17.50 20.67
N ASP A 393 -33.78 -16.98 19.47
CA ASP A 393 -32.57 -16.20 19.21
C ASP A 393 -32.64 -14.83 19.87
N ASP A 394 -31.48 -14.19 20.05
CA ASP A 394 -31.45 -12.84 20.61
C ASP A 394 -32.14 -11.85 19.66
N LEU A 395 -33.03 -11.02 20.21
CA LEU A 395 -33.48 -9.84 19.46
C LEU A 395 -32.79 -8.57 19.94
N GLY A 396 -32.40 -8.57 21.20
CA GLY A 396 -31.81 -7.39 21.80
C GLY A 396 -31.96 -7.47 23.31
N MET A 397 -31.95 -6.31 23.94
CA MET A 397 -32.01 -6.31 25.41
C MET A 397 -32.35 -4.92 25.92
N PHE A 398 -32.72 -4.89 27.20
CA PHE A 398 -32.89 -3.66 27.96
C PHE A 398 -31.58 -3.22 28.61
N HIS A 399 -31.44 -1.91 28.80
CA HIS A 399 -30.35 -1.37 29.61
C HIS A 399 -30.89 -0.25 30.49
N PHE A 400 -30.23 -0.03 31.62
CA PHE A 400 -30.31 1.26 32.28
C PHE A 400 -29.93 2.34 31.28
N GLY A 401 -30.77 3.35 31.14
CA GLY A 401 -30.53 4.42 30.19
C GLY A 401 -31.84 5.01 29.74
N GLY A 402 -31.74 5.97 28.82
CA GLY A 402 -32.90 6.67 28.29
C GLY A 402 -33.53 5.99 27.08
N SER B 1 -40.81 -3.71 30.52
CA SER B 1 -42.06 -4.36 30.12
C SER B 1 -42.07 -4.69 28.62
N PHE B 2 -42.90 -5.66 28.20
CA PHE B 2 -42.97 -5.99 26.78
C PHE B 2 -44.40 -6.39 26.42
N ALA B 3 -44.74 -6.22 25.14
CA ALA B 3 -46.06 -6.61 24.64
C ALA B 3 -45.92 -7.33 23.30
N LEU B 4 -46.68 -8.42 23.18
CA LEU B 4 -46.81 -9.20 21.95
C LEU B 4 -48.16 -8.88 21.31
N GLY B 5 -48.16 -8.57 20.02
CA GLY B 5 -49.37 -8.23 19.29
C GLY B 5 -49.72 -9.21 18.17
N LEU B 6 -50.96 -9.70 18.18
CA LEU B 6 -51.46 -10.63 17.17
C LEU B 6 -52.64 -10.00 16.43
N ARG B 7 -52.67 -10.20 15.11
CA ARG B 7 -53.78 -9.78 14.27
C ARG B 7 -55.02 -10.65 14.52
N LYS B 8 -56.21 -10.10 14.22
CA LYS B 8 -57.45 -10.88 14.33
C LYS B 8 -57.43 -12.06 13.38
N ASP B 9 -57.00 -11.84 12.13
CA ASP B 9 -56.84 -12.90 11.13
C ASP B 9 -55.77 -13.92 11.48
N CYS B 10 -55.05 -13.74 12.57
CA CYS B 10 -54.06 -14.71 12.98
C CYS B 10 -54.77 -15.84 13.72
N ARG B 11 -54.58 -17.07 13.24
CA ARG B 11 -55.21 -18.26 13.79
C ARG B 11 -54.55 -18.73 15.11
N ALA B 12 -53.58 -17.99 15.64
CA ALA B 12 -52.98 -18.32 16.93
C ALA B 12 -53.75 -17.66 18.06
N GLU B 13 -53.79 -18.33 19.20
CA GLU B 13 -54.58 -17.89 20.34
C GLU B 13 -53.69 -17.88 21.58
N ILE B 14 -53.70 -16.75 22.29
CA ILE B 14 -52.96 -16.64 23.53
C ILE B 14 -53.36 -17.75 24.50
N VAL B 15 -52.37 -18.31 25.16
CA VAL B 15 -52.61 -19.39 26.10
C VAL B 15 -53.32 -18.86 27.33
N GLU B 16 -54.46 -19.49 27.68
CA GLU B 16 -55.41 -18.89 28.62
C GLU B 16 -54.80 -18.62 30.00
N LYS B 17 -53.84 -19.44 30.46
CA LYS B 17 -53.36 -19.22 31.83
C LYS B 17 -52.71 -17.85 31.99
N PHE B 18 -52.24 -17.25 30.88
CA PHE B 18 -51.60 -15.95 30.94
C PHE B 18 -52.59 -14.80 30.98
N THR B 19 -53.89 -15.04 30.79
CA THR B 19 -54.83 -13.96 31.04
C THR B 19 -55.00 -13.66 32.53
N GLU B 20 -54.45 -14.49 33.43
CA GLU B 20 -54.47 -14.16 34.86
C GLU B 20 -53.22 -13.35 35.21
N PRO B 21 -53.36 -12.09 35.60
CA PRO B 21 -52.19 -11.31 36.00
C PRO B 21 -51.40 -12.04 37.07
N GLY B 22 -50.08 -11.89 37.03
CA GLY B 22 -49.19 -12.48 38.02
C GLY B 22 -48.64 -13.84 37.65
N THR B 23 -49.19 -14.49 36.61
CA THR B 23 -48.68 -15.79 36.19
C THR B 23 -47.23 -15.69 35.70
N VAL B 24 -46.42 -16.66 36.10
CA VAL B 24 -45.02 -16.66 35.70
C VAL B 24 -44.89 -16.99 34.21
N ILE B 25 -44.11 -16.17 33.50
CA ILE B 25 -43.84 -16.36 32.08
C ILE B 25 -42.36 -16.71 31.95
N ARG B 26 -42.08 -17.98 31.69
CA ARG B 26 -40.71 -18.42 31.47
C ARG B 26 -40.34 -18.12 30.02
N ILE B 27 -39.25 -17.35 29.85
CA ILE B 27 -38.85 -16.98 28.49
C ILE B 27 -38.70 -18.25 27.64
N ASN B 28 -39.05 -18.13 26.36
CA ASN B 28 -39.08 -19.20 25.36
C ASN B 28 -40.24 -20.17 25.56
N GLU B 29 -40.99 -20.08 26.66
CA GLU B 29 -42.12 -20.99 26.77
C GLU B 29 -43.28 -20.51 25.87
N VAL B 30 -44.25 -21.39 25.64
CA VAL B 30 -45.32 -21.11 24.67
C VAL B 30 -46.33 -20.15 25.31
N VAL B 31 -46.53 -18.99 24.68
CA VAL B 31 -47.57 -18.05 25.12
C VAL B 31 -48.73 -17.97 24.13
N ALA B 32 -48.56 -18.41 22.89
CA ALA B 32 -49.68 -18.49 21.95
C ALA B 32 -49.39 -19.63 20.98
N ALA B 33 -50.47 -20.26 20.50
CA ALA B 33 -50.36 -21.42 19.61
C ALA B 33 -51.55 -21.45 18.67
N LEU B 34 -51.33 -22.06 17.50
CA LEU B 34 -52.37 -22.22 16.48
C LEU B 34 -53.52 -23.13 16.92
N LEU C 57 -11.42 -37.76 -3.00
CA LEU C 57 -10.79 -36.95 -1.95
C LEU C 57 -9.32 -36.81 -2.23
N MET C 58 -8.77 -35.61 -2.02
CA MET C 58 -7.33 -35.43 -2.20
C MET C 58 -6.55 -36.24 -1.18
N GLN C 59 -5.37 -36.71 -1.59
CA GLN C 59 -4.60 -37.65 -0.77
C GLN C 59 -4.41 -37.20 0.68
N PRO C 60 -4.05 -35.94 0.99
CA PRO C 60 -3.91 -35.57 2.41
C PRO C 60 -5.16 -35.81 3.22
N ILE C 61 -6.35 -35.58 2.65
CA ILE C 61 -7.59 -35.91 3.35
C ILE C 61 -7.78 -37.41 3.49
N GLN C 62 -7.37 -38.18 2.50
CA GLN C 62 -7.49 -39.62 2.67
C GLN C 62 -6.57 -40.12 3.78
N GLU C 63 -5.30 -39.64 3.83
CA GLU C 63 -4.43 -40.04 4.93
C GLU C 63 -4.98 -39.58 6.28
N PHE C 64 -5.61 -38.40 6.29
CA PHE C 64 -6.30 -37.90 7.49
C PHE C 64 -7.37 -38.88 7.94
N LYS C 65 -8.28 -39.23 7.01
CA LYS C 65 -9.33 -40.22 7.31
C LYS C 65 -8.74 -41.56 7.72
N ALA C 66 -7.68 -42.00 7.04
CA ALA C 66 -7.07 -43.28 7.40
C ALA C 66 -6.49 -43.23 8.81
N PHE C 67 -6.00 -42.06 9.22
CA PHE C 67 -5.46 -41.95 10.57
C PHE C 67 -6.57 -42.06 11.61
N ILE C 68 -7.67 -41.33 11.40
CA ILE C 68 -8.82 -41.39 12.30
C ILE C 68 -9.24 -42.84 12.52
N GLU C 69 -9.25 -43.62 11.45
CA GLU C 69 -9.67 -45.01 11.48
C GLU C 69 -8.60 -45.95 11.99
N SER C 70 -7.34 -45.51 12.02
CA SER C 70 -6.24 -46.38 12.43
C SER C 70 -6.17 -46.63 13.93
N ASP C 71 -6.85 -45.83 14.75
CA ASP C 71 -6.73 -45.93 16.21
C ASP C 71 -8.14 -45.92 16.78
N PRO C 72 -8.55 -46.98 17.45
CA PRO C 72 -9.95 -47.05 17.94
C PRO C 72 -10.32 -45.92 18.91
N VAL C 73 -9.37 -45.41 19.69
CA VAL C 73 -9.69 -44.30 20.60
C VAL C 73 -9.94 -43.02 19.81
N VAL C 74 -9.04 -42.71 18.86
CA VAL C 74 -9.22 -41.55 17.99
C VAL C 74 -10.53 -41.67 17.24
N HIS C 75 -10.77 -42.83 16.63
CA HIS C 75 -12.01 -43.08 15.91
C HIS C 75 -13.22 -42.80 16.77
N GLN C 76 -13.22 -43.31 18.00
CA GLN C 76 -14.35 -43.08 18.89
C GLN C 76 -14.54 -41.59 19.16
N GLU C 77 -13.43 -40.85 19.35
CA GLU C 77 -13.52 -39.41 19.51
C GLU C 77 -14.19 -38.75 18.30
N PHE C 78 -13.87 -39.22 17.09
CA PHE C 78 -14.48 -38.67 15.88
C PHE C 78 -15.89 -39.20 15.64
N ILE C 79 -16.42 -40.02 16.55
CA ILE C 79 -17.83 -40.32 16.56
C ILE C 79 -18.54 -39.50 17.63
N ASP C 80 -18.06 -39.59 18.87
CA ASP C 80 -18.74 -38.93 19.98
C ASP C 80 -18.85 -37.43 19.77
N MET C 81 -17.85 -36.81 19.11
CA MET C 81 -17.87 -35.36 18.94
C MET C 81 -19.05 -34.89 18.05
N PHE C 82 -19.68 -35.79 17.28
CA PHE C 82 -20.81 -35.43 16.43
C PHE C 82 -22.16 -35.69 17.08
N GLU C 83 -22.18 -36.13 18.34
CA GLU C 83 -23.41 -36.61 18.96
C GLU C 83 -24.54 -35.61 18.84
N GLY C 84 -25.63 -36.05 18.23
CA GLY C 84 -26.81 -35.20 18.08
C GLY C 84 -26.71 -34.06 17.10
N ILE C 85 -25.61 -33.96 16.36
CA ILE C 85 -25.47 -32.90 15.36
C ILE C 85 -26.35 -33.24 14.18
N GLN C 86 -27.31 -32.36 13.92
CA GLN C 86 -28.27 -32.58 12.86
C GLN C 86 -27.84 -31.97 11.53
N ASP C 87 -26.92 -31.00 11.53
CA ASP C 87 -26.49 -30.35 10.30
C ASP C 87 -25.19 -30.93 9.76
N SER C 88 -24.89 -30.54 8.54
CA SER C 88 -23.67 -30.96 7.88
C SER C 88 -22.49 -30.14 8.40
N PRO C 89 -21.37 -30.78 8.82
CA PRO C 89 -21.07 -32.22 8.82
C PRO C 89 -21.74 -33.00 9.95
N ARG C 90 -22.29 -34.20 9.67
CA ARG C 90 -22.87 -35.03 10.71
C ARG C 90 -21.97 -36.17 11.13
N ASN C 91 -20.90 -36.47 10.39
CA ASN C 91 -19.97 -37.50 10.80
C ASN C 91 -18.61 -37.12 10.25
N TYR C 92 -17.63 -37.96 10.56
CA TYR C 92 -16.29 -37.62 10.11
C TYR C 92 -16.17 -37.79 8.60
N GLN C 93 -17.02 -38.62 7.98
CA GLN C 93 -16.94 -38.75 6.53
C GLN C 93 -17.40 -37.48 5.83
N GLU C 94 -18.50 -36.87 6.31
CA GLU C 94 -18.94 -35.61 5.72
C GLU C 94 -17.93 -34.52 6.00
N LEU C 95 -17.34 -34.53 7.20
CA LEU C 95 -16.27 -33.58 7.50
C LEU C 95 -15.18 -33.65 6.44
N CYS C 96 -14.71 -34.87 6.13
CA CYS C 96 -13.67 -35.02 5.13
C CYS C 96 -14.13 -34.53 3.76
N ASN C 97 -15.40 -34.76 3.41
CA ASN C 97 -15.89 -34.31 2.11
C ASN C 97 -15.96 -32.80 2.04
N MET C 98 -16.40 -32.14 3.12
CA MET C 98 -16.45 -30.69 3.14
C MET C 98 -15.05 -30.08 3.12
N PHE C 99 -14.08 -30.72 3.79
CA PHE C 99 -12.68 -30.29 3.68
C PHE C 99 -12.24 -30.29 2.22
N ASN C 100 -12.63 -31.35 1.49
CA ASN C 100 -12.23 -31.49 0.10
C ASN C 100 -12.78 -30.36 -0.77
N ASP C 101 -13.98 -29.84 -0.46
CA ASP C 101 -14.47 -28.65 -1.13
C ASP C 101 -13.70 -27.40 -0.68
N ILE C 102 -13.58 -27.21 0.65
CA ILE C 102 -13.02 -25.97 1.18
C ILE C 102 -11.60 -25.75 0.68
N PHE C 103 -10.77 -26.80 0.68
CA PHE C 103 -9.36 -26.68 0.34
C PHE C 103 -9.12 -26.47 -1.15
N ARG C 104 -10.21 -26.43 -1.95
CA ARG C 104 -10.18 -26.27 -3.40
C ARG C 104 -10.60 -24.88 -3.83
N LYS C 105 -10.86 -24.00 -2.88
CA LYS C 105 -11.29 -22.65 -3.21
C LYS C 105 -10.87 -21.70 -2.11
N ALA C 106 -10.83 -20.42 -2.45
CA ALA C 106 -10.42 -19.38 -1.54
C ALA C 106 -11.60 -18.93 -0.67
N PRO C 107 -11.33 -18.41 0.54
CA PRO C 107 -12.42 -17.94 1.39
C PRO C 107 -13.09 -16.70 0.79
N VAL C 108 -14.29 -16.43 1.26
CA VAL C 108 -15.04 -15.26 0.83
C VAL C 108 -15.41 -14.44 2.08
N TYR C 109 -15.85 -13.21 1.83
CA TYR C 109 -16.24 -12.30 2.91
C TYR C 109 -17.66 -12.60 3.37
N GLY C 110 -17.87 -12.52 4.68
CA GLY C 110 -19.22 -12.74 5.16
C GLY C 110 -19.37 -13.46 6.48
N ASP C 111 -18.59 -14.52 6.73
CA ASP C 111 -18.79 -15.31 7.93
C ASP C 111 -18.03 -14.71 9.11
N LEU C 112 -18.39 -15.15 10.32
CA LEU C 112 -17.73 -14.64 11.52
C LEU C 112 -16.29 -15.09 11.61
N GLY C 113 -15.98 -16.25 11.06
CA GLY C 113 -14.61 -16.71 11.01
C GLY C 113 -14.32 -17.42 9.70
N PRO C 114 -13.09 -17.91 9.55
CA PRO C 114 -12.70 -18.61 8.31
C PRO C 114 -13.42 -19.93 8.16
N PRO C 115 -13.41 -20.53 6.96
CA PRO C 115 -14.38 -21.60 6.67
C PRO C 115 -14.16 -22.90 7.43
N VAL C 116 -12.91 -23.30 7.69
CA VAL C 116 -12.68 -24.51 8.49
C VAL C 116 -13.16 -24.29 9.92
N TYR C 117 -12.84 -23.14 10.51
CA TYR C 117 -13.38 -22.85 11.84
C TYR C 117 -14.90 -22.98 11.86
N MET C 118 -15.59 -22.40 10.86
CA MET C 118 -17.06 -22.39 10.86
C MET C 118 -17.63 -23.80 10.96
N ILE C 119 -17.14 -24.74 10.14
CA ILE C 119 -17.66 -26.10 10.25
C ILE C 119 -17.07 -26.90 11.40
N MET C 120 -16.01 -26.41 12.08
CA MET C 120 -15.40 -27.12 13.19
C MET C 120 -15.91 -26.68 14.56
N ALA C 121 -16.54 -25.50 14.66
CA ALA C 121 -16.78 -24.89 15.96
C ALA C 121 -17.63 -25.78 16.86
N LYS C 122 -18.65 -26.44 16.28
CA LYS C 122 -19.49 -27.29 17.10
C LYS C 122 -18.70 -28.49 17.64
N LEU C 123 -17.80 -29.06 16.82
CA LEU C 123 -16.95 -30.16 17.27
C LEU C 123 -15.97 -29.72 18.35
N MET C 124 -15.29 -28.59 18.13
CA MET C 124 -14.36 -28.08 19.14
C MET C 124 -15.02 -27.89 20.49
N ASN C 125 -16.34 -27.69 20.51
CA ASN C 125 -17.06 -27.39 21.73
C ASN C 125 -17.53 -28.64 22.47
N THR C 126 -16.91 -29.78 22.25
CA THR C 126 -17.22 -31.01 22.96
C THR C 126 -15.98 -31.52 23.67
N ARG C 127 -16.19 -32.40 24.63
CA ARG C 127 -15.01 -33.01 25.26
C ARG C 127 -14.32 -33.97 24.28
N ALA C 128 -15.11 -34.73 23.51
CA ALA C 128 -14.50 -35.62 22.53
C ALA C 128 -13.65 -34.86 21.52
N GLY C 129 -14.15 -33.69 21.06
CA GLY C 129 -13.40 -32.91 20.09
C GLY C 129 -12.11 -32.34 20.67
N PHE C 130 -12.19 -31.78 21.88
CA PHE C 130 -10.98 -31.28 22.53
C PHE C 130 -9.94 -32.39 22.69
N SER C 131 -10.34 -33.59 23.13
CA SER C 131 -9.40 -34.71 23.23
C SER C 131 -8.71 -34.96 21.89
N ALA C 132 -9.50 -35.10 20.82
CA ALA C 132 -8.92 -35.38 19.51
C ALA C 132 -7.94 -34.30 19.09
N PHE C 133 -8.36 -33.04 19.26
CA PHE C 133 -7.61 -31.88 18.78
C PHE C 133 -6.41 -31.54 19.65
N THR C 134 -6.20 -32.27 20.75
CA THR C 134 -5.01 -32.09 21.57
C THR C 134 -4.07 -33.30 21.47
N ARG C 135 -4.14 -34.04 20.36
CA ARG C 135 -3.18 -35.11 20.06
C ARG C 135 -2.20 -34.60 19.01
N GLN C 136 -0.91 -34.59 19.34
CA GLN C 136 0.10 -34.15 18.39
C GLN C 136 0.03 -34.92 17.09
N ARG C 137 -0.32 -36.23 17.18
CA ARG C 137 -0.37 -37.07 15.97
C ARG C 137 -1.45 -36.63 14.99
N LEU C 138 -2.66 -36.29 15.49
CA LEU C 138 -3.71 -35.69 14.64
C LEU C 138 -3.29 -34.32 14.11
N ASN C 139 -2.71 -33.48 14.97
CA ASN C 139 -2.36 -32.14 14.53
C ASN C 139 -1.34 -32.15 13.40
N LEU C 140 -0.50 -33.18 13.33
CA LEU C 140 0.38 -33.34 12.17
C LEU C 140 -0.42 -33.39 10.88
N HIS C 141 -1.61 -34.01 10.91
CA HIS C 141 -2.42 -34.10 9.71
C HIS C 141 -3.08 -32.76 9.38
N PHE C 142 -3.63 -32.07 10.39
CA PHE C 142 -4.15 -30.72 10.15
C PHE C 142 -3.08 -29.85 9.52
N LYS C 143 -1.84 -29.95 10.01
CA LYS C 143 -0.77 -29.18 9.41
C LYS C 143 -0.67 -29.44 7.92
N LYS C 144 -0.70 -30.73 7.55
CA LYS C 144 -0.54 -31.08 6.15
C LYS C 144 -1.73 -30.59 5.35
N LEU C 145 -2.93 -30.74 5.91
CA LEU C 145 -4.13 -30.27 5.23
C LEU C 145 -4.02 -28.78 4.92
N PHE C 146 -3.71 -27.97 5.93
CA PHE C 146 -3.70 -26.52 5.73
C PHE C 146 -2.52 -26.08 4.89
N ASP C 147 -1.37 -26.74 5.00
CA ASP C 147 -0.27 -26.41 4.10
C ASP C 147 -0.68 -26.67 2.65
N THR C 148 -1.36 -27.81 2.41
CA THR C 148 -1.84 -28.12 1.07
C THR C 148 -2.79 -27.03 0.58
N TRP C 149 -3.74 -26.64 1.43
CA TRP C 149 -4.67 -25.56 1.09
C TRP C 149 -3.91 -24.28 0.76
N GLY C 150 -2.88 -23.95 1.56
CA GLY C 150 -2.18 -22.71 1.37
C GLY C 150 -1.45 -22.64 0.04
N LEU C 151 -1.06 -23.78 -0.50
CA LEU C 151 -0.52 -23.84 -1.86
C LEU C 151 -1.49 -23.24 -2.86
N PHE C 152 -2.73 -23.74 -2.85
CA PHE C 152 -3.75 -23.19 -3.71
C PHE C 152 -3.94 -21.69 -3.47
N LEU C 153 -3.87 -21.25 -2.21
CA LEU C 153 -4.12 -19.85 -1.91
C LEU C 153 -2.97 -18.93 -2.29
N SER C 154 -1.86 -19.50 -2.76
CA SER C 154 -0.73 -18.76 -3.30
C SER C 154 -0.73 -18.75 -4.82
N SER C 155 -1.69 -19.42 -5.46
CA SER C 155 -1.73 -19.65 -6.89
C SER C 155 -2.65 -18.66 -7.57
N LYS C 156 -2.38 -18.41 -8.86
CA LYS C 156 -3.17 -17.41 -9.60
C LYS C 156 -4.65 -17.75 -9.55
N ASP C 157 -4.99 -19.04 -9.43
CA ASP C 157 -6.39 -19.48 -9.45
C ASP C 157 -7.18 -19.02 -8.22
N SER C 158 -6.50 -18.74 -7.11
CA SER C 158 -7.20 -18.26 -5.94
C SER C 158 -7.63 -16.79 -6.06
N ARG C 159 -7.30 -16.11 -7.16
CA ARG C 159 -7.73 -14.72 -7.34
C ARG C 159 -9.23 -14.59 -7.57
N ASN C 160 -9.92 -15.67 -7.91
CA ASN C 160 -11.32 -15.57 -8.31
C ASN C 160 -12.24 -15.02 -7.23
N VAL C 161 -11.81 -14.99 -5.96
CA VAL C 161 -12.61 -14.32 -4.93
C VAL C 161 -12.29 -12.84 -4.83
N LEU C 162 -11.26 -12.37 -5.54
CA LEU C 162 -10.86 -10.97 -5.51
C LEU C 162 -11.67 -10.20 -6.56
N VAL C 163 -12.96 -10.07 -6.26
CA VAL C 163 -13.97 -9.54 -7.16
C VAL C 163 -15.01 -8.82 -6.32
N ALA C 164 -15.90 -8.08 -6.99
CA ALA C 164 -16.98 -7.42 -6.26
C ALA C 164 -18.26 -8.24 -6.23
N ASP C 165 -18.35 -9.27 -7.08
CA ASP C 165 -19.54 -10.12 -7.19
C ASP C 165 -20.10 -10.49 -5.82
N GLN C 166 -21.40 -10.35 -5.68
CA GLN C 166 -22.12 -10.93 -4.55
C GLN C 166 -22.37 -12.39 -4.89
N PHE C 167 -22.06 -13.30 -3.96
CA PHE C 167 -22.09 -14.73 -4.22
C PHE C 167 -23.39 -15.41 -3.77
N ASP C 168 -24.02 -14.88 -2.73
CA ASP C 168 -25.31 -15.35 -2.24
C ASP C 168 -25.84 -14.28 -1.28
N ASP C 169 -26.84 -14.61 -0.47
CA ASP C 169 -27.45 -13.58 0.37
C ASP C 169 -26.47 -13.06 1.41
N ARG C 170 -25.54 -13.90 1.89
CA ARG C 170 -24.68 -13.55 3.01
C ARG C 170 -23.20 -13.36 2.65
N HIS C 171 -22.76 -13.78 1.46
CA HIS C 171 -21.33 -13.77 1.09
C HIS C 171 -21.08 -12.94 -0.15
N CYS C 172 -19.90 -12.32 -0.21
CA CYS C 172 -19.49 -11.55 -1.36
C CYS C 172 -17.97 -11.63 -1.55
N GLY C 173 -17.52 -11.13 -2.69
CA GLY C 173 -16.09 -11.07 -2.97
C GLY C 173 -15.40 -9.98 -2.17
N TRP C 174 -14.05 -10.04 -2.17
CA TRP C 174 -13.25 -9.17 -1.32
C TRP C 174 -13.13 -7.76 -1.87
N LEU C 175 -13.45 -7.54 -3.14
CA LEU C 175 -13.45 -6.21 -3.74
C LEU C 175 -14.84 -5.58 -3.80
N ASN C 176 -15.87 -6.29 -3.32
CA ASN C 176 -17.19 -5.71 -3.08
C ASN C 176 -17.08 -4.59 -2.06
N GLU C 177 -17.92 -3.55 -2.22
CA GLU C 177 -17.75 -2.38 -1.38
C GLU C 177 -18.10 -2.68 0.07
N ARG C 178 -18.98 -3.64 0.33
CA ARG C 178 -19.26 -4.04 1.71
C ARG C 178 -17.97 -4.48 2.41
N ALA C 179 -17.15 -5.27 1.70
CA ALA C 179 -15.91 -5.79 2.28
C ALA C 179 -14.82 -4.74 2.28
N LEU C 180 -14.69 -4.02 1.15
CA LEU C 180 -13.77 -2.88 1.07
C LEU C 180 -14.01 -1.90 2.21
N SER C 181 -15.28 -1.62 2.52
CA SER C 181 -15.59 -0.72 3.62
C SER C 181 -15.13 -1.29 4.97
N ALA C 182 -15.45 -2.57 5.23
CA ALA C 182 -15.09 -3.18 6.50
C ALA C 182 -13.58 -3.12 6.74
N MET C 183 -12.78 -3.35 5.70
CA MET C 183 -11.33 -3.42 5.81
C MET C 183 -10.65 -2.08 6.06
N VAL C 184 -11.32 -0.95 5.87
CA VAL C 184 -10.72 0.34 6.17
C VAL C 184 -11.44 1.07 7.30
N LYS C 185 -12.28 0.35 8.04
CA LYS C 185 -13.00 0.92 9.17
C LYS C 185 -12.11 1.79 10.07
N HIS C 186 -10.89 1.33 10.36
CA HIS C 186 -10.01 2.03 11.30
C HIS C 186 -8.96 2.88 10.61
N TYR C 187 -9.18 3.26 9.36
CA TYR C 187 -8.19 4.07 8.65
C TYR C 187 -8.69 5.47 8.41
N ASN C 188 -9.72 5.89 9.15
CA ASN C 188 -10.02 7.29 9.32
C ASN C 188 -10.43 7.94 8.00
N GLY C 189 -11.39 7.31 7.32
CA GLY C 189 -11.92 7.85 6.07
C GLY C 189 -11.12 7.55 4.81
N ARG C 190 -9.84 7.17 4.92
CA ARG C 190 -9.10 6.75 3.73
C ARG C 190 -9.67 5.45 3.16
N ALA C 191 -9.53 5.30 1.84
CA ALA C 191 -10.11 4.20 1.11
C ALA C 191 -9.09 3.07 0.93
N PHE C 192 -9.61 1.89 0.57
CA PHE C 192 -8.78 0.68 0.51
C PHE C 192 -7.54 0.88 -0.35
N ASP C 193 -7.70 1.42 -1.56
CA ASP C 193 -6.59 1.59 -2.48
C ASP C 193 -5.65 2.73 -2.11
N GLU C 194 -6.08 3.65 -1.23
CA GLU C 194 -5.15 4.59 -0.63
C GLU C 194 -4.30 3.91 0.46
N VAL C 195 -4.96 3.15 1.34
CA VAL C 195 -4.30 2.55 2.49
C VAL C 195 -3.34 1.43 2.07
N PHE C 196 -3.82 0.50 1.25
CA PHE C 196 -3.02 -0.66 0.88
C PHE C 196 -2.49 -0.51 -0.53
N LEU C 197 -1.32 -1.11 -0.77
CA LEU C 197 -0.65 -1.07 -2.06
C LEU C 197 -1.34 -2.02 -3.03
N CYS C 198 -2.05 -1.46 -4.01
CA CYS C 198 -2.72 -2.27 -5.00
C CYS C 198 -2.91 -1.42 -6.24
N ASP C 199 -3.71 -1.91 -7.17
CA ASP C 199 -4.09 -1.20 -8.38
C ASP C 199 -5.60 -1.29 -8.53
N LYS C 200 -6.32 -0.20 -8.20
CA LYS C 200 -7.78 -0.27 -8.22
C LYS C 200 -8.35 -0.44 -9.62
N ASN C 201 -7.55 -0.23 -10.66
CA ASN C 201 -7.98 -0.36 -12.04
C ASN C 201 -7.61 -1.70 -12.64
N ALA C 202 -6.89 -2.47 -11.98
CA ALA C 202 -6.49 -3.76 -12.50
C ALA C 202 -7.50 -4.83 -12.08
N PRO C 203 -7.60 -5.91 -12.84
CA PRO C 203 -8.39 -7.06 -12.36
C PRO C 203 -7.74 -7.63 -11.10
N TYR C 204 -8.61 -7.99 -10.14
CA TYR C 204 -8.20 -8.49 -8.84
C TYR C 204 -7.41 -7.47 -8.06
N TYR C 205 -7.64 -6.18 -8.33
CA TYR C 205 -6.88 -5.09 -7.71
C TYR C 205 -5.36 -5.30 -7.82
N GLY C 206 -4.92 -6.10 -8.79
CA GLY C 206 -3.50 -6.30 -8.99
C GLY C 206 -2.86 -7.40 -8.16
N PHE C 207 -3.58 -7.98 -7.21
CA PHE C 207 -3.03 -9.07 -6.43
C PHE C 207 -2.94 -10.33 -7.27
N ASN C 208 -1.86 -11.10 -7.10
CA ASN C 208 -1.65 -12.29 -7.91
C ASN C 208 -2.15 -13.59 -7.28
N SER C 209 -2.78 -13.52 -6.10
CA SER C 209 -3.33 -14.68 -5.41
C SER C 209 -4.08 -14.17 -4.20
N TYR C 210 -4.80 -15.08 -3.56
CA TYR C 210 -5.50 -14.70 -2.34
C TYR C 210 -4.52 -14.34 -1.24
N ASP C 211 -3.49 -15.17 -1.05
CA ASP C 211 -2.48 -14.90 -0.03
C ASP C 211 -1.84 -13.53 -0.24
N ASP C 212 -1.60 -13.17 -1.50
CA ASP C 212 -1.08 -11.83 -1.81
C ASP C 212 -2.01 -10.75 -1.27
N PHE C 213 -3.31 -10.93 -1.46
CA PHE C 213 -4.28 -9.97 -0.94
C PHE C 213 -4.33 -9.99 0.58
N PHE C 214 -4.33 -11.21 1.15
CA PHE C 214 -4.37 -11.38 2.60
C PHE C 214 -3.19 -10.68 3.29
N ASN C 215 -2.01 -10.71 2.66
CA ASN C 215 -0.81 -10.07 3.19
C ASN C 215 -0.44 -8.80 2.44
N ARG C 216 -1.46 -8.03 2.03
CA ARG C 216 -1.25 -6.77 1.35
C ARG C 216 -0.42 -5.83 2.21
N ARG C 217 0.50 -5.09 1.56
CA ARG C 217 1.39 -4.09 2.18
C ARG C 217 0.75 -2.70 2.26
N PHE C 218 1.12 -1.90 3.30
CA PHE C 218 0.62 -0.54 3.36
C PHE C 218 1.22 0.29 2.22
N ARG C 219 0.40 1.12 1.58
CA ARG C 219 0.92 1.99 0.53
C ARG C 219 1.80 3.09 1.10
N ASN C 220 1.48 3.56 2.30
CA ASN C 220 2.19 4.69 2.88
C ASN C 220 1.97 4.70 4.38
N ARG C 221 2.78 3.91 5.11
CA ARG C 221 2.53 3.77 6.54
C ARG C 221 2.66 5.10 7.28
N ASP C 222 3.52 6.01 6.79
CA ASP C 222 3.69 7.30 7.46
C ASP C 222 2.42 8.15 7.47
N ILE C 223 1.47 7.91 6.55
CA ILE C 223 0.17 8.56 6.66
C ILE C 223 -0.75 7.76 7.59
N ASP C 224 -0.96 6.48 7.28
CA ASP C 224 -2.03 5.68 7.89
C ASP C 224 -1.65 4.98 9.19
N ARG C 225 -0.40 4.54 9.35
CA ARG C 225 0.04 3.78 10.53
C ARG C 225 1.45 4.22 10.90
N PRO C 226 1.60 5.47 11.32
CA PRO C 226 2.95 5.99 11.57
C PRO C 226 3.62 5.33 12.76
N VAL C 227 4.94 5.22 12.69
CA VAL C 227 5.76 4.81 13.82
C VAL C 227 5.75 5.95 14.84
N VAL C 228 4.76 5.93 15.74
CA VAL C 228 4.47 7.06 16.62
C VAL C 228 5.69 7.46 17.42
N GLY C 229 6.00 8.75 17.42
CA GLY C 229 7.18 9.28 18.07
C GLY C 229 8.46 9.17 17.28
N GLY C 230 8.44 8.46 16.16
CA GLY C 230 9.58 8.31 15.26
C GLY C 230 10.55 7.22 15.69
N VAL C 231 11.15 6.58 14.69
CA VAL C 231 12.07 5.47 14.87
C VAL C 231 13.23 5.85 15.80
N ASN C 232 13.52 7.15 15.95
CA ASN C 232 14.64 7.60 16.77
C ASN C 232 14.35 7.61 18.26
N ASN C 233 13.09 7.60 18.68
CA ASN C 233 12.75 7.58 20.10
C ASN C 233 12.70 6.10 20.52
N THR C 234 13.73 5.66 21.24
CA THR C 234 13.83 4.26 21.59
C THR C 234 13.19 3.94 22.94
N THR C 235 12.51 4.91 23.54
CA THR C 235 11.77 4.69 24.76
C THR C 235 10.36 4.16 24.51
N LEU C 236 9.98 3.95 23.26
CA LEU C 236 8.62 3.57 22.88
C LEU C 236 8.62 2.18 22.28
N ILE C 237 7.59 1.40 22.59
CA ILE C 237 7.40 0.07 22.04
C ILE C 237 6.11 0.09 21.24
N SER C 238 6.22 -0.30 19.96
CA SER C 238 5.10 -0.27 19.01
C SER C 238 4.32 -1.58 19.01
N ALA C 239 3.03 -1.47 18.67
CA ALA C 239 2.21 -2.64 18.40
C ALA C 239 2.72 -3.39 17.18
N ALA C 240 2.91 -4.71 17.32
CA ALA C 240 3.46 -5.50 16.21
C ALA C 240 2.42 -5.90 15.17
N CYS C 241 1.14 -5.92 15.54
CA CYS C 241 0.07 -6.36 14.64
C CYS C 241 -1.11 -5.42 14.77
N GLU C 242 -1.71 -5.11 13.63
CA GLU C 242 -3.02 -4.49 13.58
C GLU C 242 -4.05 -5.41 14.24
N SER C 243 -4.60 -5.02 15.38
CA SER C 243 -5.35 -5.97 16.18
C SER C 243 -6.31 -5.24 17.11
N LEU C 244 -7.07 -6.03 17.86
CA LEU C 244 -7.85 -5.57 19.01
C LEU C 244 -7.20 -6.08 20.29
N SER C 245 -7.15 -5.22 21.31
CA SER C 245 -6.78 -5.61 22.67
C SER C 245 -7.52 -6.89 23.08
N TYR C 246 -6.78 -7.88 23.60
CA TYR C 246 -7.45 -9.08 24.09
C TYR C 246 -7.26 -9.35 25.58
N ASN C 247 -6.02 -9.25 26.07
CA ASN C 247 -5.73 -9.47 27.48
C ASN C 247 -4.41 -8.80 27.80
N VAL C 248 -4.30 -8.27 29.03
CA VAL C 248 -3.02 -7.90 29.61
C VAL C 248 -2.89 -8.63 30.94
N SER C 249 -1.73 -9.22 31.18
CA SER C 249 -1.48 -9.90 32.45
C SER C 249 -0.17 -9.40 33.03
N TYR C 250 -0.17 -9.18 34.34
CA TYR C 250 1.01 -8.77 35.07
C TYR C 250 1.48 -9.92 35.96
N ASP C 251 2.77 -9.87 36.31
CA ASP C 251 3.39 -10.86 37.19
C ASP C 251 3.11 -12.28 36.70
N VAL C 252 3.49 -12.53 35.44
CA VAL C 252 3.19 -13.83 34.83
C VAL C 252 4.15 -14.89 35.36
N GLN C 253 3.71 -16.13 35.25
CA GLN C 253 4.36 -17.26 35.91
C GLN C 253 4.27 -18.50 35.02
N SER C 254 4.87 -19.60 35.51
CA SER C 254 4.74 -20.89 34.86
C SER C 254 3.83 -21.82 35.66
N LEU C 255 3.11 -22.68 34.94
CA LEU C 255 2.21 -23.65 35.53
C LEU C 255 2.70 -25.06 35.19
N ASP C 256 2.39 -26.02 36.07
CA ASP C 256 2.77 -27.40 35.77
C ASP C 256 1.78 -28.07 34.81
N THR C 257 0.49 -27.71 34.88
CA THR C 257 -0.52 -28.15 33.91
C THR C 257 -1.43 -26.99 33.57
N LEU C 258 -2.09 -27.10 32.41
CA LEU C 258 -3.07 -26.10 31.96
C LEU C 258 -4.49 -26.63 32.18
N VAL C 259 -4.84 -26.74 33.46
CA VAL C 259 -6.09 -27.32 33.91
C VAL C 259 -6.66 -26.42 35.00
N PHE C 260 -7.95 -26.08 34.87
CA PHE C 260 -8.71 -25.40 35.93
C PHE C 260 -8.15 -24.02 36.19
N LYS C 261 -7.34 -23.50 35.31
CA LYS C 261 -6.95 -22.13 35.48
C LYS C 261 -7.44 -21.31 34.34
N GLY C 262 -7.82 -22.00 33.26
CA GLY C 262 -8.02 -21.53 31.91
C GLY C 262 -7.85 -20.03 31.78
N GLU C 263 -7.28 -19.61 30.68
CA GLU C 263 -7.10 -18.18 30.42
C GLU C 263 -6.08 -17.57 31.38
N THR C 264 -5.10 -18.40 31.75
CA THR C 264 -3.87 -17.97 32.40
C THR C 264 -2.69 -18.35 31.52
N TYR C 265 -1.72 -17.44 31.39
CA TYR C 265 -0.48 -17.83 30.73
C TYR C 265 0.33 -18.75 31.63
N SER C 266 1.10 -19.64 30.98
CA SER C 266 2.17 -20.41 31.62
C SER C 266 3.42 -20.17 30.78
N LEU C 267 4.35 -19.35 31.29
CA LEU C 267 5.54 -18.97 30.53
C LEU C 267 6.26 -20.20 29.97
N LYS C 268 6.49 -21.19 30.83
CA LYS C 268 7.14 -22.44 30.43
C LYS C 268 6.48 -23.04 29.19
N HIS C 269 5.14 -22.99 29.10
CA HIS C 269 4.41 -23.50 27.94
C HIS C 269 4.46 -22.52 26.78
N LEU C 270 3.95 -21.29 26.99
CA LEU C 270 3.97 -20.25 25.96
C LEU C 270 5.32 -20.21 25.23
N LEU C 271 6.41 -20.12 25.98
CA LEU C 271 7.75 -20.02 25.39
C LEU C 271 8.40 -21.38 25.16
N ASN C 272 7.67 -22.48 25.34
CA ASN C 272 8.15 -23.82 24.96
C ASN C 272 9.48 -24.15 25.66
N ASN C 273 9.55 -23.85 26.96
CA ASN C 273 10.70 -24.18 27.82
C ASN C 273 12.01 -23.56 27.31
N ASP C 274 11.94 -22.37 26.71
CA ASP C 274 13.17 -21.75 26.23
C ASP C 274 14.11 -21.42 27.40
N PRO C 275 15.42 -21.54 27.21
CA PRO C 275 16.36 -21.05 28.24
C PRO C 275 16.11 -19.61 28.69
N PHE C 276 15.57 -18.72 27.84
CA PHE C 276 15.23 -17.36 28.28
C PHE C 276 14.03 -17.30 29.22
N THR C 277 13.25 -18.37 29.32
CA THR C 277 12.01 -18.33 30.10
C THR C 277 12.16 -17.71 31.49
N PRO C 278 13.18 -18.05 32.29
CA PRO C 278 13.26 -17.48 33.65
C PRO C 278 13.33 -15.96 33.66
N GLN C 279 13.93 -15.33 32.64
CA GLN C 279 14.06 -13.87 32.60
C GLN C 279 12.70 -13.16 32.57
N PHE C 280 11.65 -13.85 32.12
CA PHE C 280 10.32 -13.26 31.97
C PHE C 280 9.40 -13.64 33.11
N GLU C 281 9.87 -14.45 34.04
CA GLU C 281 9.13 -14.72 35.26
C GLU C 281 8.82 -13.41 35.97
N HIS C 282 7.56 -13.23 36.38
CA HIS C 282 7.04 -12.02 37.01
C HIS C 282 6.89 -10.84 36.06
N GLY C 283 7.16 -11.00 34.76
CA GLY C 283 7.02 -9.94 33.80
C GLY C 283 5.58 -9.73 33.38
N SER C 284 5.35 -9.07 32.24
CA SER C 284 3.99 -8.77 31.81
C SER C 284 3.82 -9.10 30.35
N ILE C 285 2.57 -9.34 29.95
CA ILE C 285 2.22 -9.78 28.61
C ILE C 285 1.01 -8.98 28.15
N LEU C 286 1.10 -8.43 26.93
CA LEU C 286 -0.03 -7.86 26.21
C LEU C 286 -0.32 -8.75 25.01
N GLN C 287 -1.60 -9.12 24.82
CA GLN C 287 -2.00 -10.02 23.74
C GLN C 287 -3.11 -9.37 22.92
N GLY C 288 -2.95 -9.38 21.59
CA GLY C 288 -3.95 -8.88 20.67
C GLY C 288 -4.58 -9.94 19.78
N PHE C 289 -5.76 -9.65 19.26
CA PHE C 289 -6.48 -10.51 18.34
C PHE C 289 -6.64 -9.79 17.02
N LEU C 290 -6.29 -10.46 15.93
CA LEU C 290 -6.44 -9.93 14.58
C LEU C 290 -7.74 -10.45 13.97
N ASN C 291 -8.65 -9.54 13.59
CA ASN C 291 -9.88 -9.94 12.87
C ASN C 291 -9.53 -10.57 11.53
N VAL C 292 -10.52 -11.25 10.94
CA VAL C 292 -10.23 -11.93 9.70
C VAL C 292 -9.93 -10.95 8.57
N THR C 293 -10.47 -9.73 8.66
CA THR C 293 -10.24 -8.70 7.64
C THR C 293 -9.05 -7.78 7.93
N ALA C 294 -8.27 -8.05 8.97
CA ALA C 294 -7.21 -7.12 9.36
C ALA C 294 -5.93 -7.34 8.53
N TYR C 295 -5.11 -6.30 8.51
CA TYR C 295 -3.76 -6.42 8.02
C TYR C 295 -3.06 -7.53 8.81
N HIS C 296 -2.42 -8.46 8.12
CA HIS C 296 -1.89 -9.64 8.78
C HIS C 296 -0.36 -9.75 8.74
N ARG C 297 0.35 -8.64 8.53
CA ARG C 297 1.80 -8.70 8.62
C ARG C 297 2.25 -8.29 10.02
N TRP C 298 3.52 -8.60 10.33
CA TRP C 298 4.14 -8.27 11.60
C TRP C 298 5.15 -7.15 11.40
N HIS C 299 5.15 -6.20 12.33
CA HIS C 299 6.11 -5.11 12.35
C HIS C 299 6.96 -5.22 13.61
N ALA C 300 8.20 -4.70 13.51
CA ALA C 300 9.13 -4.76 14.65
C ALA C 300 8.67 -3.78 15.73
N PRO C 301 8.54 -4.23 16.98
CA PRO C 301 8.04 -3.34 18.04
C PRO C 301 9.08 -2.39 18.62
N VAL C 302 10.36 -2.61 18.34
CA VAL C 302 11.46 -1.81 18.85
C VAL C 302 12.59 -1.79 17.82
N ASN C 303 13.49 -0.83 17.96
CA ASN C 303 14.80 -0.96 17.31
C ASN C 303 15.60 -2.00 18.06
N GLY C 304 16.10 -3.02 17.36
CA GLY C 304 16.84 -4.03 18.07
C GLY C 304 17.32 -5.14 17.16
N THR C 305 17.83 -6.18 17.80
CA THR C 305 18.42 -7.33 17.12
C THR C 305 17.58 -8.57 17.36
N ILE C 306 17.36 -9.34 16.30
CA ILE C 306 16.64 -10.61 16.43
C ILE C 306 17.57 -11.59 17.13
N VAL C 307 17.20 -12.03 18.32
CA VAL C 307 18.06 -12.93 19.06
C VAL C 307 17.81 -14.38 18.67
N LYS C 308 16.54 -14.77 18.50
CA LYS C 308 16.18 -16.18 18.40
C LYS C 308 14.76 -16.30 17.86
N ILE C 309 14.58 -17.17 16.87
CA ILE C 309 13.28 -17.46 16.28
C ILE C 309 13.04 -18.96 16.43
N ILE C 310 11.93 -19.34 17.08
CA ILE C 310 11.60 -20.75 17.30
C ILE C 310 10.21 -21.03 16.77
N ASN C 311 10.09 -22.09 15.98
CA ASN C 311 8.79 -22.50 15.45
C ASN C 311 8.31 -23.72 16.22
N VAL C 312 7.14 -23.61 16.83
CA VAL C 312 6.64 -24.61 17.75
C VAL C 312 5.39 -25.26 17.16
N PRO C 313 5.39 -26.55 16.92
CA PRO C 313 4.16 -27.24 16.52
C PRO C 313 3.17 -27.25 17.68
N GLY C 314 1.88 -27.24 17.35
CA GLY C 314 0.87 -27.21 18.38
C GLY C 314 -0.52 -27.50 17.89
N THR C 315 -1.50 -27.01 18.65
CA THR C 315 -2.90 -27.19 18.33
C THR C 315 -3.35 -26.18 17.26
N TYR C 316 -4.53 -26.46 16.70
CA TYR C 316 -5.32 -25.67 15.77
C TYR C 316 -6.74 -25.47 16.27
N PHE C 317 -7.33 -26.47 16.92
CA PHE C 317 -8.76 -26.46 17.22
C PHE C 317 -9.05 -26.66 18.70
N ALA C 318 -8.09 -26.31 19.57
CA ALA C 318 -8.26 -26.48 21.02
C ALA C 318 -8.80 -25.20 21.63
N GLN C 319 -10.01 -25.23 22.16
CA GLN C 319 -10.49 -24.13 22.99
C GLN C 319 -10.17 -24.44 24.45
N ALA C 320 -10.42 -23.47 25.32
CA ALA C 320 -10.16 -23.68 26.75
C ALA C 320 -11.16 -24.69 27.32
N PRO C 321 -10.70 -25.72 28.03
CA PRO C 321 -11.62 -26.74 28.55
C PRO C 321 -12.75 -26.18 29.42
N SER C 322 -12.49 -25.10 30.18
CA SER C 322 -13.53 -24.44 30.97
C SER C 322 -14.70 -23.92 30.12
N THR C 323 -14.51 -23.71 28.82
CA THR C 323 -15.57 -23.21 27.96
C THR C 323 -16.30 -24.31 27.20
N ILE C 324 -15.87 -25.57 27.33
CA ILE C 324 -16.50 -26.64 26.58
C ILE C 324 -17.97 -26.73 26.99
N GLY C 325 -18.86 -26.61 26.00
CA GLY C 325 -20.29 -26.64 26.26
C GLY C 325 -20.98 -25.28 26.28
N ASP C 326 -20.24 -24.19 26.46
CA ASP C 326 -20.83 -22.85 26.39
C ASP C 326 -21.58 -22.64 25.08
N PRO C 327 -22.57 -21.77 25.06
CA PRO C 327 -23.32 -21.54 23.81
C PRO C 327 -22.46 -20.93 22.71
N ILE C 328 -22.69 -21.39 21.48
CA ILE C 328 -22.08 -20.76 20.30
C ILE C 328 -23.06 -19.78 19.70
N PRO C 329 -22.91 -18.47 19.94
CA PRO C 329 -23.91 -17.49 19.49
C PRO C 329 -24.11 -17.53 17.98
N ASP C 330 -25.37 -17.32 17.58
CA ASP C 330 -25.75 -17.25 16.18
C ASP C 330 -25.77 -15.82 15.63
N ASN C 331 -25.00 -14.92 16.25
CA ASN C 331 -24.86 -13.53 15.87
C ASN C 331 -23.38 -13.23 15.70
N ASP C 332 -23.01 -11.97 15.69
CA ASP C 332 -21.68 -11.48 15.37
C ASP C 332 -21.15 -10.59 16.50
N TYR C 333 -21.91 -10.45 17.59
CA TYR C 333 -21.46 -9.57 18.66
C TYR C 333 -21.06 -10.32 19.92
N ASP C 334 -21.58 -11.47 20.11
CA ASP C 334 -21.22 -12.31 21.25
C ASP C 334 -20.11 -13.29 20.89
N PRO C 335 -19.02 -13.32 21.66
CA PRO C 335 -17.89 -14.19 21.34
C PRO C 335 -18.23 -15.64 21.59
N PRO C 336 -17.91 -16.51 20.64
CA PRO C 336 -18.08 -17.96 20.87
C PRO C 336 -16.96 -18.50 21.76
N PRO C 337 -17.08 -19.73 22.25
CA PRO C 337 -16.09 -20.22 23.23
C PRO C 337 -14.63 -20.13 22.78
N TYR C 338 -14.36 -20.49 21.52
CA TYR C 338 -12.99 -20.39 21.00
C TYR C 338 -12.43 -18.98 21.13
N LEU C 339 -13.22 -17.96 20.74
CA LEU C 339 -12.71 -16.59 20.86
C LEU C 339 -12.67 -16.07 22.29
N LYS C 340 -13.17 -16.83 23.26
CA LYS C 340 -12.89 -16.56 24.67
C LYS C 340 -11.71 -17.38 25.21
N SER C 341 -10.91 -18.01 24.35
CA SER C 341 -9.85 -18.94 24.75
C SER C 341 -8.44 -18.50 24.38
N LEU C 342 -8.25 -17.29 23.86
CA LEU C 342 -6.98 -16.92 23.26
C LEU C 342 -5.83 -16.97 24.26
N VAL C 343 -6.07 -16.58 25.52
CA VAL C 343 -4.98 -16.68 26.49
C VAL C 343 -4.62 -18.14 26.72
N TYR C 344 -5.63 -18.98 26.94
CA TYR C 344 -5.38 -20.41 27.15
C TYR C 344 -4.54 -21.02 26.04
N PHE C 345 -4.98 -20.89 24.78
CA PHE C 345 -4.34 -21.67 23.73
C PHE C 345 -3.09 -21.01 23.17
N SER C 346 -2.76 -19.79 23.59
CA SER C 346 -1.43 -19.26 23.34
C SER C 346 -0.37 -20.20 23.92
N ASN C 347 -0.75 -20.96 24.96
CA ASN C 347 0.18 -21.89 25.59
C ASN C 347 0.49 -23.11 24.71
N ILE C 348 -0.43 -23.49 23.81
CA ILE C 348 -0.33 -24.79 23.14
C ILE C 348 -0.51 -24.74 21.63
N ALA C 349 -0.96 -23.60 21.09
CA ALA C 349 -1.24 -23.54 19.65
C ALA C 349 0.06 -23.48 18.85
N ALA C 350 -0.02 -23.98 17.61
CA ALA C 350 1.05 -23.74 16.66
C ALA C 350 1.40 -22.26 16.62
N ARG C 351 2.68 -21.94 16.82
CA ARG C 351 3.07 -20.57 17.10
C ARG C 351 4.55 -20.40 16.79
N GLN C 352 4.97 -19.15 16.64
CA GLN C 352 6.37 -18.80 16.49
C GLN C 352 6.75 -17.83 17.60
N ILE C 353 7.84 -18.14 18.28
CA ILE C 353 8.38 -17.33 19.36
C ILE C 353 9.55 -16.54 18.80
N MET C 354 9.58 -15.24 19.05
CA MET C 354 10.69 -14.41 18.57
C MET C 354 11.22 -13.58 19.72
N PHE C 355 12.50 -13.75 20.05
CA PHE C 355 13.17 -12.97 21.08
C PHE C 355 13.94 -11.83 20.43
N ILE C 356 13.73 -10.62 20.93
CA ILE C 356 14.41 -9.45 20.37
C ILE C 356 15.15 -8.74 21.49
N GLU C 357 16.38 -8.32 21.20
CA GLU C 357 17.16 -7.49 22.11
C GLU C 357 17.05 -6.03 21.68
N ALA C 358 16.24 -5.26 22.42
CA ALA C 358 16.03 -3.84 22.15
C ALA C 358 17.34 -3.08 22.27
N ASP C 359 17.58 -2.16 21.32
CA ASP C 359 18.75 -1.29 21.41
C ASP C 359 18.76 -0.52 22.72
N ASN C 360 17.59 -0.11 23.20
CA ASN C 360 17.52 0.59 24.48
C ASN C 360 17.67 -0.42 25.62
N LYS C 361 18.81 -0.33 26.33
CA LYS C 361 19.12 -1.29 27.39
C LYS C 361 18.06 -1.32 28.49
N GLU C 362 17.31 -0.23 28.68
CA GLU C 362 16.26 -0.18 29.68
C GLU C 362 15.02 -0.98 29.27
N ILE C 363 14.93 -1.38 28.00
CA ILE C 363 13.89 -2.27 27.53
C ILE C 363 14.43 -3.69 27.40
N GLY C 364 15.61 -3.82 26.82
CA GLY C 364 16.35 -5.05 26.87
C GLY C 364 15.71 -6.17 26.07
N LEU C 365 15.81 -7.37 26.64
CA LEU C 365 15.25 -8.53 25.98
C LEU C 365 13.74 -8.51 26.08
N ILE C 366 13.06 -8.66 24.95
CA ILE C 366 11.61 -8.78 24.90
C ILE C 366 11.30 -10.06 24.14
N PHE C 367 10.05 -10.49 24.19
CA PHE C 367 9.64 -11.56 23.31
C PHE C 367 8.33 -11.19 22.62
N LEU C 368 8.16 -11.79 21.45
CA LEU C 368 6.92 -11.81 20.71
C LEU C 368 6.54 -13.26 20.49
N VAL C 369 5.26 -13.59 20.64
CA VAL C 369 4.73 -14.89 20.21
C VAL C 369 3.63 -14.62 19.19
N PHE C 370 3.78 -15.17 17.99
CA PHE C 370 2.74 -15.11 16.98
C PHE C 370 1.92 -16.40 17.03
N ILE C 371 0.62 -16.28 17.30
CA ILE C 371 -0.22 -17.40 17.74
C ILE C 371 -1.20 -17.74 16.63
N GLY C 372 -1.13 -18.98 16.12
CA GLY C 372 -2.07 -19.41 15.11
C GLY C 372 -3.46 -19.63 15.67
N MET C 373 -4.44 -19.60 14.76
CA MET C 373 -5.83 -19.88 15.09
C MET C 373 -6.43 -20.63 13.92
N THR C 374 -6.92 -21.85 14.20
CA THR C 374 -7.46 -22.78 13.21
C THR C 374 -6.62 -22.74 11.92
N GLU C 375 -7.24 -22.49 10.77
CA GLU C 375 -6.49 -22.58 9.51
C GLU C 375 -5.54 -21.41 9.26
N ILE C 376 -5.62 -20.32 10.02
CA ILE C 376 -4.63 -19.25 9.86
C ILE C 376 -3.54 -19.44 10.92
N SER C 377 -2.62 -20.37 10.66
CA SER C 377 -1.67 -20.78 11.68
C SER C 377 -0.23 -20.86 11.20
N THR C 378 0.04 -20.49 9.96
CA THR C 378 1.41 -20.42 9.48
C THR C 378 2.04 -19.08 9.85
N CYS C 379 3.24 -19.14 10.44
CA CYS C 379 3.96 -17.97 10.94
C CYS C 379 5.28 -17.89 10.18
N GLU C 380 5.32 -17.03 9.17
CA GLU C 380 6.54 -16.82 8.40
C GLU C 380 7.29 -15.61 8.93
N ALA C 381 8.49 -15.85 9.45
CA ALA C 381 9.45 -14.78 9.71
C ALA C 381 10.16 -14.39 8.41
N THR C 382 10.25 -13.09 8.15
CA THR C 382 11.08 -12.59 7.06
C THR C 382 12.36 -11.90 7.56
N VAL C 383 12.71 -12.12 8.83
CA VAL C 383 13.96 -11.65 9.40
C VAL C 383 14.75 -12.87 9.85
N SER C 384 16.04 -12.66 10.11
CA SER C 384 16.94 -13.74 10.46
C SER C 384 17.53 -13.47 11.84
N GLU C 385 17.91 -14.54 12.53
CA GLU C 385 18.60 -14.34 13.80
C GLU C 385 19.86 -13.51 13.54
N GLY C 386 20.13 -12.57 14.44
CA GLY C 386 21.25 -11.68 14.31
C GLY C 386 20.99 -10.39 13.56
N GLN C 387 19.95 -10.35 12.74
CA GLN C 387 19.62 -9.17 11.97
C GLN C 387 19.16 -8.01 12.86
N HIS C 388 19.46 -6.78 12.43
CA HIS C 388 18.97 -5.59 13.10
C HIS C 388 17.73 -5.07 12.38
N VAL C 389 16.79 -4.52 13.15
CA VAL C 389 15.56 -3.95 12.62
C VAL C 389 15.23 -2.69 13.39
N ASN C 390 14.50 -1.79 12.73
CA ASN C 390 13.95 -0.59 13.34
C ASN C 390 12.45 -0.78 13.58
N ARG C 391 11.98 -0.17 14.66
CA ARG C 391 10.56 -0.13 14.97
C ARG C 391 9.75 0.20 13.72
N GLY C 392 8.82 -0.71 13.35
CA GLY C 392 7.95 -0.56 12.20
C GLY C 392 8.36 -1.37 10.97
N ASP C 393 9.55 -1.96 10.96
CA ASP C 393 9.99 -2.80 9.84
C ASP C 393 9.25 -4.14 9.84
N ASP C 394 9.25 -4.81 8.69
CA ASP C 394 8.63 -6.13 8.61
C ASP C 394 9.38 -7.14 9.49
N LEU C 395 8.63 -7.90 10.29
CA LEU C 395 9.21 -9.10 10.91
C LEU C 395 8.80 -10.36 10.19
N GLY C 396 7.63 -10.33 9.57
CA GLY C 396 7.08 -11.50 8.92
C GLY C 396 5.59 -11.33 8.79
N MET C 397 4.89 -12.46 8.70
CA MET C 397 3.46 -12.38 8.49
C MET C 397 2.80 -13.74 8.77
N PHE C 398 1.48 -13.69 8.90
CA PHE C 398 0.62 -14.86 8.98
C PHE C 398 0.21 -15.33 7.58
N HIS C 399 -0.03 -16.64 7.45
CA HIS C 399 -0.66 -17.18 6.25
C HIS C 399 -1.67 -18.24 6.66
N PHE C 400 -2.68 -18.43 5.80
CA PHE C 400 -3.41 -19.68 5.81
C PHE C 400 -2.41 -20.83 5.65
N GLY C 401 -2.50 -21.80 6.54
CA GLY C 401 -1.59 -22.93 6.53
C GLY C 401 -1.42 -23.47 7.93
N GLY C 402 -0.56 -24.49 8.02
CA GLY C 402 -0.29 -25.15 9.29
C GLY C 402 0.83 -24.51 10.12
N SER D 1 -3.35 -14.25 16.06
CA SER D 1 -3.14 -13.57 17.35
C SER D 1 -1.65 -13.33 17.64
N PHE D 2 -1.33 -12.37 18.50
CA PHE D 2 0.07 -12.12 18.84
C PHE D 2 0.17 -11.69 20.30
N ALA D 3 1.35 -11.92 20.89
CA ALA D 3 1.62 -11.51 22.26
C ALA D 3 3.00 -10.89 22.36
N LEU D 4 3.05 -9.76 23.11
CA LEU D 4 4.28 -9.07 23.44
C LEU D 4 4.63 -9.37 24.90
N GLY D 5 5.88 -9.76 25.15
CA GLY D 5 6.35 -10.09 26.49
C GLY D 5 7.44 -9.18 27.02
N LEU D 6 7.24 -8.64 28.23
CA LEU D 6 8.19 -7.76 28.89
C LEU D 6 8.64 -8.38 30.19
N ARG D 7 9.95 -8.27 30.48
CA ARG D 7 10.52 -8.70 31.74
C ARG D 7 10.11 -7.76 32.89
N LYS D 8 10.15 -8.28 34.13
CA LYS D 8 9.85 -7.44 35.30
C LYS D 8 10.87 -6.32 35.42
N ASP D 9 12.16 -6.64 35.24
CA ASP D 9 13.24 -5.65 35.26
C ASP D 9 13.18 -4.65 34.12
N CYS D 10 12.23 -4.80 33.20
CA CYS D 10 12.09 -3.84 32.11
C CYS D 10 11.31 -2.65 32.64
N ARG D 11 11.91 -1.46 32.51
CA ARG D 11 11.32 -0.21 32.99
C ARG D 11 10.20 0.32 32.08
N ALA D 12 9.79 -0.43 31.05
CA ALA D 12 8.68 -0.04 30.20
C ALA D 12 7.38 -0.59 30.77
N GLU D 13 6.30 0.15 30.56
CA GLU D 13 5.00 -0.18 31.13
C GLU D 13 3.95 -0.16 30.02
N ILE D 14 3.18 -1.24 29.93
CA ILE D 14 2.09 -1.31 28.97
C ILE D 14 1.14 -0.12 29.15
N VAL D 15 0.72 0.45 28.02
CA VAL D 15 -0.17 1.60 28.05
C VAL D 15 -1.54 1.17 28.53
N GLU D 16 -2.06 1.87 29.56
CA GLU D 16 -3.20 1.37 30.33
C GLU D 16 -4.45 1.17 29.47
N LYS D 17 -4.66 1.97 28.42
CA LYS D 17 -5.93 1.82 27.70
C LYS D 17 -6.05 0.43 27.07
N PHE D 18 -4.93 -0.25 26.83
CA PHE D 18 -4.95 -1.57 26.23
C PHE D 18 -5.26 -2.69 27.22
N THR D 19 -5.31 -2.39 28.53
CA THR D 19 -5.80 -3.42 29.43
C THR D 19 -7.31 -3.63 29.32
N GLU D 20 -8.04 -2.76 28.58
CA GLU D 20 -9.46 -2.99 28.35
C GLU D 20 -9.62 -3.83 27.08
N PRO D 21 -10.11 -5.05 27.17
CA PRO D 21 -10.34 -5.86 25.97
C PRO D 21 -11.20 -5.10 24.97
N GLY D 22 -10.91 -5.31 23.68
CA GLY D 22 -11.66 -4.70 22.61
C GLY D 22 -11.11 -3.37 22.11
N THR D 23 -10.15 -2.77 22.81
CA THR D 23 -9.56 -1.52 22.36
C THR D 23 -8.80 -1.71 21.05
N VAL D 24 -8.96 -0.75 20.14
CA VAL D 24 -8.31 -0.83 18.83
C VAL D 24 -6.81 -0.61 18.99
N ILE D 25 -6.03 -1.49 18.38
CA ILE D 25 -4.57 -1.42 18.38
C ILE D 25 -4.14 -1.12 16.95
N ARG D 26 -3.74 0.11 16.69
CA ARG D 26 -3.23 0.49 15.38
C ARG D 26 -1.77 0.07 15.29
N ILE D 27 -1.44 -0.74 14.29
CA ILE D 27 -0.07 -1.22 14.17
C ILE D 27 0.88 -0.02 14.14
N ASN D 28 2.07 -0.21 14.73
CA ASN D 28 3.11 0.81 14.92
C ASN D 28 2.76 1.83 15.99
N GLU D 29 1.54 1.85 16.52
CA GLU D 29 1.28 2.81 17.59
C GLU D 29 1.91 2.32 18.90
N VAL D 30 2.01 3.22 19.88
CA VAL D 30 2.73 2.92 21.13
C VAL D 30 1.86 2.05 22.02
N VAL D 31 2.36 0.86 22.38
CA VAL D 31 1.67 0.00 23.34
C VAL D 31 2.40 -0.11 24.67
N ALA D 32 3.68 0.24 24.73
CA ALA D 32 4.39 0.32 26.00
C ALA D 32 5.48 1.38 25.88
N ALA D 33 5.80 2.02 27.00
CA ALA D 33 6.75 3.12 27.03
C ALA D 33 7.46 3.14 28.38
N LEU D 34 8.69 3.66 28.37
CA LEU D 34 9.50 3.79 29.58
C LEU D 34 8.91 4.78 30.61
N ASN E 53 19.67 12.67 -16.91
CA ASN E 53 19.60 11.32 -16.34
C ASN E 53 20.00 10.27 -17.35
N GLU E 54 19.19 10.01 -18.41
CA GLU E 54 19.74 9.15 -19.46
C GLU E 54 20.72 9.92 -20.33
N PHE E 55 20.31 11.10 -20.77
CA PHE E 55 21.04 11.84 -21.79
C PHE E 55 21.50 13.14 -21.20
N GLY E 56 22.81 13.35 -21.25
CA GLY E 56 23.47 14.53 -20.75
C GLY E 56 23.67 14.49 -19.24
N LEU E 57 23.76 15.68 -18.73
CA LEU E 57 24.13 15.99 -17.35
C LEU E 57 22.88 16.08 -16.49
N MET E 58 22.93 15.53 -15.28
CA MET E 58 21.79 15.65 -14.39
C MET E 58 21.57 17.10 -13.98
N GLN E 59 20.30 17.47 -13.78
CA GLN E 59 19.94 18.87 -13.56
C GLN E 59 20.77 19.57 -12.49
N PRO E 60 21.04 18.99 -11.31
CA PRO E 60 21.87 19.71 -10.33
C PRO E 60 23.24 20.11 -10.87
N ILE E 61 23.87 19.25 -11.69
CA ILE E 61 25.13 19.63 -12.32
C ILE E 61 24.91 20.72 -13.37
N GLN E 62 23.76 20.72 -14.04
CA GLN E 62 23.51 21.77 -15.02
C GLN E 62 23.35 23.12 -14.33
N GLU E 63 22.61 23.15 -13.20
CA GLU E 63 22.48 24.39 -12.43
C GLU E 63 23.82 24.83 -11.86
N PHE E 64 24.65 23.85 -11.43
CA PHE E 64 26.01 24.13 -10.99
C PHE E 64 26.81 24.82 -12.07
N LYS E 65 26.86 24.22 -13.27
CA LYS E 65 27.55 24.83 -14.41
C LYS E 65 26.96 26.20 -14.75
N ALA E 66 25.63 26.32 -14.71
CA ALA E 66 25.02 27.61 -15.03
C ALA E 66 25.43 28.67 -14.01
N PHE E 67 25.63 28.26 -12.76
CA PHE E 67 26.04 29.21 -11.74
C PHE E 67 27.46 29.70 -12.01
N ILE E 68 28.38 28.76 -12.28
CA ILE E 68 29.76 29.12 -12.61
C ILE E 68 29.80 30.17 -13.71
N GLU E 69 28.95 29.99 -14.72
CA GLU E 69 28.91 30.86 -15.88
C GLU E 69 28.13 32.15 -15.62
N SER E 70 27.31 32.19 -14.56
CA SER E 70 26.48 33.35 -14.29
C SER E 70 27.23 34.55 -13.72
N ASP E 71 28.46 34.37 -13.23
CA ASP E 71 29.20 35.43 -12.56
C ASP E 71 30.61 35.45 -13.14
N PRO E 72 31.02 36.53 -13.79
CA PRO E 72 32.34 36.54 -14.44
C PRO E 72 33.51 36.30 -13.49
N VAL E 73 33.40 36.72 -12.22
CA VAL E 73 34.48 36.47 -11.27
C VAL E 73 34.57 34.99 -10.93
N VAL E 74 33.42 34.37 -10.62
CA VAL E 74 33.36 32.94 -10.36
C VAL E 74 33.89 32.17 -11.56
N HIS E 75 33.38 32.51 -12.75
CA HIS E 75 33.82 31.88 -13.99
C HIS E 75 35.34 31.95 -14.14
N GLN E 76 35.92 33.13 -13.91
CA GLN E 76 37.36 33.27 -14.03
C GLN E 76 38.08 32.36 -13.04
N GLU E 77 37.56 32.25 -11.80
CA GLU E 77 38.13 31.34 -10.83
C GLU E 77 38.11 29.90 -11.35
N PHE E 78 37.02 29.50 -12.02
CA PHE E 78 36.93 28.15 -12.58
C PHE E 78 37.70 28.00 -13.88
N ILE E 79 38.40 29.03 -14.32
CA ILE E 79 39.40 28.88 -15.36
C ILE E 79 40.80 28.84 -14.77
N ASP E 80 41.13 29.87 -13.97
CA ASP E 80 42.49 29.97 -13.43
C ASP E 80 42.88 28.75 -12.61
N MET E 81 41.92 28.14 -11.91
CA MET E 81 42.23 27.00 -11.04
C MET E 81 42.74 25.79 -11.83
N PHE E 82 42.51 25.74 -13.15
CA PHE E 82 42.96 24.62 -13.99
C PHE E 82 44.30 24.88 -14.66
N GLU E 83 44.93 26.03 -14.40
CA GLU E 83 46.09 26.47 -15.17
C GLU E 83 47.15 25.39 -15.23
N GLY E 84 47.50 25.00 -16.46
CA GLY E 84 48.53 24.01 -16.68
C GLY E 84 48.21 22.58 -16.31
N ILE E 85 46.98 22.30 -15.92
CA ILE E 85 46.58 20.94 -15.60
C ILE E 85 46.46 20.14 -16.89
N GLN E 86 47.28 19.11 -16.99
CA GLN E 86 47.33 18.31 -18.20
C GLN E 86 46.38 17.10 -18.14
N ASP E 87 45.96 16.67 -16.96
CA ASP E 87 45.10 15.51 -16.82
C ASP E 87 43.64 15.89 -16.68
N SER E 88 42.80 14.88 -16.79
CA SER E 88 41.36 15.04 -16.64
C SER E 88 41.01 15.12 -15.15
N PRO E 89 40.23 16.15 -14.72
CA PRO E 89 39.59 17.22 -15.49
C PRO E 89 40.55 18.35 -15.90
N ARG E 90 40.45 18.85 -17.13
CA ARG E 90 41.27 19.97 -17.56
C ARG E 90 40.51 21.30 -17.58
N ASN E 91 39.18 21.28 -17.47
CA ASN E 91 38.42 22.52 -17.40
C ASN E 91 37.19 22.23 -16.58
N TYR E 92 36.39 23.28 -16.41
CA TYR E 92 35.20 23.10 -15.60
C TYR E 92 34.17 22.24 -16.33
N GLN E 93 34.22 22.18 -17.66
CA GLN E 93 33.26 21.32 -18.36
C GLN E 93 33.57 19.85 -18.12
N GLU E 94 34.85 19.46 -18.15
CA GLU E 94 35.20 18.07 -17.86
C GLU E 94 34.90 17.76 -16.39
N LEU E 95 35.15 18.72 -15.51
CA LEU E 95 34.80 18.54 -14.11
C LEU E 95 33.33 18.16 -13.99
N CYS E 96 32.44 18.92 -14.64
CA CYS E 96 31.02 18.62 -14.58
C CYS E 96 30.70 17.24 -15.15
N ASN E 97 31.40 16.85 -16.23
CA ASN E 97 31.13 15.53 -16.82
C ASN E 97 31.56 14.41 -15.89
N MET E 98 32.73 14.57 -15.23
CA MET E 98 33.18 13.56 -14.30
C MET E 98 32.27 13.49 -13.07
N PHE E 99 31.76 14.64 -12.60
CA PHE E 99 30.76 14.62 -11.53
C PHE E 99 29.56 13.76 -11.93
N ASN E 100 29.13 13.90 -13.19
CA ASN E 100 27.96 13.17 -13.68
C ASN E 100 28.20 11.66 -13.65
N ASP E 101 29.43 11.20 -13.89
CA ASP E 101 29.75 9.79 -13.70
C ASP E 101 29.78 9.43 -12.22
N ILE E 102 30.52 10.21 -11.42
CA ILE E 102 30.77 9.85 -10.02
C ILE E 102 29.46 9.72 -9.26
N PHE E 103 28.53 10.67 -9.45
CA PHE E 103 27.29 10.73 -8.68
C PHE E 103 26.30 9.64 -9.08
N ARG E 104 26.64 8.79 -10.05
CA ARG E 104 25.77 7.75 -10.53
C ARG E 104 26.23 6.37 -10.05
N LYS E 105 27.30 6.32 -9.28
CA LYS E 105 27.81 5.05 -8.80
C LYS E 105 28.42 5.22 -7.42
N ALA E 106 28.53 4.11 -6.70
CA ALA E 106 29.06 4.11 -5.36
C ALA E 106 30.58 4.08 -5.37
N PRO E 107 31.23 4.58 -4.32
CA PRO E 107 32.69 4.55 -4.27
C PRO E 107 33.20 3.12 -4.13
N VAL E 108 34.47 2.92 -4.46
CA VAL E 108 35.12 1.63 -4.33
C VAL E 108 36.36 1.79 -3.45
N TYR E 109 36.89 0.64 -3.02
CA TYR E 109 38.07 0.64 -2.15
C TYR E 109 39.35 0.78 -2.99
N GLY E 110 40.31 1.55 -2.48
CA GLY E 110 41.55 1.68 -3.21
C GLY E 110 42.23 3.03 -3.18
N ASP E 111 41.49 4.13 -3.29
CA ASP E 111 42.12 5.43 -3.38
C ASP E 111 42.41 6.00 -2.00
N LEU E 112 43.35 6.98 -1.97
CA LEU E 112 43.69 7.73 -0.76
C LEU E 112 42.43 8.29 -0.09
N GLY E 113 41.56 8.91 -0.90
CA GLY E 113 40.36 9.54 -0.41
C GLY E 113 39.17 9.24 -1.30
N PRO E 114 38.01 9.80 -0.94
CA PRO E 114 36.79 9.56 -1.74
C PRO E 114 36.89 10.20 -3.12
N PRO E 115 35.99 9.81 -4.04
CA PRO E 115 36.25 10.12 -5.46
C PRO E 115 36.17 11.59 -5.84
N VAL E 116 35.26 12.37 -5.23
CA VAL E 116 35.22 13.80 -5.53
C VAL E 116 36.49 14.48 -5.02
N TYR E 117 36.92 14.16 -3.80
CA TYR E 117 38.19 14.70 -3.33
C TYR E 117 39.32 14.41 -4.33
N MET E 118 39.42 13.16 -4.80
CA MET E 118 40.53 12.78 -5.67
C MET E 118 40.62 13.68 -6.91
N ILE E 119 39.50 13.91 -7.60
CA ILE E 119 39.57 14.79 -8.77
C ILE E 119 39.58 16.28 -8.41
N MET E 120 39.32 16.66 -7.15
CA MET E 120 39.32 18.07 -6.74
C MET E 120 40.63 18.54 -6.13
N ALA E 121 41.49 17.61 -5.69
CA ALA E 121 42.61 18.00 -4.83
C ALA E 121 43.53 18.99 -5.52
N LYS E 122 43.78 18.80 -6.83
CA LYS E 122 44.66 19.74 -7.53
C LYS E 122 44.03 21.13 -7.59
N LEU E 123 42.72 21.21 -7.80
CA LEU E 123 42.02 22.51 -7.81
C LEU E 123 42.04 23.18 -6.44
N MET E 124 41.71 22.42 -5.39
CA MET E 124 41.75 22.97 -4.04
C MET E 124 43.10 23.58 -3.70
N ASN E 125 44.16 23.11 -4.34
CA ASN E 125 45.51 23.53 -4.03
C ASN E 125 45.95 24.77 -4.80
N THR E 126 45.02 25.59 -5.28
CA THR E 126 45.34 26.82 -5.95
C THR E 126 44.66 27.98 -5.23
N ARG E 127 45.14 29.22 -5.45
CA ARG E 127 44.40 30.37 -4.87
C ARG E 127 43.04 30.53 -5.55
N ALA E 128 43.00 30.33 -6.89
CA ALA E 128 41.71 30.46 -7.57
C ALA E 128 40.70 29.47 -7.00
N GLY E 129 41.13 28.22 -6.74
CA GLY E 129 40.21 27.22 -6.22
C GLY E 129 39.73 27.55 -4.81
N PHE E 130 40.67 27.94 -3.93
CA PHE E 130 40.27 28.35 -2.59
C PHE E 130 39.27 29.51 -2.62
N SER E 131 39.50 30.53 -3.45
CA SER E 131 38.52 31.61 -3.59
C SER E 131 37.14 31.07 -3.94
N ALA E 132 37.06 30.25 -4.99
CA ALA E 132 35.78 29.73 -5.43
C ALA E 132 35.10 28.95 -4.31
N PHE E 133 35.87 28.07 -3.66
CA PHE E 133 35.35 27.13 -2.67
C PHE E 133 35.05 27.80 -1.32
N THR E 134 35.33 29.09 -1.18
CA THR E 134 34.95 29.82 0.03
C THR E 134 33.85 30.84 -0.25
N ARG E 135 33.04 30.61 -1.29
CA ARG E 135 31.83 31.39 -1.55
C ARG E 135 30.62 30.58 -1.12
N GLN E 136 29.84 31.13 -0.18
CA GLN E 136 28.64 30.44 0.28
C GLN E 136 27.71 30.10 -0.87
N ARG E 137 27.65 30.99 -1.88
CA ARG E 137 26.76 30.74 -3.01
C ARG E 137 27.13 29.45 -3.75
N LEU E 138 28.42 29.28 -4.11
CA LEU E 138 28.88 28.03 -4.73
C LEU E 138 28.65 26.83 -3.81
N ASN E 139 28.93 26.97 -2.52
CA ASN E 139 28.81 25.83 -1.63
C ASN E 139 27.36 25.35 -1.53
N LEU E 140 26.38 26.25 -1.74
CA LEU E 140 24.99 25.80 -1.85
C LEU E 140 24.83 24.76 -2.94
N HIS E 141 25.56 24.92 -4.05
CA HIS E 141 25.45 23.95 -5.15
C HIS E 141 26.13 22.64 -4.81
N PHE E 142 27.34 22.69 -4.22
CA PHE E 142 27.97 21.45 -3.76
C PHE E 142 27.05 20.70 -2.82
N LYS E 143 26.36 21.41 -1.93
CA LYS E 143 25.42 20.76 -1.04
C LYS E 143 24.39 19.98 -1.84
N LYS E 144 23.74 20.62 -2.82
CA LYS E 144 22.74 19.91 -3.61
C LYS E 144 23.35 18.76 -4.41
N LEU E 145 24.55 18.95 -4.97
CA LEU E 145 25.19 17.86 -5.69
C LEU E 145 25.35 16.63 -4.78
N PHE E 146 25.94 16.83 -3.60
CA PHE E 146 26.22 15.69 -2.73
C PHE E 146 24.96 15.11 -2.11
N ASP E 147 23.96 15.96 -1.80
CA ASP E 147 22.69 15.40 -1.35
C ASP E 147 22.08 14.52 -2.43
N THR E 148 22.13 14.97 -3.68
CA THR E 148 21.62 14.17 -4.79
C THR E 148 22.35 12.83 -4.86
N TRP E 149 23.69 12.88 -4.78
CA TRP E 149 24.50 11.66 -4.79
C TRP E 149 24.09 10.75 -3.64
N GLY E 150 23.88 11.32 -2.45
CA GLY E 150 23.57 10.50 -1.28
C GLY E 150 22.27 9.76 -1.41
N LEU E 151 21.32 10.29 -2.19
CA LEU E 151 20.11 9.57 -2.52
C LEU E 151 20.42 8.22 -3.16
N PHE E 152 21.23 8.26 -4.22
CA PHE E 152 21.65 7.03 -4.86
C PHE E 152 22.36 6.10 -3.88
N LEU E 153 23.16 6.66 -2.97
CA LEU E 153 23.94 5.82 -2.07
C LEU E 153 23.09 5.22 -0.94
N SER E 154 21.82 5.59 -0.86
CA SER E 154 20.85 5.00 0.05
C SER E 154 19.96 3.98 -0.63
N SER E 155 20.12 3.78 -1.94
CA SER E 155 19.25 2.98 -2.77
C SER E 155 19.82 1.59 -2.97
N LYS E 156 18.92 0.61 -3.23
CA LYS E 156 19.37 -0.77 -3.39
C LYS E 156 20.44 -0.89 -4.47
N ASP E 157 20.39 0.00 -5.48
CA ASP E 157 21.32 -0.07 -6.61
C ASP E 157 22.76 0.22 -6.22
N SER E 158 22.98 0.95 -5.12
CA SER E 158 24.35 1.22 -4.69
C SER E 158 25.01 0.00 -4.04
N ARG E 159 24.30 -1.13 -3.89
CA ARG E 159 24.92 -2.32 -3.31
C ARG E 159 25.96 -2.96 -4.23
N ASN E 160 25.98 -2.61 -5.52
CA ASN E 160 26.83 -3.32 -6.47
C ASN E 160 28.32 -3.21 -6.16
N VAL E 161 28.75 -2.27 -5.32
CA VAL E 161 30.15 -2.25 -4.88
C VAL E 161 30.38 -3.13 -3.66
N LEU E 162 29.32 -3.67 -3.07
CA LEU E 162 29.42 -4.52 -1.89
C LEU E 162 29.64 -5.97 -2.34
N VAL E 163 30.84 -6.19 -2.90
CA VAL E 163 31.21 -7.43 -3.56
C VAL E 163 32.70 -7.64 -3.33
N ALA E 164 33.20 -8.83 -3.67
CA ALA E 164 34.62 -9.09 -3.55
C ALA E 164 35.38 -8.83 -4.85
N ASP E 165 34.67 -8.70 -5.97
CA ASP E 165 35.25 -8.48 -7.29
C ASP E 165 36.39 -7.46 -7.24
N GLN E 166 37.50 -7.81 -7.87
CA GLN E 166 38.53 -6.83 -8.18
C GLN E 166 38.11 -6.10 -9.44
N PHE E 167 38.17 -4.78 -9.43
CA PHE E 167 37.64 -3.95 -10.51
C PHE E 167 38.68 -3.51 -11.52
N ASP E 168 39.93 -3.35 -11.08
CA ASP E 168 41.07 -3.03 -11.94
C ASP E 168 42.33 -3.27 -11.13
N ASP E 169 43.47 -2.76 -11.57
CA ASP E 169 44.72 -3.08 -10.88
C ASP E 169 44.74 -2.48 -9.46
N ARG E 170 44.07 -1.34 -9.26
CA ARG E 170 44.19 -0.61 -7.99
C ARG E 170 42.90 -0.59 -7.15
N HIS E 171 41.75 -0.99 -7.69
CA HIS E 171 40.46 -0.87 -7.01
C HIS E 171 39.77 -2.22 -6.88
N CYS E 172 39.02 -2.37 -5.78
CA CYS E 172 38.24 -3.59 -5.56
C CYS E 172 36.97 -3.26 -4.79
N GLY E 173 36.08 -4.26 -4.70
CA GLY E 173 34.86 -4.12 -3.93
C GLY E 173 35.12 -4.16 -2.43
N TRP E 174 34.09 -3.77 -1.67
CA TRP E 174 34.22 -3.60 -0.23
C TRP E 174 34.20 -4.92 0.53
N LEU E 175 33.76 -6.01 -0.10
CA LEU E 175 33.78 -7.33 0.51
C LEU E 175 34.98 -8.17 0.06
N ASN E 176 35.83 -7.62 -0.81
CA ASN E 176 37.13 -8.20 -1.11
C ASN E 176 37.98 -8.28 0.16
N GLU E 177 38.81 -9.33 0.26
CA GLU E 177 39.51 -9.53 1.53
C GLU E 177 40.55 -8.44 1.78
N ARG E 178 41.10 -7.84 0.73
CA ARG E 178 42.00 -6.70 0.93
C ARG E 178 41.31 -5.60 1.73
N ALA E 179 40.04 -5.30 1.38
CA ALA E 179 39.30 -4.24 2.03
C ALA E 179 38.77 -4.69 3.39
N LEU E 180 38.21 -5.91 3.43
CA LEU E 180 37.79 -6.52 4.68
C LEU E 180 38.93 -6.51 5.72
N SER E 181 40.15 -6.82 5.28
CA SER E 181 41.29 -6.79 6.19
C SER E 181 41.57 -5.38 6.70
N ALA E 182 41.60 -4.40 5.79
CA ALA E 182 41.90 -3.02 6.18
C ALA E 182 40.92 -2.52 7.23
N MET E 183 39.64 -2.84 7.07
CA MET E 183 38.58 -2.34 7.95
C MET E 183 38.58 -2.94 9.35
N VAL E 184 39.31 -4.03 9.61
CA VAL E 184 39.39 -4.56 10.97
C VAL E 184 40.80 -4.51 11.52
N LYS E 185 41.68 -3.73 10.88
CA LYS E 185 43.05 -3.55 11.34
C LYS E 185 43.15 -3.33 12.86
N HIS E 186 42.26 -2.50 13.42
CA HIS E 186 42.34 -2.13 14.83
C HIS E 186 41.38 -2.91 15.72
N TYR E 187 40.92 -4.07 15.26
CA TYR E 187 39.99 -4.85 16.07
C TYR E 187 40.63 -6.12 16.58
N ASN E 188 41.95 -6.18 16.57
CA ASN E 188 42.67 -7.12 17.40
C ASN E 188 42.39 -8.57 16.97
N GLY E 189 42.54 -8.83 15.67
CA GLY E 189 42.36 -10.17 15.15
C GLY E 189 40.93 -10.60 14.85
N ARG E 190 39.92 -9.94 15.42
CA ARG E 190 38.54 -10.24 15.04
C ARG E 190 38.26 -9.86 13.58
N ALA E 191 37.35 -10.61 12.97
CA ALA E 191 37.04 -10.48 11.56
C ALA E 191 35.85 -9.55 11.35
N PHE E 192 35.69 -9.10 10.10
CA PHE E 192 34.69 -8.08 9.77
C PHE E 192 33.29 -8.47 10.25
N ASP E 193 32.87 -9.70 9.97
CA ASP E 193 31.52 -10.15 10.32
C ASP E 193 31.36 -10.45 11.81
N GLU E 194 32.46 -10.61 12.55
CA GLU E 194 32.37 -10.63 14.01
C GLU E 194 32.18 -9.22 14.56
N VAL E 195 32.98 -8.26 14.07
CA VAL E 195 32.99 -6.89 14.59
C VAL E 195 31.69 -6.16 14.24
N PHE E 196 31.30 -6.18 12.97
CA PHE E 196 30.16 -5.41 12.52
C PHE E 196 28.97 -6.31 12.28
N LEU E 197 27.77 -5.76 12.48
CA LEU E 197 26.51 -6.48 12.32
C LEU E 197 26.21 -6.64 10.84
N CYS E 198 26.33 -7.86 10.34
CA CYS E 198 26.03 -8.13 8.95
C CYS E 198 25.67 -9.61 8.83
N ASP E 199 25.59 -10.10 7.60
CA ASP E 199 25.37 -11.50 7.29
C ASP E 199 26.41 -11.93 6.26
N LYS E 200 27.45 -12.66 6.70
CA LYS E 200 28.53 -13.00 5.77
C LYS E 200 28.09 -13.96 4.68
N ASN E 201 26.92 -14.59 4.83
CA ASN E 201 26.41 -15.54 3.85
C ASN E 201 25.38 -14.91 2.91
N ALA E 202 25.02 -13.75 3.15
CA ALA E 202 24.05 -13.09 2.29
C ALA E 202 24.75 -12.33 1.19
N PRO E 203 24.07 -12.11 0.06
CA PRO E 203 24.63 -11.19 -0.95
C PRO E 203 24.72 -9.79 -0.37
N TYR E 204 25.83 -9.12 -0.68
CA TYR E 204 26.15 -7.79 -0.18
C TYR E 204 26.31 -7.77 1.33
N TYR E 205 26.69 -8.91 1.92
CA TYR E 205 26.78 -9.06 3.37
C TYR E 205 25.51 -8.61 4.09
N GLY E 206 24.38 -8.57 3.39
CA GLY E 206 23.12 -8.20 4.02
C GLY E 206 22.82 -6.72 4.05
N PHE E 207 23.77 -5.86 3.67
CA PHE E 207 23.49 -4.43 3.64
C PHE E 207 22.57 -4.10 2.48
N ASN E 208 21.65 -3.16 2.69
CA ASN E 208 20.66 -2.83 1.66
C ASN E 208 21.05 -1.63 0.81
N SER E 209 22.24 -1.05 1.01
CA SER E 209 22.72 0.08 0.23
C SER E 209 24.16 0.34 0.66
N TYR E 210 24.83 1.22 -0.08
CA TYR E 210 26.18 1.58 0.31
C TYR E 210 26.19 2.32 1.64
N ASP E 211 25.28 3.29 1.79
CA ASP E 211 25.19 4.05 3.04
C ASP E 211 24.97 3.13 4.22
N ASP E 212 24.15 2.08 4.04
CA ASP E 212 23.95 1.09 5.09
C ASP E 212 25.28 0.44 5.49
N PHE E 213 26.11 0.10 4.51
CA PHE E 213 27.42 -0.47 4.80
C PHE E 213 28.34 0.56 5.44
N PHE E 214 28.34 1.78 4.90
CA PHE E 214 29.17 2.87 5.43
C PHE E 214 28.87 3.13 6.90
N ASN E 215 27.60 3.05 7.30
CA ASN E 215 27.19 3.27 8.68
C ASN E 215 26.83 1.98 9.41
N ARG E 216 27.57 0.91 9.10
CA ARG E 216 27.37 -0.37 9.76
C ARG E 216 27.52 -0.25 11.27
N ARG E 217 26.78 -1.07 11.97
CA ARG E 217 26.74 -1.03 13.42
C ARG E 217 27.71 -2.05 14.00
N PHE E 218 28.09 -1.85 15.27
CA PHE E 218 28.90 -2.90 15.90
C PHE E 218 28.01 -4.07 16.29
N ARG E 219 28.48 -5.30 16.04
CA ARG E 219 27.71 -6.47 16.46
C ARG E 219 27.70 -6.63 17.96
N ASN E 220 28.78 -6.24 18.63
CA ASN E 220 28.89 -6.45 20.06
C ASN E 220 29.95 -5.51 20.62
N ARG E 221 29.55 -4.27 20.91
CA ARG E 221 30.54 -3.27 21.33
C ARG E 221 31.24 -3.67 22.62
N ASP E 222 30.57 -4.42 23.50
CA ASP E 222 31.21 -4.82 24.77
C ASP E 222 32.41 -5.74 24.57
N ILE E 223 32.51 -6.42 23.43
CA ILE E 223 33.75 -7.14 23.12
C ILE E 223 34.77 -6.21 22.47
N ASP E 224 34.38 -5.58 21.35
CA ASP E 224 35.33 -4.89 20.47
C ASP E 224 35.60 -3.43 20.82
N ARG E 225 34.64 -2.69 21.36
CA ARG E 225 34.79 -1.26 21.66
C ARG E 225 34.06 -0.96 22.95
N PRO E 226 34.54 -1.50 24.07
CA PRO E 226 33.80 -1.35 25.33
C PRO E 226 33.81 0.08 25.83
N VAL E 227 32.73 0.44 26.53
CA VAL E 227 32.67 1.69 27.27
C VAL E 227 33.60 1.57 28.46
N VAL E 228 34.88 1.94 28.27
CA VAL E 228 35.94 1.66 29.24
C VAL E 228 35.59 2.24 30.60
N GLY E 229 35.71 1.41 31.63
CA GLY E 229 35.36 1.80 32.99
C GLY E 229 33.88 1.67 33.32
N GLY E 230 33.04 1.42 32.33
CA GLY E 230 31.61 1.22 32.52
C GLY E 230 30.83 2.51 32.56
N VAL E 231 29.59 2.44 32.05
CA VAL E 231 28.69 3.58 31.96
C VAL E 231 28.46 4.23 33.33
N ASN E 232 28.70 3.51 34.41
CA ASN E 232 28.46 4.03 35.76
C ASN E 232 29.56 4.94 36.28
N ASN E 233 30.76 4.90 35.70
CA ASN E 233 31.84 5.78 36.12
C ASN E 233 31.71 7.08 35.33
N THR E 234 31.24 8.13 35.97
CA THR E 234 30.97 9.37 35.26
C THR E 234 32.16 10.32 35.29
N THR E 235 33.30 9.87 35.80
CA THR E 235 34.52 10.66 35.76
C THR E 235 35.29 10.50 34.46
N LEU E 236 34.78 9.71 33.52
CA LEU E 236 35.48 9.36 32.28
C LEU E 236 34.73 9.93 31.08
N ILE E 237 35.48 10.42 30.10
CA ILE E 237 34.92 10.92 28.86
C ILE E 237 35.43 10.04 27.73
N SER E 238 34.49 9.48 26.96
CA SER E 238 34.79 8.54 25.88
C SER E 238 35.01 9.25 24.55
N ALA E 239 35.81 8.62 23.69
CA ALA E 239 35.95 9.03 22.31
C ALA E 239 34.63 8.88 21.57
N ALA E 240 34.19 9.94 20.87
CA ALA E 240 32.91 9.89 20.18
C ALA E 240 32.97 9.21 18.81
N CYS E 241 34.15 9.13 18.20
CA CYS E 241 34.31 8.57 16.86
C CYS E 241 35.54 7.69 16.85
N GLU E 242 35.41 6.55 16.16
CA GLU E 242 36.55 5.75 15.75
C GLU E 242 37.45 6.56 14.83
N SER E 243 38.66 6.91 15.28
CA SER E 243 39.44 7.92 14.57
C SER E 243 40.91 7.78 14.91
N LEU E 244 41.71 8.63 14.27
CA LEU E 244 43.10 8.88 14.62
C LEU E 244 43.21 10.26 15.27
N SER E 245 44.02 10.36 16.32
CA SER E 245 44.42 11.63 16.91
C SER E 245 44.86 12.61 15.81
N TYR E 246 44.35 13.83 15.84
CA TYR E 246 44.80 14.82 14.86
C TYR E 246 45.45 16.06 15.48
N ASN E 247 44.83 16.64 16.51
CA ASN E 247 45.38 17.81 17.18
C ASN E 247 44.75 17.90 18.56
N VAL E 248 45.54 18.37 19.53
CA VAL E 248 45.03 18.84 20.81
C VAL E 248 45.50 20.28 21.00
N SER E 249 44.59 21.15 21.44
CA SER E 249 44.95 22.53 21.71
C SER E 249 44.44 22.91 23.09
N TYR E 250 45.28 23.63 23.83
CA TYR E 250 44.93 24.15 25.14
C TYR E 250 44.78 25.66 25.06
N ASP E 251 44.02 26.19 26.02
CA ASP E 251 43.79 27.63 26.15
C ASP E 251 43.31 28.21 24.82
N VAL E 252 42.21 27.66 24.30
CA VAL E 252 41.71 28.07 23.00
C VAL E 252 40.99 29.41 23.12
N GLN E 253 40.91 30.10 21.98
CA GLN E 253 40.49 31.49 21.94
C GLN E 253 39.68 31.75 20.66
N SER E 254 39.21 32.98 20.51
CA SER E 254 38.56 33.42 19.29
C SER E 254 39.46 34.37 18.49
N LEU E 255 39.34 34.29 17.18
CA LEU E 255 40.08 35.14 16.25
C LEU E 255 39.12 36.02 15.47
N ASP E 256 39.60 37.19 15.05
CA ASP E 256 38.75 38.05 14.24
C ASP E 256 38.75 37.63 12.76
N THR E 257 39.87 37.09 12.25
CA THR E 257 39.93 36.48 10.93
C THR E 257 40.76 35.20 10.99
N LEU E 258 40.54 34.34 9.99
CA LEU E 258 41.30 33.09 9.87
C LEU E 258 42.35 33.24 8.76
N VAL E 259 43.34 34.09 9.06
CA VAL E 259 44.39 34.47 8.13
C VAL E 259 45.71 34.42 8.88
N PHE E 260 46.72 33.76 8.27
CA PHE E 260 48.10 33.79 8.75
C PHE E 260 48.22 33.15 10.11
N LYS E 261 47.20 32.46 10.56
CA LYS E 261 47.23 31.73 11.82
C LYS E 261 46.71 30.32 11.58
N GLY E 262 46.82 29.87 10.30
CA GLY E 262 46.31 28.59 9.88
C GLY E 262 46.53 27.51 10.91
N GLU E 263 45.56 26.62 11.03
CA GLU E 263 45.68 25.49 11.96
C GLU E 263 45.64 25.98 13.40
N THR E 264 44.88 27.06 13.62
CA THR E 264 44.46 27.52 14.93
C THR E 264 42.94 27.49 15.00
N TYR E 265 42.39 27.03 16.10
CA TYR E 265 40.95 27.18 16.29
C TYR E 265 40.60 28.63 16.60
N SER E 266 39.40 29.01 16.16
CA SER E 266 38.74 30.24 16.60
C SER E 266 37.37 29.84 17.12
N LEU E 267 37.20 29.86 18.45
CA LEU E 267 35.95 29.40 19.06
C LEU E 267 34.73 30.06 18.44
N LYS E 268 34.78 31.40 18.31
CA LYS E 268 33.69 32.16 17.69
C LYS E 268 33.29 31.58 16.33
N HIS E 269 34.28 31.13 15.53
CA HIS E 269 33.99 30.53 14.23
C HIS E 269 33.56 29.07 14.37
N LEU E 270 34.41 28.24 14.97
CA LEU E 270 34.08 26.82 15.19
C LEU E 270 32.64 26.66 15.69
N LEU E 271 32.28 27.37 16.76
CA LEU E 271 30.95 27.27 17.35
C LEU E 271 29.94 28.23 16.75
N ASN E 272 30.29 28.92 15.67
CA ASN E 272 29.33 29.73 14.90
C ASN E 272 28.63 30.77 15.79
N ASN E 273 29.43 31.46 16.63
CA ASN E 273 28.96 32.55 17.49
C ASN E 273 27.86 32.11 18.45
N ASP E 274 27.89 30.87 18.92
CA ASP E 274 26.85 30.43 19.84
C ASP E 274 26.92 31.23 21.15
N PRO E 275 25.78 31.53 21.77
CA PRO E 275 25.82 32.11 23.13
C PRO E 275 26.68 31.35 24.13
N PHE E 276 26.84 30.02 24.01
CA PHE E 276 27.73 29.28 24.91
C PHE E 276 29.21 29.56 24.66
N THR E 277 29.57 30.17 23.53
CA THR E 277 30.97 30.33 23.17
C THR E 277 31.85 30.87 24.30
N PRO E 278 31.45 31.91 25.04
CA PRO E 278 32.36 32.43 26.08
C PRO E 278 32.74 31.40 27.14
N GLN E 279 31.86 30.44 27.45
CA GLN E 279 32.15 29.43 28.46
C GLN E 279 33.36 28.56 28.11
N PHE E 280 33.70 28.46 26.82
CA PHE E 280 34.78 27.61 26.34
C PHE E 280 36.05 28.40 26.06
N GLU E 281 36.00 29.71 26.23
CA GLU E 281 37.21 30.52 26.17
C GLU E 281 38.23 30.00 27.18
N HIS E 282 39.48 29.81 26.72
CA HIS E 282 40.60 29.27 27.49
C HIS E 282 40.48 27.77 27.74
N GLY E 283 39.46 27.10 27.21
CA GLY E 283 39.30 25.66 27.39
C GLY E 283 40.21 24.86 26.47
N SER E 284 39.90 23.59 26.25
CA SER E 284 40.76 22.74 25.44
C SER E 284 39.92 21.95 24.44
N ILE E 285 40.58 21.53 23.37
CA ILE E 285 39.92 20.83 22.26
C ILE E 285 40.80 19.66 21.85
N LEU E 286 40.18 18.50 21.71
CA LEU E 286 40.77 17.32 21.08
C LEU E 286 40.03 17.06 19.78
N GLN E 287 40.78 16.86 18.68
CA GLN E 287 40.19 16.65 17.35
C GLN E 287 40.74 15.38 16.74
N GLY E 288 39.83 14.54 16.23
CA GLY E 288 40.20 13.31 15.54
C GLY E 288 39.84 13.29 14.06
N PHE E 289 40.51 12.43 13.31
CA PHE E 289 40.27 12.24 11.89
C PHE E 289 39.82 10.81 11.67
N LEU E 290 38.71 10.64 10.94
CA LEU E 290 38.19 9.32 10.60
C LEU E 290 38.67 8.94 9.19
N ASN E 291 39.40 7.82 9.06
CA ASN E 291 39.79 7.29 7.75
C ASN E 291 38.55 6.93 6.93
N VAL E 292 38.77 6.75 5.62
CA VAL E 292 37.62 6.47 4.76
C VAL E 292 37.02 5.11 5.09
N THR E 293 37.82 4.18 5.61
CA THR E 293 37.33 2.84 5.96
C THR E 293 36.87 2.70 7.41
N ALA E 294 36.81 3.79 8.18
CA ALA E 294 36.50 3.67 9.59
C ALA E 294 34.99 3.60 9.85
N TYR E 295 34.64 3.08 11.01
CA TYR E 295 33.29 3.19 11.52
C TYR E 295 32.92 4.67 11.57
N HIS E 296 31.76 5.02 11.01
CA HIS E 296 31.42 6.44 10.86
C HIS E 296 30.21 6.87 11.69
N ARG E 297 29.86 6.14 12.75
CA ARG E 297 28.80 6.62 13.63
C ARG E 297 29.39 7.39 14.80
N TRP E 298 28.52 8.13 15.50
CA TRP E 298 28.89 8.92 16.66
C TRP E 298 28.33 8.26 17.91
N HIS E 299 29.14 8.22 18.96
CA HIS E 299 28.73 7.72 20.26
C HIS E 299 28.79 8.86 21.28
N ALA E 300 27.95 8.77 22.31
CA ALA E 300 27.90 9.80 23.35
C ALA E 300 29.16 9.72 24.21
N PRO E 301 29.86 10.83 24.41
CA PRO E 301 31.13 10.79 25.17
C PRO E 301 30.95 10.79 26.69
N VAL E 302 29.74 11.08 27.19
CA VAL E 302 29.44 11.16 28.61
C VAL E 302 27.98 10.73 28.82
N ASN E 303 27.65 10.40 30.06
CA ASN E 303 26.24 10.39 30.46
C ASN E 303 25.78 11.84 30.60
N GLY E 304 24.71 12.20 29.91
CA GLY E 304 24.28 13.57 30.00
C GLY E 304 23.06 13.86 29.15
N THR E 305 22.76 15.15 29.06
CA THR E 305 21.59 15.64 28.34
C THR E 305 22.02 16.46 27.13
N ILE E 306 21.34 16.23 26.00
CA ILE E 306 21.60 17.02 24.81
C ILE E 306 21.02 18.40 25.04
N VAL E 307 21.88 19.40 25.07
CA VAL E 307 21.42 20.76 25.32
C VAL E 307 20.97 21.44 24.04
N LYS E 308 21.72 21.28 22.95
CA LYS E 308 21.54 22.09 21.75
C LYS E 308 22.27 21.46 20.58
N ILE E 309 21.58 21.34 19.44
CA ILE E 309 22.13 20.82 18.20
C ILE E 309 21.98 21.91 17.14
N ILE E 310 23.09 22.31 16.52
CA ILE E 310 23.07 23.35 15.50
C ILE E 310 23.73 22.84 14.23
N ASN E 311 23.06 23.02 13.11
CA ASN E 311 23.62 22.61 11.83
C ASN E 311 24.08 23.86 11.08
N VAL E 312 25.37 23.88 10.73
CA VAL E 312 26.00 25.07 10.20
C VAL E 312 26.42 24.80 8.75
N PRO E 313 25.90 25.55 7.78
CA PRO E 313 26.42 25.44 6.41
C PRO E 313 27.84 25.96 6.34
N GLY E 314 28.62 25.40 5.42
CA GLY E 314 30.01 25.80 5.32
C GLY E 314 30.70 25.32 4.06
N THR E 315 32.02 25.23 4.15
CA THR E 315 32.84 24.78 3.04
C THR E 315 32.84 23.25 2.95
N TYR E 316 33.32 22.77 1.81
CA TYR E 316 33.60 21.38 1.43
C TYR E 316 35.03 21.20 0.93
N PHE E 317 35.58 22.19 0.22
CA PHE E 317 36.83 22.01 -0.49
C PHE E 317 37.87 23.06 -0.12
N ALA E 318 37.76 23.65 1.08
CA ALA E 318 38.69 24.69 1.52
C ALA E 318 39.81 24.07 2.33
N GLN E 319 41.04 24.14 1.81
CA GLN E 319 42.19 23.80 2.62
C GLN E 319 42.72 25.07 3.28
N ALA E 320 43.71 24.92 4.16
CA ALA E 320 44.29 26.08 4.83
C ALA E 320 45.10 26.91 3.83
N PRO E 321 44.88 28.22 3.76
CA PRO E 321 45.59 29.05 2.76
C PRO E 321 47.11 28.93 2.86
N SER E 322 47.67 28.76 4.06
CA SER E 322 49.11 28.56 4.23
C SER E 322 49.64 27.33 3.49
N THR E 323 48.79 26.36 3.15
CA THR E 323 49.23 25.15 2.44
C THR E 323 49.03 25.23 0.95
N ILE E 324 48.43 26.31 0.44
CA ILE E 324 48.16 26.39 -1.00
C ILE E 324 49.48 26.35 -1.74
N GLY E 325 49.61 25.37 -2.64
CA GLY E 325 50.83 25.19 -3.40
C GLY E 325 51.76 24.08 -2.92
N ASP E 326 51.61 23.62 -1.67
CA ASP E 326 52.39 22.50 -1.17
C ASP E 326 52.24 21.28 -2.09
N PRO E 327 53.23 20.40 -2.10
CA PRO E 327 53.13 19.22 -2.97
C PRO E 327 52.01 18.28 -2.56
N ILE E 328 51.33 17.71 -3.56
CA ILE E 328 50.35 16.66 -3.31
C ILE E 328 51.02 15.30 -3.53
N PRO E 329 51.41 14.59 -2.47
CA PRO E 329 52.18 13.36 -2.63
C PRO E 329 51.44 12.32 -3.46
N ASP E 330 52.21 11.58 -4.27
CA ASP E 330 51.69 10.49 -5.08
C ASP E 330 51.79 9.13 -4.41
N ASN E 331 51.83 9.12 -3.06
CA ASN E 331 51.90 7.92 -2.23
C ASN E 331 50.76 7.99 -1.22
N ASP E 332 50.49 6.99 -0.52
CA ASP E 332 49.26 7.09 0.29
C ASP E 332 49.59 7.21 1.78
N TYR E 333 50.72 7.90 2.10
CA TYR E 333 51.28 7.86 3.44
C TYR E 333 51.95 9.17 3.94
N ASP E 334 52.48 10.17 3.02
CA ASP E 334 52.64 11.62 3.20
C ASP E 334 51.32 12.35 3.06
N PRO E 335 50.94 13.16 4.04
CA PRO E 335 49.64 13.84 4.00
C PRO E 335 49.63 14.93 2.95
N PRO E 336 48.59 15.00 2.13
CA PRO E 336 48.44 16.12 1.19
C PRO E 336 47.96 17.36 1.91
N PRO E 337 48.00 18.53 1.24
CA PRO E 337 47.69 19.79 1.97
C PRO E 337 46.34 19.80 2.69
N TYR E 338 45.28 19.28 2.04
CA TYR E 338 43.98 19.22 2.69
C TYR E 338 44.03 18.46 4.01
N LEU E 339 44.68 17.28 4.04
CA LEU E 339 44.76 16.54 5.30
C LEU E 339 45.72 17.14 6.32
N LYS E 340 46.45 18.19 5.96
CA LYS E 340 47.14 19.02 6.94
C LYS E 340 46.34 20.26 7.36
N SER E 341 45.04 20.33 7.03
CA SER E 341 44.22 21.52 7.23
C SER E 341 43.05 21.34 8.20
N LEU E 342 42.95 20.19 8.87
CA LEU E 342 41.73 19.86 9.61
C LEU E 342 41.45 20.86 10.72
N VAL E 343 42.47 21.37 11.40
CA VAL E 343 42.18 22.37 12.43
C VAL E 343 41.63 23.63 11.79
N TYR E 344 42.28 24.10 10.73
CA TYR E 344 41.82 25.30 10.04
C TYR E 344 40.36 25.21 9.64
N PHE E 345 39.99 24.16 8.88
CA PHE E 345 38.66 24.17 8.27
C PHE E 345 37.57 23.66 9.20
N SER E 346 37.93 23.17 10.39
CA SER E 346 36.91 22.99 11.43
C SER E 346 36.19 24.30 11.71
N ASN E 347 36.87 25.44 11.46
CA ASN E 347 36.27 26.74 11.67
C ASN E 347 35.19 27.08 10.66
N ILE E 348 35.24 26.50 9.45
CA ILE E 348 34.41 26.99 8.36
C ILE E 348 33.66 25.90 7.59
N ALA E 349 34.01 24.63 7.82
CA ALA E 349 33.40 23.55 7.05
C ALA E 349 31.96 23.31 7.49
N ALA E 350 31.14 22.81 6.55
CA ALA E 350 29.84 22.28 6.92
C ALA E 350 29.98 21.31 8.10
N ARG E 351 29.21 21.56 9.15
CA ARG E 351 29.46 20.89 10.42
C ARG E 351 28.21 20.95 11.28
N GLN E 352 28.16 20.08 12.28
CA GLN E 352 27.11 20.11 13.29
C GLN E 352 27.74 20.26 14.65
N ILE E 353 27.23 21.23 15.42
CA ILE E 353 27.69 21.51 16.77
C ILE E 353 26.69 20.90 17.72
N MET E 354 27.18 20.17 18.73
CA MET E 354 26.29 19.55 19.71
C MET E 354 26.80 19.88 21.10
N PHE E 355 25.98 20.56 21.89
CA PHE E 355 26.30 20.86 23.29
C PHE E 355 25.66 19.83 24.20
N ILE E 356 26.45 19.28 25.11
CA ILE E 356 25.95 18.27 26.03
C ILE E 356 26.24 18.70 27.45
N GLU E 357 25.24 18.54 28.33
CA GLU E 357 25.43 18.77 29.76
C GLU E 357 25.68 17.43 30.45
N ALA E 358 26.94 17.19 30.82
CA ALA E 358 27.34 15.96 31.50
C ALA E 358 26.64 15.85 32.84
N ASP E 359 26.16 14.64 33.16
CA ASP E 359 25.56 14.39 34.47
C ASP E 359 26.55 14.74 35.59
N ASN E 360 27.83 14.47 35.38
CA ASN E 360 28.85 14.81 36.37
C ASN E 360 29.10 16.32 36.32
N LYS E 361 28.69 17.03 37.37
CA LYS E 361 28.81 18.49 37.41
C LYS E 361 30.25 18.96 37.27
N GLU E 362 31.23 18.14 37.62
CA GLU E 362 32.64 18.50 37.48
C GLU E 362 33.11 18.47 36.02
N ILE E 363 32.32 17.87 35.13
CA ILE E 363 32.58 17.92 33.70
C ILE E 363 31.69 18.96 33.03
N GLY E 364 30.42 18.96 33.39
CA GLY E 364 29.54 20.04 33.05
C GLY E 364 29.24 20.12 31.57
N LEU E 365 29.16 21.35 31.08
CA LEU E 365 28.86 21.59 29.68
C LEU E 365 30.08 21.25 28.84
N ILE E 366 29.88 20.42 27.82
CA ILE E 366 30.92 20.11 26.85
C ILE E 366 30.33 20.40 25.48
N PHE E 367 31.20 20.42 24.47
CA PHE E 367 30.69 20.46 23.12
C PHE E 367 31.38 19.41 22.25
N LEU E 368 30.65 18.99 21.23
CA LEU E 368 31.15 18.19 20.14
C LEU E 368 30.90 18.96 18.86
N VAL E 369 31.87 18.96 17.94
CA VAL E 369 31.64 19.44 16.58
C VAL E 369 31.95 18.30 15.62
N PHE E 370 30.98 17.91 14.81
CA PHE E 370 31.19 16.92 13.76
C PHE E 370 31.47 17.64 12.44
N ILE E 371 32.65 17.40 11.88
CA ILE E 371 33.23 18.26 10.83
C ILE E 371 33.22 17.50 9.51
N GLY E 372 32.52 18.04 8.52
CA GLY E 372 32.51 17.43 7.20
C GLY E 372 33.84 17.58 6.47
N MET E 373 34.06 16.71 5.50
CA MET E 373 35.22 16.77 4.63
C MET E 373 34.78 16.36 3.24
N THR E 374 34.97 17.26 2.27
CA THR E 374 34.53 17.10 0.88
C THR E 374 33.15 16.44 0.83
N GLU E 375 33.00 15.33 0.10
CA GLU E 375 31.68 14.75 -0.09
C GLU E 375 31.13 14.01 1.14
N ILE E 376 31.95 13.74 2.16
CA ILE E 376 31.41 13.14 3.38
C ILE E 376 31.15 14.26 4.39
N SER E 377 30.05 14.98 4.22
CA SER E 377 29.81 16.20 4.98
C SER E 377 28.41 16.30 5.56
N THR E 378 27.58 15.27 5.41
CA THR E 378 26.27 15.25 6.06
C THR E 378 26.40 14.73 7.50
N CYS E 379 25.82 15.49 8.44
CA CYS E 379 25.91 15.20 9.87
C CYS E 379 24.48 14.97 10.36
N GLU E 380 24.10 13.71 10.50
CA GLU E 380 22.78 13.37 11.01
C GLU E 380 22.86 13.08 12.51
N ALA E 381 22.18 13.90 13.30
CA ALA E 381 21.92 13.56 14.69
C ALA E 381 20.73 12.61 14.78
N THR E 382 20.87 11.56 15.58
CA THR E 382 19.74 10.69 15.91
C THR E 382 19.27 10.87 17.35
N VAL E 383 19.68 11.97 18.00
CA VAL E 383 19.20 12.35 19.31
C VAL E 383 18.53 13.71 19.19
N SER E 384 17.77 14.06 20.21
CA SER E 384 16.98 15.29 20.22
C SER E 384 17.43 16.17 21.36
N GLU E 385 17.24 17.47 21.20
CA GLU E 385 17.51 18.36 22.33
C GLU E 385 16.64 17.95 23.51
N GLY E 386 17.24 17.95 24.70
CA GLY E 386 16.56 17.54 25.91
C GLY E 386 16.69 16.07 26.25
N GLN E 387 16.99 15.22 25.28
CA GLN E 387 17.13 13.79 25.51
C GLN E 387 18.33 13.48 26.41
N HIS E 388 18.20 12.40 27.19
CA HIS E 388 19.31 11.90 27.99
C HIS E 388 19.96 10.73 27.27
N VAL E 389 21.29 10.62 27.41
CA VAL E 389 22.06 9.54 26.81
C VAL E 389 23.12 9.09 27.80
N ASN E 390 23.54 7.84 27.65
CA ASN E 390 24.66 7.26 28.39
C ASN E 390 25.87 7.17 27.48
N ARG E 391 27.05 7.35 28.09
CA ARG E 391 28.31 7.15 27.41
C ARG E 391 28.29 5.88 26.56
N GLY E 392 28.51 6.04 25.24
CA GLY E 392 28.53 4.94 24.29
C GLY E 392 27.28 4.77 23.45
N ASP E 393 26.20 5.48 23.77
CA ASP E 393 24.97 5.44 22.97
C ASP E 393 25.16 6.19 21.64
N ASP E 394 24.28 5.88 20.68
CA ASP E 394 24.33 6.59 19.40
C ASP E 394 24.01 8.07 19.59
N LEU E 395 24.83 8.95 19.00
CA LEU E 395 24.42 10.35 18.84
C LEU E 395 23.95 10.64 17.43
N GLY E 396 24.47 9.90 16.47
CA GLY E 396 24.17 10.14 15.08
C GLY E 396 25.28 9.55 14.23
N MET E 397 25.43 10.10 13.03
CA MET E 397 26.42 9.53 12.12
C MET E 397 26.70 10.49 10.98
N PHE E 398 27.80 10.20 10.28
CA PHE E 398 28.16 10.85 9.01
C PHE E 398 27.51 10.14 7.82
N HIS E 399 27.24 10.90 6.76
CA HIS E 399 26.86 10.31 5.48
C HIS E 399 27.58 11.05 4.36
N PHE E 400 27.78 10.36 3.25
CA PHE E 400 27.99 11.04 1.99
C PHE E 400 26.81 12.00 1.76
N GLY E 401 27.12 13.24 1.47
CA GLY E 401 26.11 14.25 1.26
C GLY E 401 26.65 15.62 1.64
N GLY E 402 25.77 16.62 1.54
CA GLY E 402 26.12 18.00 1.84
C GLY E 402 25.94 18.38 3.30
N SER F 1 35.50 14.15 10.25
CA SER F 1 36.30 14.60 11.40
C SER F 1 35.40 15.00 12.58
N PHE F 2 35.94 15.00 13.80
CA PHE F 2 35.15 15.42 14.96
C PHE F 2 36.05 16.12 15.97
N ALA F 3 35.44 16.99 16.79
CA ALA F 3 36.15 17.69 17.84
C ALA F 3 35.34 17.68 19.13
N LEU F 4 36.05 17.42 20.23
CA LEU F 4 35.51 17.49 21.59
C LEU F 4 36.03 18.75 22.25
N GLY F 5 35.11 19.53 22.85
CA GLY F 5 35.47 20.77 23.52
C GLY F 5 35.19 20.77 25.02
N LEU F 6 36.21 21.15 25.80
CA LEU F 6 36.14 21.23 27.25
C LEU F 6 36.38 22.66 27.72
N ARG F 7 35.59 23.11 28.69
CA ARG F 7 35.78 24.40 29.33
C ARG F 7 37.02 24.41 30.22
N LYS F 8 37.59 25.61 30.46
CA LYS F 8 38.73 25.72 31.38
C LYS F 8 38.35 25.30 32.78
N ASP F 9 37.18 25.74 33.25
CA ASP F 9 36.65 25.36 34.55
C ASP F 9 36.30 23.87 34.65
N CYS F 10 36.43 23.12 33.59
CA CYS F 10 36.16 21.69 33.64
C CYS F 10 37.40 21.00 34.20
N ARG F 11 37.21 20.24 35.29
CA ARG F 11 38.27 19.54 35.98
C ARG F 11 38.74 18.26 35.24
N ALA F 12 38.23 17.99 34.04
CA ALA F 12 38.69 16.86 33.24
C ALA F 12 39.85 17.29 32.35
N GLU F 13 40.76 16.35 32.11
CA GLU F 13 41.98 16.62 31.38
C GLU F 13 42.13 15.58 30.27
N ILE F 14 42.37 16.07 29.05
CA ILE F 14 42.60 15.19 27.91
C ILE F 14 43.75 14.24 28.22
N VAL F 15 43.57 12.97 27.84
CA VAL F 15 44.58 11.96 28.08
C VAL F 15 45.80 12.22 27.19
N GLU F 16 46.98 12.29 27.81
CA GLU F 16 48.17 12.84 27.14
C GLU F 16 48.54 12.09 25.88
N LYS F 17 48.31 10.77 25.80
CA LYS F 17 48.80 10.06 24.62
C LYS F 17 48.13 10.57 23.34
N PHE F 18 46.95 11.18 23.46
CA PHE F 18 46.25 11.69 22.29
C PHE F 18 46.76 13.05 21.83
N THR F 19 47.64 13.70 22.59
CA THR F 19 48.27 14.90 22.02
C THR F 19 49.28 14.57 20.93
N GLU F 20 49.65 13.28 20.74
CA GLU F 20 50.51 12.91 19.62
C GLU F 20 49.66 12.60 18.40
N PRO F 21 49.74 13.39 17.34
CA PRO F 21 48.98 13.08 16.12
C PRO F 21 49.26 11.65 15.66
N GLY F 22 48.23 11.02 15.11
CA GLY F 22 48.34 9.68 14.58
C GLY F 22 47.98 8.57 15.56
N THR F 23 47.85 8.88 16.84
CA THR F 23 47.47 7.87 17.83
C THR F 23 46.08 7.31 17.55
N VAL F 24 45.93 5.99 17.67
CA VAL F 24 44.65 5.35 17.42
C VAL F 24 43.67 5.70 18.54
N ILE F 25 42.46 6.11 18.14
CA ILE F 25 41.37 6.45 19.06
C ILE F 25 40.29 5.40 18.86
N ARG F 26 40.17 4.47 19.80
CA ARG F 26 39.12 3.47 19.75
C ARG F 26 37.85 4.08 20.31
N ILE F 27 36.78 4.06 19.51
CA ILE F 27 35.54 4.67 19.97
C ILE F 27 35.13 4.07 21.31
N ASN F 28 34.54 4.91 22.16
CA ASN F 28 34.13 4.61 23.53
C ASN F 28 35.31 4.52 24.50
N GLU F 29 36.56 4.54 24.02
CA GLU F 29 37.65 4.51 24.98
C GLU F 29 37.82 5.90 25.63
N VAL F 30 38.57 5.95 26.73
CA VAL F 30 38.67 7.18 27.52
C VAL F 30 39.62 8.16 26.83
N VAL F 31 39.12 9.35 26.51
CA VAL F 31 39.97 10.41 25.97
C VAL F 31 40.16 11.56 26.94
N ALA F 32 39.33 11.70 27.96
CA ALA F 32 39.55 12.68 29.01
C ALA F 32 38.96 12.14 30.31
N ALA F 33 39.56 12.54 31.43
CA ALA F 33 39.16 12.05 32.75
C ALA F 33 39.42 13.12 33.79
N LEU F 34 38.64 13.07 34.87
CA LEU F 34 38.77 14.00 35.99
C LEU F 34 40.09 13.84 36.76
N LEU G 57 -12.36 54.29 36.92
CA LEU G 57 -12.20 53.59 35.66
C LEU G 57 -10.81 53.84 35.09
N MET G 58 -10.18 52.80 34.55
CA MET G 58 -8.87 53.00 33.94
C MET G 58 -8.98 53.89 32.71
N GLN G 59 -7.93 54.68 32.47
CA GLN G 59 -7.97 55.70 31.43
C GLN G 59 -8.46 55.20 30.07
N PRO G 60 -8.02 54.05 29.55
CA PRO G 60 -8.55 53.61 28.24
C PRO G 60 -10.06 53.48 28.22
N ILE G 61 -10.67 53.00 29.32
CA ILE G 61 -12.13 52.94 29.40
C ILE G 61 -12.73 54.34 29.48
N GLN G 62 -12.04 55.25 30.16
CA GLN G 62 -12.51 56.63 30.22
C GLN G 62 -12.56 57.26 28.82
N GLU G 63 -11.47 57.08 28.04
CA GLU G 63 -11.43 57.60 26.67
C GLU G 63 -12.48 56.92 25.79
N PHE G 64 -12.69 55.61 26.03
CA PHE G 64 -13.75 54.87 25.35
C PHE G 64 -15.11 55.50 25.61
N LYS G 65 -15.46 55.69 26.89
CA LYS G 65 -16.70 56.36 27.26
C LYS G 65 -16.79 57.77 26.68
N ALA G 66 -15.68 58.51 26.73
CA ALA G 66 -15.70 59.86 26.19
C ALA G 66 -15.97 59.85 24.68
N PHE G 67 -15.49 58.81 23.99
CA PHE G 67 -15.73 58.72 22.57
C PHE G 67 -17.19 58.47 22.28
N ILE G 68 -17.79 57.50 22.98
CA ILE G 68 -19.22 57.21 22.84
C ILE G 68 -20.05 58.49 22.97
N GLU G 69 -19.68 59.33 23.94
CA GLU G 69 -20.40 60.55 24.23
C GLU G 69 -20.04 61.69 23.27
N SER G 70 -18.92 61.59 22.57
CA SER G 70 -18.46 62.66 21.69
C SER G 70 -19.25 62.79 20.40
N ASP G 71 -20.04 61.79 20.01
CA ASP G 71 -20.73 61.79 18.72
C ASP G 71 -22.17 61.39 18.98
N PRO G 72 -23.14 62.26 18.70
CA PRO G 72 -24.54 61.94 19.03
C PRO G 72 -25.07 60.68 18.34
N VAL G 73 -24.58 60.35 17.13
CA VAL G 73 -25.03 59.14 16.46
C VAL G 73 -24.49 57.90 17.17
N VAL G 74 -23.19 57.90 17.48
CA VAL G 74 -22.58 56.81 18.23
C VAL G 74 -23.28 56.65 19.58
N HIS G 75 -23.44 57.76 20.29
CA HIS G 75 -24.14 57.76 21.58
C HIS G 75 -25.50 57.11 21.47
N GLN G 76 -26.29 57.50 20.46
CA GLN G 76 -27.61 56.92 20.28
C GLN G 76 -27.52 55.42 20.06
N GLU G 77 -26.53 54.98 19.27
CA GLU G 77 -26.33 53.54 19.08
C GLU G 77 -26.07 52.84 20.41
N PHE G 78 -25.29 53.47 21.31
CA PHE G 78 -25.01 52.89 22.61
C PHE G 78 -26.16 53.07 23.60
N ILE G 79 -27.27 53.65 23.17
CA ILE G 79 -28.51 53.58 23.92
C ILE G 79 -29.44 52.54 23.34
N ASP G 80 -29.72 52.64 22.03
CA ASP G 80 -30.69 51.75 21.41
C ASP G 80 -30.28 50.28 21.56
N MET G 81 -28.98 49.99 21.54
CA MET G 81 -28.53 48.60 21.61
C MET G 81 -28.90 47.92 22.93
N PHE G 82 -29.24 48.70 23.98
CA PHE G 82 -29.62 48.13 25.27
C PHE G 82 -31.11 47.98 25.46
N GLU G 83 -31.91 48.32 24.43
CA GLU G 83 -33.35 48.43 24.58
C GLU G 83 -33.95 47.19 25.21
N GLY G 84 -34.63 47.38 26.35
CA GLY G 84 -35.29 46.29 27.04
C GLY G 84 -34.41 45.28 27.74
N ILE G 85 -33.10 45.52 27.78
CA ILE G 85 -32.20 44.62 28.48
C ILE G 85 -32.37 44.81 29.97
N GLN G 86 -32.79 43.74 30.64
CA GLN G 86 -33.07 43.82 32.06
C GLN G 86 -31.87 43.43 32.92
N ASP G 87 -30.88 42.73 32.36
CA ASP G 87 -29.71 42.31 33.13
C ASP G 87 -28.52 43.23 32.95
N SER G 88 -27.54 43.03 33.79
CA SER G 88 -26.30 43.79 33.73
C SER G 88 -25.40 43.25 32.62
N PRO G 89 -24.89 44.12 31.71
CA PRO G 89 -25.01 45.59 31.65
C PRO G 89 -26.35 46.08 31.10
N ARG G 90 -26.94 47.12 31.71
CA ARG G 90 -28.17 47.69 31.19
C ARG G 90 -27.95 48.99 30.43
N ASN G 91 -26.78 49.59 30.51
CA ASN G 91 -26.50 50.80 29.73
C ASN G 91 -25.00 50.81 29.46
N TYR G 92 -24.59 51.84 28.73
CA TYR G 92 -23.18 51.89 28.39
C TYR G 92 -22.33 52.21 29.62
N GLN G 93 -22.91 52.84 30.64
CA GLN G 93 -22.10 53.11 31.84
C GLN G 93 -21.80 51.82 32.59
N GLU G 94 -22.78 50.92 32.72
CA GLU G 94 -22.52 49.64 33.36
C GLU G 94 -21.56 48.81 32.53
N LEU G 95 -21.71 48.87 31.19
CA LEU G 95 -20.76 48.21 30.32
C LEU G 95 -19.33 48.62 30.65
N CYS G 96 -19.10 49.94 30.73
CA CYS G 96 -17.77 50.43 31.06
C CYS G 96 -17.30 49.95 32.42
N ASN G 97 -18.20 49.89 33.41
CA ASN G 97 -17.80 49.44 34.73
C ASN G 97 -17.44 47.96 34.73
N MET G 98 -18.20 47.14 34.00
CA MET G 98 -17.88 45.72 33.92
C MET G 98 -16.58 45.49 33.16
N PHE G 99 -16.30 46.29 32.12
CA PHE G 99 -15.00 46.23 31.44
C PHE G 99 -13.87 46.46 32.44
N ASN G 100 -14.07 47.43 33.34
CA ASN G 100 -13.06 47.79 34.31
C ASN G 100 -12.76 46.62 35.26
N ASP G 101 -13.77 45.81 35.60
CA ASP G 101 -13.50 44.58 36.35
C ASP G 101 -12.81 43.55 35.48
N ILE G 102 -13.36 43.28 34.28
CA ILE G 102 -12.87 42.18 33.45
C ILE G 102 -11.40 42.36 33.12
N PHE G 103 -10.99 43.58 32.74
CA PHE G 103 -9.63 43.85 32.28
C PHE G 103 -8.60 43.82 33.40
N ARG G 104 -9.01 43.62 34.65
CA ARG G 104 -8.10 43.57 35.77
C ARG G 104 -7.90 42.15 36.30
N LYS G 105 -8.48 41.14 35.62
CA LYS G 105 -8.30 39.76 36.04
C LYS G 105 -8.31 38.85 34.82
N ALA G 106 -7.76 37.67 35.00
CA ALA G 106 -7.65 36.69 33.94
C ALA G 106 -8.94 35.89 33.80
N PRO G 107 -9.23 35.36 32.61
CA PRO G 107 -10.44 34.57 32.42
C PRO G 107 -10.36 33.25 33.20
N VAL G 108 -11.52 32.65 33.43
CA VAL G 108 -11.61 31.36 34.10
C VAL G 108 -12.36 30.38 33.20
N TYR G 109 -12.27 29.10 33.56
CA TYR G 109 -12.91 28.05 32.79
C TYR G 109 -14.38 27.94 33.17
N GLY G 110 -15.23 27.71 32.17
CA GLY G 110 -16.63 27.54 32.49
C GLY G 110 -17.63 28.10 31.50
N ASP G 111 -17.40 29.28 30.94
CA ASP G 111 -18.39 29.90 30.08
C ASP G 111 -18.25 29.42 28.64
N LEU G 112 -19.31 29.66 27.87
CA LEU G 112 -19.32 29.24 26.47
C LEU G 112 -18.28 30.01 25.65
N GLY G 113 -18.00 31.27 26.01
CA GLY G 113 -16.97 32.05 25.37
C GLY G 113 -16.23 32.92 26.37
N PRO G 114 -15.28 33.70 25.87
CA PRO G 114 -14.48 34.58 26.77
C PRO G 114 -15.34 35.69 27.37
N PRO G 115 -14.84 36.37 28.40
CA PRO G 115 -15.75 37.19 29.24
C PRO G 115 -16.30 38.43 28.56
N VAL G 116 -15.51 39.10 27.71
CA VAL G 116 -16.06 40.26 26.99
C VAL G 116 -17.16 39.82 26.02
N TYR G 117 -16.91 38.74 25.27
CA TYR G 117 -17.98 38.22 24.42
C TYR G 117 -19.26 37.96 25.21
N MET G 118 -19.14 37.31 26.37
CA MET G 118 -20.32 36.93 27.15
C MET G 118 -21.20 38.15 27.47
N ILE G 119 -20.61 39.24 27.96
CA ILE G 119 -21.43 40.42 28.24
C ILE G 119 -21.77 41.24 26.99
N MET G 120 -21.14 40.98 25.85
CA MET G 120 -21.42 41.73 24.61
C MET G 120 -22.43 41.07 23.69
N ALA G 121 -22.69 39.76 23.87
CA ALA G 121 -23.41 39.00 22.85
C ALA G 121 -24.80 39.57 22.60
N LYS G 122 -25.49 40.00 23.67
CA LYS G 122 -26.83 40.56 23.48
C LYS G 122 -26.76 41.87 22.68
N LEU G 123 -25.76 42.70 22.94
CA LEU G 123 -25.58 43.95 22.18
C LEU G 123 -25.25 43.68 20.72
N MET G 124 -24.29 42.77 20.47
CA MET G 124 -23.93 42.43 19.09
C MET G 124 -25.13 41.99 18.29
N ASN G 125 -26.16 41.46 18.95
CA ASN G 125 -27.31 40.89 18.28
C ASN G 125 -28.41 41.91 17.98
N THR G 126 -28.07 43.19 17.92
CA THR G 126 -29.01 44.23 17.57
C THR G 126 -28.50 44.98 16.35
N ARG G 127 -29.40 45.74 15.68
CA ARG G 127 -28.97 46.59 14.57
C ARG G 127 -28.14 47.76 15.08
N ALA G 128 -28.53 48.31 16.23
CA ALA G 128 -27.75 49.40 16.80
C ALA G 128 -26.33 48.95 17.15
N GLY G 129 -26.20 47.76 17.73
CA GLY G 129 -24.88 47.26 18.10
C GLY G 129 -24.00 46.99 16.89
N PHE G 130 -24.55 46.33 15.88
CA PHE G 130 -23.80 46.10 14.65
C PHE G 130 -23.32 47.42 14.03
N SER G 131 -24.19 48.43 13.96
CA SER G 131 -23.75 49.74 13.46
C SER G 131 -22.54 50.26 14.24
N ALA G 132 -22.66 50.28 15.57
CA ALA G 132 -21.57 50.82 16.39
C ALA G 132 -20.28 50.04 16.15
N PHE G 133 -20.38 48.71 16.15
CA PHE G 133 -19.24 47.82 16.09
C PHE G 133 -18.64 47.71 14.68
N THR G 134 -19.22 48.38 13.69
CA THR G 134 -18.64 48.45 12.36
C THR G 134 -18.12 49.85 12.02
N ARG G 135 -17.79 50.65 13.04
CA ARG G 135 -17.13 51.93 12.88
C ARG G 135 -15.66 51.77 13.22
N GLN G 136 -14.78 52.05 12.25
CA GLN G 136 -13.35 51.95 12.49
C GLN G 136 -12.92 52.80 13.69
N ARG G 137 -13.55 53.96 13.87
CA ARG G 137 -13.19 54.81 15.00
C ARG G 137 -13.40 54.09 16.33
N LEU G 138 -14.61 53.56 16.56
CA LEU G 138 -14.86 52.80 17.78
C LEU G 138 -13.90 51.62 17.93
N ASN G 139 -13.65 50.89 16.83
CA ASN G 139 -12.81 49.72 16.94
C ASN G 139 -11.39 50.07 17.34
N LEU G 140 -10.92 51.29 17.03
CA LEU G 140 -9.64 51.75 17.56
C LEU G 140 -9.62 51.70 19.08
N HIS G 141 -10.76 52.02 19.72
CA HIS G 141 -10.81 51.98 21.18
C HIS G 141 -10.83 50.56 21.70
N PHE G 142 -11.64 49.68 21.10
CA PHE G 142 -11.59 48.26 21.49
C PHE G 142 -10.17 47.73 21.39
N LYS G 143 -9.45 48.10 20.34
CA LYS G 143 -8.06 47.67 20.22
C LYS G 143 -7.28 48.07 21.45
N LYS G 144 -7.37 49.35 21.88
CA LYS G 144 -6.58 49.77 23.03
C LYS G 144 -7.06 49.07 24.28
N LEU G 145 -8.37 48.93 24.43
CA LEU G 145 -8.87 48.22 25.61
C LEU G 145 -8.24 46.83 25.73
N PHE G 146 -8.32 46.05 24.65
CA PHE G 146 -7.84 44.68 24.71
C PHE G 146 -6.32 44.61 24.77
N ASP G 147 -5.61 45.52 24.11
CA ASP G 147 -4.16 45.56 24.28
C ASP G 147 -3.80 45.82 25.74
N THR G 148 -4.52 46.76 26.37
CA THR G 148 -4.28 47.05 27.79
C THR G 148 -4.51 45.81 28.63
N TRP G 149 -5.64 45.11 28.38
CA TRP G 149 -5.94 43.87 29.09
C TRP G 149 -4.82 42.86 28.89
N GLY G 150 -4.33 42.73 27.65
CA GLY G 150 -3.33 41.72 27.35
C GLY G 150 -2.03 41.94 28.09
N LEU G 151 -1.72 43.20 28.42
CA LEU G 151 -0.59 43.49 29.29
C LEU G 151 -0.68 42.75 30.61
N PHE G 152 -1.83 42.92 31.28
CA PHE G 152 -2.06 42.20 32.52
C PHE G 152 -1.96 40.69 32.31
N LEU G 153 -2.46 40.18 31.18
CA LEU G 153 -2.47 38.74 30.97
C LEU G 153 -1.09 38.17 30.62
N SER G 154 -0.09 39.04 30.46
CA SER G 154 1.29 38.65 30.28
C SER G 154 2.10 38.76 31.57
N SER G 155 1.48 39.22 32.65
CA SER G 155 2.15 39.55 33.91
C SER G 155 2.01 38.41 34.90
N LYS G 156 2.97 38.35 35.84
CA LYS G 156 2.98 37.25 36.81
C LYS G 156 1.65 37.19 37.57
N ASP G 157 0.99 38.35 37.74
CA ASP G 157 -0.24 38.43 38.53
C ASP G 157 -1.40 37.68 37.87
N SER G 158 -1.37 37.50 36.55
CA SER G 158 -2.44 36.75 35.90
C SER G 158 -2.35 35.25 36.14
N ARG G 159 -1.33 34.76 36.85
CA ARG G 159 -1.23 33.32 37.12
C ARG G 159 -2.30 32.85 38.10
N ASN G 160 -2.96 33.75 38.84
CA ASN G 160 -3.85 33.33 39.91
C ASN G 160 -5.03 32.48 39.44
N VAL G 161 -5.34 32.46 38.14
CA VAL G 161 -6.36 31.53 37.65
C VAL G 161 -5.78 30.18 37.29
N LEU G 162 -4.45 30.04 37.32
CA LEU G 162 -3.78 28.79 36.99
C LEU G 162 -3.69 27.92 38.25
N VAL G 163 -4.87 27.45 38.66
CA VAL G 163 -5.07 26.76 39.93
C VAL G 163 -6.19 25.73 39.73
N ALA G 164 -6.36 24.85 40.71
CA ALA G 164 -7.45 23.89 40.62
C ALA G 164 -8.72 24.35 41.33
N ASP G 165 -8.61 25.40 42.16
CA ASP G 165 -9.72 25.93 42.93
C ASP G 165 -11.00 26.04 42.10
N GLN G 166 -12.10 25.56 42.66
CA GLN G 166 -13.42 25.86 42.12
C GLN G 166 -13.81 27.23 42.64
N PHE G 167 -14.27 28.10 41.75
CA PHE G 167 -14.54 29.51 42.08
C PHE G 167 -15.99 29.79 42.42
N ASP G 168 -16.92 29.04 41.85
CA ASP G 168 -18.35 29.14 42.13
C ASP G 168 -19.01 27.90 41.54
N ASP G 169 -20.33 27.90 41.40
CA ASP G 169 -21.00 26.68 40.95
C ASP G 169 -20.63 26.34 39.50
N ARG G 170 -20.33 27.35 38.67
CA ARG G 170 -20.13 27.13 37.24
C ARG G 170 -18.71 27.35 36.75
N HIS G 171 -17.82 27.95 37.56
CA HIS G 171 -16.47 28.34 37.12
C HIS G 171 -15.40 27.70 37.98
N CYS G 172 -14.26 27.41 37.37
CA CYS G 172 -13.11 26.84 38.07
C CYS G 172 -11.82 27.33 37.43
N GLY G 173 -10.70 27.05 38.12
CA GLY G 173 -9.39 27.36 37.61
C GLY G 173 -8.97 26.42 36.50
N TRP G 174 -7.90 26.81 35.79
CA TRP G 174 -7.48 26.11 34.58
C TRP G 174 -6.73 24.82 34.89
N LEU G 175 -6.27 24.63 36.12
CA LEU G 175 -5.61 23.39 36.54
C LEU G 175 -6.54 22.44 37.28
N ASN G 176 -7.81 22.84 37.47
CA ASN G 176 -8.86 21.94 37.93
C ASN G 176 -9.03 20.79 36.93
N GLU G 177 -9.36 19.59 37.44
CA GLU G 177 -9.37 18.43 36.56
C GLU G 177 -10.49 18.52 35.53
N ARG G 178 -11.59 19.21 35.85
CA ARG G 178 -12.64 19.42 34.86
C ARG G 178 -12.07 20.11 33.61
N ALA G 179 -11.23 21.14 33.82
CA ALA G 179 -10.67 21.90 32.72
C ALA G 179 -9.52 21.15 32.07
N LEU G 180 -8.63 20.58 32.91
CA LEU G 180 -7.56 19.72 32.42
C LEU G 180 -8.10 18.62 31.52
N SER G 181 -9.22 18.01 31.90
CA SER G 181 -9.83 16.96 31.07
C SER G 181 -10.30 17.53 29.74
N ALA G 182 -11.02 18.66 29.76
CA ALA G 182 -11.55 19.24 28.53
C ALA G 182 -10.44 19.54 27.53
N MET G 183 -9.31 20.05 28.01
CA MET G 183 -8.21 20.47 27.16
C MET G 183 -7.43 19.32 26.50
N VAL G 184 -7.61 18.08 26.94
CA VAL G 184 -6.94 16.96 26.27
C VAL G 184 -7.93 15.99 25.66
N LYS G 185 -9.19 16.41 25.51
CA LYS G 185 -10.22 15.59 24.91
C LYS G 185 -9.75 14.90 23.62
N HIS G 186 -9.03 15.62 22.75
CA HIS G 186 -8.64 15.10 21.45
C HIS G 186 -7.20 14.59 21.42
N TYR G 187 -6.62 14.28 22.57
CA TYR G 187 -5.25 13.80 22.59
C TYR G 187 -5.17 12.33 22.97
N ASN G 188 -6.29 11.62 22.85
CA ASN G 188 -6.27 10.17 22.78
C ASN G 188 -5.74 9.56 24.08
N GLY G 189 -6.32 9.99 25.20
CA GLY G 189 -5.96 9.43 26.50
C GLY G 189 -4.73 10.02 27.16
N ARG G 190 -3.84 10.70 26.42
CA ARG G 190 -2.72 11.38 27.06
C ARG G 190 -3.21 12.55 27.94
N ALA G 191 -2.44 12.82 28.99
CA ALA G 191 -2.80 13.80 29.99
C ALA G 191 -2.17 15.15 29.67
N PHE G 192 -2.70 16.19 30.33
CA PHE G 192 -2.31 17.57 30.03
C PHE G 192 -0.80 17.76 30.08
N ASP G 193 -0.16 17.29 31.15
CA ASP G 193 1.29 17.49 31.34
C ASP G 193 2.13 16.58 30.45
N GLU G 194 1.55 15.53 29.87
CA GLU G 194 2.24 14.80 28.81
C GLU G 194 2.18 15.57 27.50
N VAL G 195 0.99 16.08 27.14
CA VAL G 195 0.76 16.73 25.85
C VAL G 195 1.49 18.08 25.79
N PHE G 196 1.29 18.93 26.79
CA PHE G 196 1.83 20.28 26.75
C PHE G 196 3.05 20.39 27.66
N LEU G 197 3.97 21.28 27.29
CA LEU G 197 5.21 21.50 28.02
C LEU G 197 4.91 22.32 29.28
N CYS G 198 4.99 21.69 30.43
CA CYS G 198 4.76 22.38 31.68
C CYS G 198 5.49 21.62 32.77
N ASP G 199 5.19 21.96 34.02
CA ASP G 199 5.71 21.28 35.20
C ASP G 199 4.53 21.00 36.14
N LYS G 200 4.04 19.75 36.16
CA LYS G 200 2.85 19.44 36.95
C LYS G 200 3.09 19.58 38.45
N ASN G 201 4.34 19.66 38.88
CA ASN G 201 4.68 19.80 40.29
C ASN G 201 4.96 21.22 40.70
N ALA G 202 5.00 22.10 39.80
CA ALA G 202 5.27 23.48 40.13
C ALA G 202 3.96 24.22 40.37
N PRO G 203 4.01 25.31 41.14
CA PRO G 203 2.83 26.18 41.23
C PRO G 203 2.53 26.79 39.86
N TYR G 204 1.24 26.84 39.53
CA TYR G 204 0.75 27.33 38.24
C TYR G 204 1.24 26.47 37.08
N TYR G 205 1.53 25.20 37.35
CA TYR G 205 2.09 24.28 36.36
C TYR G 205 3.33 24.87 35.67
N GLY G 206 4.01 25.82 36.30
CA GLY G 206 5.21 26.39 35.74
C GLY G 206 5.01 27.54 34.77
N PHE G 207 3.77 27.85 34.38
CA PHE G 207 3.54 28.97 33.50
C PHE G 207 3.73 30.29 34.26
N ASN G 208 4.31 31.28 33.59
CA ASN G 208 4.62 32.55 34.25
C ASN G 208 3.56 33.62 34.05
N SER G 209 2.45 33.30 33.39
CA SER G 209 1.34 34.24 33.18
C SER G 209 0.22 33.46 32.51
N TYR G 210 -0.94 34.11 32.40
CA TYR G 210 -2.05 33.46 31.73
C TYR G 210 -1.74 33.27 30.24
N ASP G 211 -1.22 34.32 29.60
CA ASP G 211 -0.87 34.22 28.18
C ASP G 211 0.12 33.09 27.93
N ASP G 212 1.07 32.89 28.85
CA ASP G 212 1.99 31.77 28.74
C ASP G 212 1.22 30.44 28.71
N PHE G 213 0.22 30.29 29.57
CA PHE G 213 -0.60 29.09 29.58
C PHE G 213 -1.44 28.97 28.31
N PHE G 214 -2.05 30.10 27.91
CA PHE G 214 -2.88 30.14 26.72
C PHE G 214 -2.11 29.71 25.48
N ASN G 215 -0.84 30.09 25.38
CA ASN G 215 0.02 29.73 24.26
C ASN G 215 1.04 28.64 24.61
N ARG G 216 0.62 27.69 25.44
CA ARG G 216 1.47 26.58 25.83
C ARG G 216 1.94 25.79 24.60
N ARG G 217 3.17 25.31 24.64
CA ARG G 217 3.74 24.55 23.55
C ARG G 217 3.52 23.04 23.72
N PHE G 218 3.61 22.32 22.60
CA PHE G 218 3.52 20.86 22.73
C PHE G 218 4.82 20.31 23.32
N ARG G 219 4.69 19.36 24.24
CA ARG G 219 5.90 18.74 24.79
C ARG G 219 6.59 17.85 23.77
N ASN G 220 5.82 17.22 22.90
CA ASN G 220 6.37 16.26 21.96
C ASN G 220 5.40 16.08 20.80
N ARG G 221 5.48 16.97 19.82
CA ARG G 221 4.48 16.93 18.74
C ARG G 221 4.55 15.62 17.97
N ASP G 222 5.73 14.99 17.86
CA ASP G 222 5.84 13.74 17.11
C ASP G 222 5.01 12.60 17.73
N ILE G 223 4.67 12.67 19.01
CA ILE G 223 3.73 11.71 19.58
C ILE G 223 2.29 12.17 19.33
N ASP G 224 1.96 13.39 19.78
CA ASP G 224 0.56 13.83 19.88
C ASP G 224 0.01 14.51 18.62
N ARG G 225 0.83 15.23 17.86
CA ARG G 225 0.36 15.97 16.68
C ARG G 225 1.43 15.87 15.60
N PRO G 226 1.65 14.68 15.07
CA PRO G 226 2.75 14.49 14.12
C PRO G 226 2.49 15.20 12.80
N VAL G 227 3.59 15.64 12.17
CA VAL G 227 3.55 16.14 10.80
C VAL G 227 3.29 14.96 9.87
N VAL G 228 2.01 14.66 9.63
CA VAL G 228 1.59 13.42 8.97
C VAL G 228 2.28 13.28 7.62
N GLY G 229 2.85 12.11 7.37
CA GLY G 229 3.60 11.85 6.16
C GLY G 229 5.02 12.34 6.17
N GLY G 230 5.42 13.11 7.17
CA GLY G 230 6.78 13.60 7.33
C GLY G 230 7.06 14.87 6.54
N VAL G 231 7.92 15.71 7.11
CA VAL G 231 8.28 17.00 6.53
C VAL G 231 8.84 16.86 5.11
N ASN G 232 9.31 15.67 4.75
CA ASN G 232 9.91 15.44 3.43
C ASN G 232 8.90 15.23 2.32
N ASN G 233 7.65 14.88 2.63
CA ASN G 233 6.62 14.72 1.62
C ASN G 233 5.99 16.09 1.38
N THR G 234 6.33 16.72 0.25
CA THR G 234 5.86 18.07 0.00
C THR G 234 4.56 18.10 -0.78
N THR G 235 3.93 16.95 -0.99
CA THR G 235 2.63 16.89 -1.63
C THR G 235 1.49 17.06 -0.64
N LEU G 236 1.78 17.27 0.64
CA LEU G 236 0.79 17.33 1.70
C LEU G 236 0.75 18.72 2.31
N ILE G 237 -0.45 19.19 2.62
CA ILE G 237 -0.65 20.47 3.29
C ILE G 237 -1.27 20.19 4.65
N SER G 238 -0.61 20.70 5.71
CA SER G 238 -1.02 20.47 7.10
C SER G 238 -1.97 21.53 7.60
N ALA G 239 -2.82 21.14 8.55
CA ALA G 239 -3.64 22.08 9.29
C ALA G 239 -2.77 23.03 10.11
N ALA G 240 -3.03 24.34 9.98
CA ALA G 240 -2.20 25.33 10.67
C ALA G 240 -2.59 25.54 12.13
N CYS G 241 -3.83 25.20 12.50
CA CYS G 241 -4.34 25.44 13.84
C CYS G 241 -5.13 24.23 14.30
N GLU G 242 -4.94 23.86 15.57
CA GLU G 242 -5.82 22.95 16.27
C GLU G 242 -7.23 23.53 16.31
N SER G 243 -8.18 22.92 15.60
CA SER G 243 -9.46 23.59 15.39
C SER G 243 -10.53 22.57 15.06
N LEU G 244 -11.75 23.08 14.87
CA LEU G 244 -12.87 22.35 14.29
C LEU G 244 -13.14 22.89 12.89
N SER G 245 -13.41 22.00 11.94
CA SER G 245 -13.92 22.36 10.63
C SER G 245 -15.06 23.37 10.75
N TYR G 246 -15.00 24.47 9.98
CA TYR G 246 -16.11 25.42 10.00
C TYR G 246 -16.80 25.61 8.66
N ASN G 247 -16.03 25.79 7.58
CA ASN G 247 -16.60 25.96 6.25
C ASN G 247 -15.52 25.62 5.23
N VAL G 248 -15.94 25.03 4.11
CA VAL G 248 -15.12 24.95 2.91
C VAL G 248 -15.89 25.58 1.77
N SER G 249 -15.23 26.41 0.98
CA SER G 249 -15.86 27.03 -0.18
C SER G 249 -14.98 26.83 -1.39
N TYR G 250 -15.62 26.51 -2.51
CA TYR G 250 -14.94 26.36 -3.79
C TYR G 250 -15.32 27.51 -4.70
N ASP G 251 -14.44 27.76 -5.69
CA ASP G 251 -14.65 28.79 -6.69
C ASP G 251 -14.98 30.13 -6.03
N VAL G 252 -14.08 30.57 -5.16
CA VAL G 252 -14.32 31.80 -4.40
C VAL G 252 -14.09 33.02 -5.28
N GLN G 253 -14.71 34.12 -4.88
CA GLN G 253 -14.81 35.31 -5.71
C GLN G 253 -14.74 36.57 -4.83
N SER G 254 -14.79 37.73 -5.48
CA SER G 254 -14.88 39.00 -4.78
C SER G 254 -16.28 39.60 -4.92
N LEU G 255 -16.69 40.30 -3.88
CA LEU G 255 -17.97 40.99 -3.82
C LEU G 255 -17.77 42.49 -3.70
N ASP G 256 -18.72 43.26 -4.22
CA ASP G 256 -18.60 44.71 -4.07
C ASP G 256 -19.08 45.19 -2.70
N THR G 257 -20.07 44.52 -2.10
CA THR G 257 -20.48 44.77 -0.72
C THR G 257 -20.76 43.44 -0.02
N LEU G 258 -20.71 43.48 1.31
CA LEU G 258 -21.01 42.30 2.15
C LEU G 258 -22.42 42.44 2.74
N VAL G 259 -23.40 42.37 1.85
CA VAL G 259 -24.81 42.58 2.17
C VAL G 259 -25.61 41.48 1.49
N PHE G 260 -26.51 40.84 2.26
CA PHE G 260 -27.50 39.90 1.72
C PHE G 260 -26.83 38.69 1.11
N LYS G 261 -25.58 38.46 1.33
CA LYS G 261 -25.15 37.12 0.94
C LYS G 261 -24.41 36.46 2.08
N GLY G 262 -24.52 37.06 3.29
CA GLY G 262 -23.85 36.67 4.51
C GLY G 262 -23.26 35.28 4.43
N GLU G 263 -22.10 35.11 5.02
CA GLU G 263 -21.46 33.78 5.06
C GLU G 263 -20.98 33.38 3.67
N THR G 264 -20.60 34.40 2.89
CA THR G 264 -19.83 34.23 1.67
C THR G 264 -18.51 34.96 1.81
N TYR G 265 -17.42 34.34 1.35
CA TYR G 265 -16.17 35.08 1.28
C TYR G 265 -16.21 36.09 0.14
N SER G 266 -15.49 37.19 0.35
CA SER G 266 -15.14 38.15 -0.70
C SER G 266 -13.62 38.30 -0.67
N LEU G 267 -12.94 37.69 -1.65
CA LEU G 267 -11.46 37.69 -1.66
C LEU G 267 -10.90 39.10 -1.49
N LYS G 268 -11.42 40.06 -2.27
CA LYS G 268 -10.99 41.45 -2.19
C LYS G 268 -11.03 41.97 -0.75
N HIS G 269 -12.06 41.58 0.03
CA HIS G 269 -12.16 41.99 1.43
C HIS G 269 -11.27 41.15 2.32
N LEU G 270 -11.48 39.83 2.34
CA LEU G 270 -10.66 38.91 3.13
C LEU G 270 -9.17 39.27 3.03
N LEU G 271 -8.64 39.39 1.81
CA LEU G 271 -7.23 39.67 1.59
C LEU G 271 -6.93 41.16 1.53
N ASN G 272 -7.90 42.03 1.84
CA ASN G 272 -7.65 43.47 2.00
C ASN G 272 -7.02 44.08 0.73
N ASN G 273 -7.57 43.70 -0.43
CA ASN G 273 -7.16 44.23 -1.74
C ASN G 273 -5.69 43.99 -2.04
N ASP G 274 -5.12 42.88 -1.58
CA ASP G 274 -3.71 42.63 -1.86
C ASP G 274 -3.48 42.45 -3.36
N PRO G 275 -2.35 42.92 -3.89
CA PRO G 275 -2.00 42.59 -5.30
C PRO G 275 -2.09 41.11 -5.64
N PHE G 276 -1.85 40.18 -4.69
CA PHE G 276 -2.00 38.75 -4.98
C PHE G 276 -3.45 38.31 -5.15
N THR G 277 -4.42 39.14 -4.74
CA THR G 277 -5.83 38.72 -4.75
C THR G 277 -6.27 38.05 -6.05
N PRO G 278 -5.95 38.58 -7.24
CA PRO G 278 -6.46 37.93 -8.46
C PRO G 278 -6.02 36.48 -8.62
N GLN G 279 -4.84 36.11 -8.11
CA GLN G 279 -4.35 34.73 -8.24
C GLN G 279 -5.25 33.71 -7.54
N PHE G 280 -6.04 34.15 -6.56
CA PHE G 280 -6.89 33.27 -5.78
C PHE G 280 -8.33 33.31 -6.23
N GLU G 281 -8.65 34.14 -7.22
CA GLU G 281 -9.96 34.11 -7.84
C GLU G 281 -10.24 32.71 -8.37
N HIS G 282 -11.44 32.19 -8.05
CA HIS G 282 -11.90 30.84 -8.40
C HIS G 282 -11.22 29.74 -7.59
N GLY G 283 -10.35 30.07 -6.62
CA GLY G 283 -9.69 29.08 -5.80
C GLY G 283 -10.59 28.56 -4.70
N SER G 284 -10.00 27.96 -3.66
CA SER G 284 -10.80 27.37 -2.60
C SER G 284 -10.25 27.77 -1.24
N ILE G 285 -11.12 27.71 -0.23
CA ILE G 285 -10.81 28.15 1.11
C ILE G 285 -11.35 27.12 2.10
N LEU G 286 -10.50 26.70 3.04
CA LEU G 286 -10.90 25.93 4.21
C LEU G 286 -10.73 26.82 5.44
N GLN G 287 -11.74 26.86 6.29
CA GLN G 287 -11.73 27.72 7.48
C GLN G 287 -12.05 26.88 8.73
N GLY G 288 -11.21 27.05 9.75
CA GLY G 288 -11.42 26.37 11.03
C GLY G 288 -11.73 27.32 12.19
N PHE G 289 -12.34 26.77 13.23
CA PHE G 289 -12.66 27.52 14.45
C PHE G 289 -11.91 26.88 15.60
N LEU G 290 -11.22 27.71 16.39
CA LEU G 290 -10.50 27.26 17.57
C LEU G 290 -11.36 27.48 18.82
N ASN G 291 -11.68 26.41 19.56
CA ASN G 291 -12.39 26.55 20.83
C ASN G 291 -11.57 27.36 21.83
N VAL G 292 -12.23 27.81 22.89
CA VAL G 292 -11.51 28.64 23.85
C VAL G 292 -10.44 27.85 24.57
N THR G 293 -10.60 26.53 24.71
CA THR G 293 -9.62 25.69 25.38
C THR G 293 -8.58 25.07 24.44
N ALA G 294 -8.56 25.44 23.17
CA ALA G 294 -7.67 24.78 22.22
C ALA G 294 -6.25 25.37 22.25
N TYR G 295 -5.31 24.57 21.77
CA TYR G 295 -3.99 25.08 21.48
C TYR G 295 -4.12 26.25 20.52
N HIS G 296 -3.47 27.38 20.83
CA HIS G 296 -3.68 28.59 20.06
C HIS G 296 -2.45 29.07 19.30
N ARG G 297 -1.48 28.20 19.02
CA ARG G 297 -0.36 28.61 18.18
C ARG G 297 -0.63 28.23 16.74
N TRP G 298 0.17 28.81 15.83
CA TRP G 298 0.08 28.54 14.40
C TRP G 298 1.28 27.73 13.96
N HIS G 299 1.04 26.74 13.11
CA HIS G 299 2.08 25.93 12.51
C HIS G 299 2.09 26.14 11.01
N ALA G 300 3.28 25.97 10.40
CA ALA G 300 3.41 26.15 8.95
C ALA G 300 2.72 25.01 8.22
N PRO G 301 1.84 25.31 7.26
CA PRO G 301 1.10 24.24 6.57
C PRO G 301 1.89 23.54 5.46
N VAL G 302 3.02 24.09 5.04
CA VAL G 302 3.85 23.56 3.97
C VAL G 302 5.31 23.89 4.25
N ASN G 303 6.22 23.19 3.59
CA ASN G 303 7.58 23.69 3.46
C ASN G 303 7.57 24.84 2.47
N GLY G 304 8.09 25.99 2.87
CA GLY G 304 8.06 27.10 1.94
C GLY G 304 8.64 28.36 2.54
N THR G 305 8.46 29.45 1.79
CA THR G 305 8.99 30.76 2.13
C THR G 305 7.87 31.73 2.45
N ILE G 306 8.06 32.51 3.52
CA ILE G 306 7.09 33.53 3.86
C ILE G 306 7.24 34.65 2.85
N VAL G 307 6.19 34.88 2.07
CA VAL G 307 6.27 35.92 1.04
C VAL G 307 5.91 37.29 1.61
N LYS G 308 4.86 37.36 2.43
CA LYS G 308 4.26 38.64 2.82
C LYS G 308 3.36 38.44 4.02
N ILE G 309 3.51 39.32 5.02
CA ILE G 309 2.70 39.32 6.23
C ILE G 309 2.04 40.69 6.32
N ILE G 310 0.70 40.73 6.39
CA ILE G 310 -0.04 41.98 6.46
C ILE G 310 -0.96 41.96 7.66
N ASN G 311 -0.91 43.01 8.47
CA ASN G 311 -1.79 43.12 9.62
C ASN G 311 -2.89 44.13 9.31
N VAL G 312 -4.14 43.67 9.40
CA VAL G 312 -5.28 44.44 8.94
C VAL G 312 -6.15 44.80 10.15
N PRO G 313 -6.35 46.08 10.44
CA PRO G 313 -7.32 46.46 11.48
C PRO G 313 -8.73 46.13 11.02
N GLY G 314 -9.60 45.83 11.98
CA GLY G 314 -10.95 45.46 11.63
C GLY G 314 -11.90 45.43 12.80
N THR G 315 -12.97 44.65 12.64
CA THR G 315 -13.98 44.51 13.67
C THR G 315 -13.53 43.50 14.75
N TYR G 316 -14.27 43.52 15.86
CA TYR G 316 -14.21 42.63 17.02
C TYR G 316 -15.58 42.05 17.33
N PHE G 317 -16.66 42.81 17.16
CA PHE G 317 -17.96 42.42 17.66
C PHE G 317 -19.03 42.43 16.57
N ALA G 318 -18.63 42.25 15.31
CA ALA G 318 -19.57 42.26 14.18
C ALA G 318 -19.99 40.84 13.85
N GLN G 319 -21.28 40.54 14.06
CA GLN G 319 -21.82 39.28 13.53
C GLN G 319 -22.41 39.54 12.14
N ALA G 320 -22.83 38.47 11.47
CA ALA G 320 -23.42 38.62 10.15
C ALA G 320 -24.79 39.30 10.25
N PRO G 321 -25.04 40.36 9.47
CA PRO G 321 -26.33 41.07 9.59
C PRO G 321 -27.55 40.17 9.42
N SER G 322 -27.47 39.14 8.57
CA SER G 322 -28.57 38.18 8.41
C SER G 322 -28.93 37.45 9.70
N THR G 323 -28.04 37.40 10.69
CA THR G 323 -28.32 36.72 11.95
C THR G 323 -28.79 37.67 13.05
N ILE G 324 -28.83 38.97 12.79
CA ILE G 324 -29.22 39.92 13.83
C ILE G 324 -30.65 39.60 14.26
N GLY G 325 -30.83 39.34 15.56
CA GLY G 325 -32.12 38.98 16.10
C GLY G 325 -32.35 37.50 16.36
N ASP G 326 -31.57 36.62 15.75
CA ASP G 326 -31.68 35.19 16.02
C ASP G 326 -31.54 34.91 17.52
N PRO G 327 -32.11 33.81 18.01
CA PRO G 327 -32.01 33.51 19.43
C PRO G 327 -30.58 33.23 19.87
N ILE G 328 -30.23 33.70 21.07
CA ILE G 328 -28.95 33.35 21.70
C ILE G 328 -29.18 32.21 22.67
N PRO G 329 -28.86 30.96 22.30
CA PRO G 329 -29.19 29.80 23.14
C PRO G 329 -28.57 29.92 24.53
N ASP G 330 -29.32 29.43 25.52
CA ASP G 330 -28.88 29.38 26.90
C ASP G 330 -28.23 28.04 27.29
N ASN G 331 -27.72 27.32 26.30
CA ASN G 331 -27.04 26.03 26.45
C ASN G 331 -25.68 26.13 25.78
N ASP G 332 -24.98 25.05 25.58
CA ASP G 332 -23.62 25.09 25.03
C ASP G 332 -23.48 24.11 23.86
N TYR G 333 -24.60 23.69 23.28
CA TYR G 333 -24.51 22.91 22.05
C TYR G 333 -25.05 23.63 20.82
N ASP G 334 -26.09 24.52 21.00
CA ASP G 334 -26.61 25.33 19.89
C ASP G 334 -25.77 26.59 19.67
N PRO G 335 -25.29 26.82 18.44
CA PRO G 335 -24.43 27.96 18.17
C PRO G 335 -25.21 29.26 18.24
N PRO G 336 -24.67 30.27 18.93
CA PRO G 336 -25.29 31.60 18.93
C PRO G 336 -24.99 32.32 17.62
N PRO G 337 -25.66 33.45 17.34
CA PRO G 337 -25.50 34.08 16.01
C PRO G 337 -24.06 34.40 15.64
N TYR G 338 -23.25 34.92 16.58
CA TYR G 338 -21.86 35.21 16.29
C TYR G 338 -21.11 33.98 15.80
N LEU G 339 -21.28 32.83 16.46
CA LEU G 339 -20.58 31.61 16.01
C LEU G 339 -21.17 31.01 14.74
N LYS G 340 -22.28 31.54 14.23
CA LYS G 340 -22.73 31.24 12.88
C LYS G 340 -22.27 32.28 11.85
N SER G 341 -21.31 33.16 12.21
CA SER G 341 -20.92 34.29 11.37
C SER G 341 -19.45 34.25 10.90
N LEU G 342 -18.72 33.16 11.16
CA LEU G 342 -17.28 33.18 10.97
C LEU G 342 -16.88 33.43 9.52
N VAL G 343 -17.65 32.89 8.56
CA VAL G 343 -17.29 33.19 7.17
C VAL G 343 -17.49 34.67 6.88
N TYR G 344 -18.64 35.21 7.29
CA TYR G 344 -18.91 36.63 7.06
C TYR G 344 -17.80 37.51 7.60
N PHE G 345 -17.47 37.38 8.89
CA PHE G 345 -16.59 38.39 9.49
C PHE G 345 -15.11 38.09 9.26
N SER G 346 -14.76 36.96 8.65
CA SER G 346 -13.41 36.81 8.13
C SER G 346 -13.10 37.93 7.13
N ASN G 347 -14.14 38.50 6.51
CA ASN G 347 -13.96 39.58 5.55
C ASN G 347 -13.56 40.89 6.21
N ILE G 348 -13.92 41.10 7.48
CA ILE G 348 -13.82 42.43 8.08
C ILE G 348 -13.15 42.46 9.45
N ALA G 349 -12.96 41.31 10.07
CA ALA G 349 -12.41 41.27 11.43
C ALA G 349 -10.92 41.62 11.43
N ALA G 350 -10.46 42.19 12.55
CA ALA G 350 -9.02 42.29 12.77
C ALA G 350 -8.34 40.94 12.52
N ARG G 351 -7.33 40.95 11.66
CA ARG G 351 -6.81 39.70 11.12
C ARG G 351 -5.40 39.95 10.59
N GLN G 352 -4.68 38.84 10.42
CA GLN G 352 -3.36 38.87 9.78
C GLN G 352 -3.39 37.94 8.58
N ILE G 353 -2.94 38.46 7.43
CA ILE G 353 -2.87 37.71 6.19
C ILE G 353 -1.42 37.30 6.00
N MET G 354 -1.20 36.03 5.67
CA MET G 354 0.17 35.55 5.45
C MET G 354 0.21 34.78 4.14
N PHE G 355 1.03 35.24 3.20
CA PHE G 355 1.23 34.57 1.93
C PHE G 355 2.48 33.72 1.99
N ILE G 356 2.36 32.45 1.59
CA ILE G 356 3.49 31.54 1.63
C ILE G 356 3.69 30.95 0.25
N GLU G 357 4.95 30.88 -0.18
CA GLU G 357 5.31 30.20 -1.43
C GLU G 357 5.82 28.79 -1.09
N ALA G 358 4.97 27.79 -1.34
CA ALA G 358 5.31 26.39 -1.10
C ALA G 358 6.50 25.97 -1.94
N ASP G 359 7.42 25.22 -1.33
CA ASP G 359 8.54 24.67 -2.08
C ASP G 359 8.06 23.81 -3.25
N ASN G 360 6.97 23.09 -3.07
CA ASN G 360 6.40 22.30 -4.15
C ASN G 360 5.69 23.22 -5.13
N LYS G 361 6.24 23.36 -6.33
CA LYS G 361 5.70 24.28 -7.33
C LYS G 361 4.26 23.95 -7.71
N GLU G 362 3.83 22.70 -7.54
CA GLU G 362 2.45 22.31 -7.84
C GLU G 362 1.46 22.81 -6.79
N ILE G 363 1.95 23.27 -5.65
CA ILE G 363 1.14 23.91 -4.63
C ILE G 363 1.27 25.43 -4.71
N GLY G 364 2.51 25.89 -4.83
CA GLY G 364 2.78 27.25 -5.19
C GLY G 364 2.39 28.24 -4.10
N LEU G 365 1.87 29.37 -4.55
CA LEU G 365 1.47 30.43 -3.62
C LEU G 365 0.18 30.00 -2.91
N ILE G 366 0.20 30.07 -1.58
CA ILE G 366 -0.99 29.83 -0.77
C ILE G 366 -1.16 31.04 0.13
N PHE G 367 -2.32 31.14 0.76
CA PHE G 367 -2.46 32.15 1.80
C PHE G 367 -3.07 31.53 3.05
N LEU G 368 -2.75 32.15 4.17
CA LEU G 368 -3.36 31.91 5.45
C LEU G 368 -3.92 33.25 5.94
N VAL G 369 -5.13 33.23 6.51
CA VAL G 369 -5.65 34.38 7.23
C VAL G 369 -5.95 33.94 8.66
N PHE G 370 -5.33 34.61 9.64
CA PHE G 370 -5.64 34.36 11.04
C PHE G 370 -6.65 35.41 11.52
N ILE G 371 -7.81 34.94 11.96
CA ILE G 371 -9.00 35.77 12.11
C ILE G 371 -9.31 35.94 13.59
N GLY G 372 -9.30 37.19 14.06
CA GLY G 372 -9.64 37.47 15.44
C GLY G 372 -11.12 37.28 15.73
N MET G 373 -11.42 37.08 17.00
CA MET G 373 -12.80 36.98 17.48
C MET G 373 -12.87 37.65 18.83
N THR G 374 -13.72 38.68 18.93
CA THR G 374 -13.86 39.52 20.12
C THR G 374 -12.51 39.79 20.76
N GLU G 375 -12.33 39.49 22.05
CA GLU G 375 -11.10 39.87 22.73
C GLU G 375 -9.88 38.99 22.37
N ILE G 376 -10.07 37.86 21.69
CA ILE G 376 -8.92 37.09 21.23
C ILE G 376 -8.64 37.46 19.77
N SER G 377 -7.99 38.61 19.55
CA SER G 377 -7.86 39.17 18.22
C SER G 377 -6.45 39.64 17.88
N THR G 378 -5.48 39.44 18.76
CA THR G 378 -4.10 39.76 18.44
C THR G 378 -3.45 38.58 17.70
N CYS G 379 -2.81 38.90 16.57
CA CYS G 379 -2.19 37.91 15.69
C CYS G 379 -0.69 38.22 15.64
N GLU G 380 0.09 37.49 16.41
CA GLU G 380 1.53 37.66 16.40
C GLU G 380 2.17 36.64 15.47
N ALA G 381 2.82 37.13 14.42
CA ALA G 381 3.73 36.31 13.63
C ALA G 381 5.09 36.22 14.33
N THR G 382 5.63 35.01 14.41
CA THR G 382 7.01 34.81 14.87
C THR G 382 7.95 34.42 13.73
N VAL G 383 7.51 34.62 12.48
CA VAL G 383 8.35 34.44 11.31
C VAL G 383 8.44 35.77 10.58
N SER G 384 9.40 35.87 9.68
CA SER G 384 9.67 37.11 8.96
C SER G 384 9.49 36.88 7.47
N GLU G 385 9.17 37.95 6.76
CA GLU G 385 9.12 37.83 5.31
C GLU G 385 10.48 37.38 4.80
N GLY G 386 10.47 36.45 3.84
CA GLY G 386 11.67 35.89 3.29
C GLY G 386 12.18 34.63 3.99
N GLN G 387 11.78 34.41 5.23
CA GLN G 387 12.22 33.25 5.97
C GLN G 387 11.67 31.95 5.38
N HIS G 388 12.45 30.87 5.51
CA HIS G 388 11.99 29.54 5.12
C HIS G 388 11.51 28.78 6.36
N VAL G 389 10.48 27.96 6.16
CA VAL G 389 9.91 27.14 7.23
C VAL G 389 9.56 25.78 6.66
N ASN G 390 9.54 24.79 7.54
CA ASN G 390 9.07 23.44 7.24
C ASN G 390 7.68 23.23 7.84
N ARG G 391 6.88 22.44 7.14
CA ARG G 391 5.58 22.02 7.62
C ARG G 391 5.66 21.60 9.09
N GLY G 392 4.87 22.28 9.94
CA GLY G 392 4.81 22.01 11.37
C GLY G 392 5.58 22.98 12.26
N ASP G 393 6.42 23.86 11.67
CA ASP G 393 7.14 24.86 12.44
C ASP G 393 6.20 25.98 12.92
N ASP G 394 6.64 26.72 13.94
CA ASP G 394 5.84 27.85 14.43
C ASP G 394 5.73 28.93 13.35
N LEU G 395 4.49 29.42 13.11
CA LEU G 395 4.34 30.66 12.37
C LEU G 395 4.06 31.84 13.27
N GLY G 396 3.45 31.57 14.41
CA GLY G 396 3.05 32.62 15.33
C GLY G 396 1.95 32.09 16.22
N MET G 397 1.14 33.01 16.73
CA MET G 397 0.11 32.60 17.67
C MET G 397 -0.91 33.71 17.86
N PHE G 398 -2.04 33.32 18.45
CA PHE G 398 -3.08 34.23 18.91
C PHE G 398 -2.79 34.70 20.35
N HIS G 399 -3.24 35.92 20.67
CA HIS G 399 -3.26 36.38 22.06
C HIS G 399 -4.58 37.11 22.31
N PHE G 400 -4.99 37.11 23.58
CA PHE G 400 -5.90 38.13 24.05
C PHE G 400 -5.31 39.50 23.73
N GLY G 401 -6.09 40.35 23.08
CA GLY G 401 -5.63 41.66 22.68
C GLY G 401 -6.37 42.13 21.45
N GLY G 402 -5.97 43.31 20.98
CA GLY G 402 -6.59 43.91 19.80
C GLY G 402 -5.95 43.50 18.48
N SER H 1 -9.93 32.15 14.84
CA SER H 1 -10.27 31.43 13.60
C SER H 1 -9.15 31.55 12.56
N PHE H 2 -9.10 30.62 11.60
CA PHE H 2 -8.08 30.69 10.55
C PHE H 2 -8.65 30.18 9.23
N ALA H 3 -8.06 30.64 8.13
CA ALA H 3 -8.46 30.19 6.80
C ALA H 3 -7.24 29.92 5.94
N LEU H 4 -7.29 28.79 5.22
CA LEU H 4 -6.29 28.40 4.24
C LEU H 4 -6.87 28.64 2.85
N GLY H 5 -6.08 29.30 1.99
CA GLY H 5 -6.50 29.62 0.63
C GLY H 5 -5.65 28.96 -0.45
N LEU H 6 -6.31 28.28 -1.38
CA LEU H 6 -5.67 27.61 -2.50
C LEU H 6 -6.15 28.20 -3.82
N ARG H 7 -5.21 28.40 -4.75
CA ARG H 7 -5.52 28.83 -6.11
C ARG H 7 -6.22 27.73 -6.91
N LYS H 8 -6.99 28.14 -7.95
CA LYS H 8 -7.62 27.14 -8.83
C LYS H 8 -6.57 26.30 -9.53
N ASP H 9 -5.52 26.95 -10.05
CA ASP H 9 -4.39 26.27 -10.70
C ASP H 9 -3.59 25.39 -9.75
N CYS H 10 -3.90 25.37 -8.47
CA CYS H 10 -3.20 24.51 -7.54
C CYS H 10 -3.80 23.11 -7.64
N ARG H 11 -2.95 22.14 -7.92
CA ARG H 11 -3.35 20.74 -8.08
C ARG H 11 -3.64 20.03 -6.74
N ALA H 12 -3.62 20.75 -5.62
CA ALA H 12 -3.98 20.17 -4.32
C ALA H 12 -5.47 20.34 -4.08
N GLU H 13 -6.04 19.36 -3.38
CA GLU H 13 -7.48 19.31 -3.15
C GLU H 13 -7.74 19.12 -1.66
N ILE H 14 -8.59 19.98 -1.10
CA ILE H 14 -8.98 19.87 0.29
C ILE H 14 -9.54 18.47 0.57
N VAL H 15 -9.15 17.92 1.71
CA VAL H 15 -9.58 16.58 2.09
C VAL H 15 -11.06 16.61 2.44
N GLU H 16 -11.84 15.72 1.79
CA GLU H 16 -13.31 15.84 1.79
C GLU H 16 -13.91 15.81 3.19
N LYS H 17 -13.32 15.07 4.14
CA LYS H 17 -14.00 14.98 5.44
C LYS H 17 -14.13 16.33 6.11
N PHE H 18 -13.27 17.29 5.75
CA PHE H 18 -13.32 18.62 6.36
C PHE H 18 -14.38 19.52 5.75
N THR H 19 -15.02 19.11 4.65
CA THR H 19 -16.17 19.90 4.21
C THR H 19 -17.38 19.73 5.12
N GLU H 20 -17.36 18.78 6.08
CA GLU H 20 -18.45 18.68 7.05
C GLU H 20 -18.13 19.55 8.26
N PRO H 21 -18.89 20.60 8.51
CA PRO H 21 -18.65 21.43 9.70
C PRO H 21 -18.61 20.57 10.95
N GLY H 22 -17.76 20.96 11.89
CA GLY H 22 -17.65 20.28 13.17
C GLY H 22 -16.59 19.19 13.22
N THR H 23 -16.04 18.78 12.07
CA THR H 23 -14.99 17.76 12.06
C THR H 23 -13.73 18.25 12.80
N VAL H 24 -13.15 17.37 13.59
CA VAL H 24 -11.95 17.72 14.35
C VAL H 24 -10.76 17.87 13.41
N ILE H 25 -10.03 18.97 13.55
CA ILE H 25 -8.83 19.26 12.78
C ILE H 25 -7.65 19.21 13.75
N ARG H 26 -6.87 18.14 13.68
CA ARG H 26 -5.67 18.03 14.50
C ARG H 26 -4.55 18.80 13.82
N ILE H 27 -3.96 19.76 14.54
CA ILE H 27 -2.92 20.56 13.94
C ILE H 27 -1.82 19.65 13.38
N ASN H 28 -1.22 20.07 12.27
CA ASN H 28 -0.21 19.34 11.50
C ASN H 28 -0.80 18.17 10.71
N GLU H 29 -2.06 17.80 10.92
CA GLU H 29 -2.59 16.72 10.09
C GLU H 29 -2.90 17.23 8.67
N VAL H 30 -3.10 16.30 7.74
CA VAL H 30 -3.25 16.65 6.33
C VAL H 30 -4.65 17.19 6.08
N VAL H 31 -4.74 18.44 5.60
CA VAL H 31 -6.03 19.01 5.20
C VAL H 31 -6.16 19.17 3.69
N ALA H 32 -5.06 19.14 2.94
CA ALA H 32 -5.13 19.14 1.48
C ALA H 32 -3.92 18.39 0.95
N ALA H 33 -4.09 17.76 -0.22
CA ALA H 33 -3.04 16.93 -0.82
C ALA H 33 -3.19 16.96 -2.33
N LEU H 34 -2.05 16.77 -3.01
CA LEU H 34 -1.99 16.74 -4.47
C LEU H 34 -2.76 15.55 -5.08
N LEU I 57 -15.29 -39.31 -14.97
CA LEU I 57 -14.06 -39.64 -15.68
C LEU I 57 -14.29 -40.85 -16.57
N MET I 58 -13.74 -40.81 -17.79
CA MET I 58 -13.86 -41.96 -18.67
C MET I 58 -13.11 -43.15 -18.10
N GLN I 59 -13.64 -44.35 -18.35
CA GLN I 59 -13.12 -45.56 -17.73
C GLN I 59 -11.61 -45.73 -17.84
N PRO I 60 -10.95 -45.51 -18.99
CA PRO I 60 -9.49 -45.66 -19.02
C PRO I 60 -8.77 -44.79 -18.01
N ILE I 61 -9.26 -43.56 -17.79
CA ILE I 61 -8.67 -42.70 -16.75
C ILE I 61 -8.98 -43.25 -15.36
N GLN I 62 -10.13 -43.84 -15.13
CA GLN I 62 -10.32 -44.41 -13.79
C GLN I 62 -9.38 -45.57 -13.57
N GLU I 63 -9.29 -46.48 -14.56
CA GLU I 63 -8.35 -47.58 -14.36
C GLU I 63 -6.93 -47.07 -14.15
N PHE I 64 -6.57 -45.98 -14.85
CA PHE I 64 -5.29 -45.32 -14.64
C PHE I 64 -5.13 -44.86 -13.19
N LYS I 65 -6.12 -44.11 -12.69
CA LYS I 65 -6.11 -43.66 -11.30
C LYS I 65 -6.10 -44.85 -10.34
N ALA I 66 -6.88 -45.90 -10.63
CA ALA I 66 -6.91 -47.06 -9.76
C ALA I 66 -5.54 -47.74 -9.72
N PHE I 67 -4.81 -47.70 -10.83
CA PHE I 67 -3.49 -48.30 -10.85
C PHE I 67 -2.52 -47.52 -9.97
N ILE I 68 -2.51 -46.19 -10.12
CA ILE I 68 -1.66 -45.33 -9.29
C ILE I 68 -1.87 -45.64 -7.81
N GLU I 69 -3.13 -45.85 -7.43
CA GLU I 69 -3.49 -46.10 -6.04
C GLU I 69 -3.26 -47.55 -5.63
N SER I 70 -3.12 -48.47 -6.57
CA SER I 70 -2.97 -49.88 -6.27
C SER I 70 -1.60 -50.27 -5.72
N ASP I 71 -0.58 -49.41 -5.86
CA ASP I 71 0.78 -49.76 -5.47
C ASP I 71 1.33 -48.59 -4.67
N PRO I 72 1.67 -48.80 -3.40
CA PRO I 72 2.12 -47.67 -2.56
C PRO I 72 3.37 -46.97 -3.09
N VAL I 73 4.27 -47.67 -3.78
CA VAL I 73 5.45 -47.02 -4.34
C VAL I 73 5.07 -46.11 -5.50
N VAL I 74 4.25 -46.63 -6.42
CA VAL I 74 3.75 -45.83 -7.53
C VAL I 74 3.00 -44.62 -7.00
N HIS I 75 2.08 -44.86 -6.06
CA HIS I 75 1.31 -43.78 -5.45
C HIS I 75 2.22 -42.69 -4.89
N GLN I 76 3.25 -43.10 -4.14
CA GLN I 76 4.18 -42.13 -3.59
C GLN I 76 4.86 -41.31 -4.69
N GLU I 77 5.24 -41.98 -5.79
CA GLU I 77 5.82 -41.27 -6.93
C GLU I 77 4.85 -40.22 -7.46
N PHE I 78 3.54 -40.55 -7.52
CA PHE I 78 2.55 -39.60 -8.00
C PHE I 78 2.17 -38.56 -6.95
N ILE I 79 2.80 -38.59 -5.78
CA ILE I 79 2.73 -37.48 -4.86
C ILE I 79 3.98 -36.63 -4.94
N ASP I 80 5.15 -37.28 -4.78
CA ASP I 80 6.41 -36.52 -4.73
C ASP I 80 6.62 -35.72 -6.00
N MET I 81 6.17 -36.22 -7.16
CA MET I 81 6.41 -35.52 -8.43
C MET I 81 5.72 -34.16 -8.48
N PHE I 82 4.72 -33.90 -7.62
CA PHE I 82 4.00 -32.63 -7.60
C PHE I 82 4.56 -31.64 -6.58
N GLU I 83 5.63 -32.00 -5.88
CA GLU I 83 6.10 -31.22 -4.73
C GLU I 83 6.27 -29.76 -5.08
N GLY I 84 5.56 -28.91 -4.35
CA GLY I 84 5.66 -27.47 -4.54
C GLY I 84 5.04 -26.90 -5.79
N ILE I 85 4.36 -27.72 -6.59
CA ILE I 85 3.70 -27.24 -7.80
C ILE I 85 2.47 -26.44 -7.40
N GLN I 86 2.48 -25.17 -7.75
CA GLN I 86 1.40 -24.28 -7.37
C GLN I 86 0.31 -24.20 -8.42
N ASP I 87 0.58 -24.57 -9.68
CA ASP I 87 -0.41 -24.48 -10.74
C ASP I 87 -1.10 -25.82 -11.00
N SER I 88 -2.15 -25.74 -11.78
CA SER I 88 -2.91 -26.91 -12.17
C SER I 88 -2.17 -27.65 -13.29
N PRO I 89 -1.96 -28.99 -13.16
CA PRO I 89 -2.37 -29.90 -12.09
C PRO I 89 -1.51 -29.82 -10.83
N ARG I 90 -2.12 -29.84 -9.64
CA ARG I 90 -1.37 -29.85 -8.40
C ARG I 90 -1.29 -31.23 -7.76
N ASN I 91 -2.08 -32.19 -8.20
CA ASN I 91 -1.98 -33.54 -7.67
C ASN I 91 -2.40 -34.49 -8.77
N TYR I 92 -2.34 -35.77 -8.45
CA TYR I 92 -2.68 -36.74 -9.48
C TYR I 92 -4.18 -36.72 -9.77
N GLN I 93 -5.01 -36.27 -8.83
CA GLN I 93 -6.44 -36.20 -9.12
C GLN I 93 -6.74 -35.12 -10.14
N GLU I 94 -6.11 -33.94 -10.02
CA GLU I 94 -6.30 -32.90 -11.02
C GLU I 94 -5.73 -33.33 -12.36
N LEU I 95 -4.58 -34.03 -12.33
CA LEU I 95 -4.03 -34.58 -13.55
C LEU I 95 -5.06 -35.41 -14.28
N CYS I 96 -5.70 -36.35 -13.55
CA CYS I 96 -6.72 -37.20 -14.17
C CYS I 96 -7.88 -36.37 -14.71
N ASN I 97 -8.29 -35.31 -14.00
CA ASN I 97 -9.40 -34.51 -14.48
C ASN I 97 -9.03 -33.74 -15.75
N MET I 98 -7.81 -33.21 -15.80
CA MET I 98 -7.38 -32.51 -17.01
C MET I 98 -7.23 -33.46 -18.19
N PHE I 99 -6.76 -34.70 -17.94
CA PHE I 99 -6.76 -35.72 -18.99
C PHE I 99 -8.15 -35.91 -19.57
N ASN I 100 -9.15 -35.94 -18.69
CA ASN I 100 -10.53 -36.17 -19.09
C ASN I 100 -11.03 -35.05 -20.01
N ASP I 101 -10.58 -33.81 -19.80
CA ASP I 101 -10.89 -32.74 -20.75
C ASP I 101 -10.10 -32.92 -22.04
N ILE I 102 -8.78 -33.12 -21.92
CA ILE I 102 -7.91 -33.12 -23.11
C ILE I 102 -8.33 -34.19 -24.10
N PHE I 103 -8.63 -35.41 -23.60
CA PHE I 103 -8.92 -36.56 -24.46
C PHE I 103 -10.30 -36.46 -25.13
N ARG I 104 -11.10 -35.47 -24.83
CA ARG I 104 -12.38 -35.34 -25.50
C ARG I 104 -12.37 -34.27 -26.59
N LYS I 105 -11.24 -33.57 -26.82
CA LYS I 105 -11.18 -32.54 -27.84
C LYS I 105 -9.84 -32.62 -28.56
N ALA I 106 -9.81 -32.04 -29.75
CA ALA I 106 -8.63 -32.05 -30.59
C ALA I 106 -7.67 -30.94 -30.19
N PRO I 107 -6.38 -31.10 -30.45
CA PRO I 107 -5.42 -30.04 -30.12
C PRO I 107 -5.64 -28.81 -30.99
N VAL I 108 -5.11 -27.68 -30.54
CA VAL I 108 -5.17 -26.44 -31.28
C VAL I 108 -3.76 -25.90 -31.49
N TYR I 109 -3.64 -24.92 -32.38
CA TYR I 109 -2.35 -24.33 -32.69
C TYR I 109 -1.99 -23.27 -31.65
N GLY I 110 -0.71 -23.21 -31.29
CA GLY I 110 -0.31 -22.20 -30.34
C GLY I 110 0.75 -22.57 -29.33
N ASP I 111 0.69 -23.77 -28.75
CA ASP I 111 1.61 -24.11 -27.68
C ASP I 111 2.91 -24.68 -28.25
N LEU I 112 3.92 -24.70 -27.40
CA LEU I 112 5.22 -25.19 -27.81
C LEU I 112 5.18 -26.69 -28.13
N GLY I 113 4.34 -27.45 -27.43
CA GLY I 113 4.15 -28.85 -27.70
C GLY I 113 2.69 -29.26 -27.56
N PRO I 114 2.41 -30.54 -27.78
CA PRO I 114 1.02 -31.04 -27.69
C PRO I 114 0.50 -30.97 -26.26
N PRO I 115 -0.82 -31.10 -26.07
CA PRO I 115 -1.40 -30.69 -24.77
C PRO I 115 -1.04 -31.58 -23.59
N VAL I 116 -0.91 -32.89 -23.78
CA VAL I 116 -0.48 -33.75 -22.67
C VAL I 116 0.94 -33.42 -22.26
N TYR I 117 1.84 -33.26 -23.23
CA TYR I 117 3.19 -32.84 -22.89
C TYR I 117 3.18 -31.56 -22.05
N MET I 118 2.40 -30.55 -22.48
CA MET I 118 2.39 -29.26 -21.79
C MET I 118 2.08 -29.40 -20.30
N ILE I 119 1.03 -30.16 -19.94
CA ILE I 119 0.73 -30.33 -18.52
C ILE I 119 1.62 -31.37 -17.83
N MET I 120 2.41 -32.16 -18.58
CA MET I 120 3.27 -33.17 -17.98
C MET I 120 4.71 -32.72 -17.77
N ALA I 121 5.14 -31.64 -18.45
CA ALA I 121 6.56 -31.33 -18.53
C ALA I 121 7.17 -31.10 -17.16
N LYS I 122 6.44 -30.43 -16.26
CA LYS I 122 6.97 -30.18 -14.92
C LYS I 122 7.14 -31.50 -14.16
N LEU I 123 6.20 -32.44 -14.30
CA LEU I 123 6.31 -33.75 -13.67
C LEU I 123 7.48 -34.56 -14.23
N MET I 124 7.59 -34.61 -15.57
CA MET I 124 8.70 -35.34 -16.18
C MET I 124 10.04 -34.87 -15.69
N ASN I 125 10.12 -33.61 -15.23
CA ASN I 125 11.38 -33.01 -14.83
C ASN I 125 11.74 -33.26 -13.36
N THR I 126 11.18 -34.30 -12.76
CA THR I 126 11.52 -34.67 -11.39
C THR I 126 12.04 -36.10 -11.37
N ARG I 127 12.75 -36.42 -10.30
CA ARG I 127 13.17 -37.80 -10.18
C ARG I 127 11.98 -38.73 -9.90
N ALA I 128 10.98 -38.30 -9.12
CA ALA I 128 9.79 -39.10 -8.89
C ALA I 128 9.04 -39.36 -10.20
N GLY I 129 8.93 -38.33 -11.06
CA GLY I 129 8.22 -38.51 -12.32
C GLY I 129 8.94 -39.47 -13.27
N PHE I 130 10.26 -39.31 -13.41
CA PHE I 130 11.03 -40.24 -14.22
C PHE I 130 10.87 -41.68 -13.74
N SER I 131 10.95 -41.91 -12.42
CA SER I 131 10.71 -43.27 -11.90
C SER I 131 9.36 -43.81 -12.37
N ALA I 132 8.29 -43.04 -12.14
CA ALA I 132 6.96 -43.51 -12.50
C ALA I 132 6.87 -43.81 -13.98
N PHE I 133 7.38 -42.90 -14.81
CA PHE I 133 7.26 -42.96 -16.26
C PHE I 133 8.19 -43.98 -16.90
N THR I 134 9.04 -44.65 -16.10
CA THR I 134 9.86 -45.74 -16.61
C THR I 134 9.44 -47.10 -16.07
N ARG I 135 8.16 -47.23 -15.69
CA ARG I 135 7.56 -48.50 -15.31
C ARG I 135 6.69 -48.98 -16.47
N GLN I 136 7.02 -50.17 -17.00
CA GLN I 136 6.24 -50.72 -18.10
C GLN I 136 4.77 -50.83 -17.73
N ARG I 137 4.49 -51.03 -16.43
CA ARG I 137 3.14 -51.28 -15.96
C ARG I 137 2.27 -50.03 -16.04
N LEU I 138 2.84 -48.87 -15.71
CA LEU I 138 2.20 -47.57 -15.94
C LEU I 138 2.09 -47.22 -17.42
N ASN I 139 3.15 -47.49 -18.19
CA ASN I 139 3.11 -47.11 -19.59
C ASN I 139 2.02 -47.88 -20.36
N LEU I 140 1.66 -49.07 -19.90
CA LEU I 140 0.50 -49.77 -20.48
C LEU I 140 -0.75 -48.90 -20.39
N HIS I 141 -0.90 -48.15 -19.28
CA HIS I 141 -2.08 -47.30 -19.13
C HIS I 141 -2.01 -46.07 -20.03
N PHE I 142 -0.84 -45.41 -20.09
CA PHE I 142 -0.68 -44.31 -21.05
C PHE I 142 -1.04 -44.77 -22.46
N LYS I 143 -0.60 -45.97 -22.83
CA LYS I 143 -0.95 -46.49 -24.14
C LYS I 143 -2.46 -46.49 -24.33
N LYS I 144 -3.18 -47.03 -23.33
CA LYS I 144 -4.63 -47.14 -23.38
C LYS I 144 -5.26 -45.76 -23.47
N LEU I 145 -4.75 -44.82 -22.67
CA LEU I 145 -5.28 -43.45 -22.67
C LEU I 145 -5.14 -42.83 -24.06
N PHE I 146 -3.94 -42.87 -24.64
CA PHE I 146 -3.71 -42.20 -25.91
C PHE I 146 -4.41 -42.92 -27.07
N ASP I 147 -4.48 -44.25 -27.02
CA ASP I 147 -5.26 -44.95 -28.04
C ASP I 147 -6.72 -44.51 -27.99
N THR I 148 -7.27 -44.39 -26.78
CA THR I 148 -8.64 -43.93 -26.62
C THR I 148 -8.80 -42.53 -27.21
N TRP I 149 -7.87 -41.63 -26.89
CA TRP I 149 -7.89 -40.28 -27.43
C TRP I 149 -7.84 -40.32 -28.96
N GLY I 150 -6.98 -41.17 -29.52
CA GLY I 150 -6.81 -41.22 -30.96
C GLY I 150 -8.06 -41.63 -31.70
N LEU I 151 -8.91 -42.44 -31.04
CA LEU I 151 -10.23 -42.75 -31.60
C LEU I 151 -11.02 -41.48 -31.89
N PHE I 152 -11.15 -40.62 -30.88
CA PHE I 152 -11.81 -39.35 -31.08
C PHE I 152 -11.15 -38.54 -32.19
N LEU I 153 -9.82 -38.58 -32.29
CA LEU I 153 -9.13 -37.76 -33.26
C LEU I 153 -9.24 -38.31 -34.69
N SER I 154 -9.85 -39.48 -34.85
CA SER I 154 -10.16 -40.07 -36.14
C SER I 154 -11.61 -39.85 -36.54
N SER I 155 -12.40 -39.22 -35.67
CA SER I 155 -13.85 -39.10 -35.82
C SER I 155 -14.21 -37.74 -36.39
N LYS I 156 -15.39 -37.69 -37.06
CA LYS I 156 -15.81 -36.45 -37.71
C LYS I 156 -15.85 -35.30 -36.71
N ASP I 157 -16.11 -35.60 -35.43
CA ASP I 157 -16.25 -34.57 -34.41
C ASP I 157 -14.94 -33.83 -34.11
N SER I 158 -13.80 -34.45 -34.39
CA SER I 158 -12.53 -33.77 -34.17
C SER I 158 -12.23 -32.72 -35.23
N ARG I 159 -13.10 -32.55 -36.25
CA ARG I 159 -12.86 -31.51 -37.26
C ARG I 159 -13.05 -30.10 -36.71
N ASN I 160 -13.68 -29.94 -35.55
CA ASN I 160 -14.04 -28.60 -35.08
C ASN I 160 -12.84 -27.69 -34.84
N VAL I 161 -11.62 -28.23 -34.75
CA VAL I 161 -10.44 -27.36 -34.67
C VAL I 161 -9.92 -27.00 -36.05
N LEU I 162 -10.47 -27.59 -37.10
CA LEU I 162 -10.04 -27.31 -38.47
C LEU I 162 -10.82 -26.10 -39.01
N VAL I 163 -10.50 -24.95 -38.42
CA VAL I 163 -11.21 -23.69 -38.63
C VAL I 163 -10.20 -22.56 -38.53
N ALA I 164 -10.62 -21.35 -38.90
CA ALA I 164 -9.74 -20.21 -38.76
C ALA I 164 -9.94 -19.45 -37.46
N ASP I 165 -11.05 -19.72 -36.75
CA ASP I 165 -11.39 -19.05 -35.50
C ASP I 165 -10.18 -18.91 -34.58
N GLN I 166 -10.01 -17.71 -34.05
CA GLN I 166 -9.10 -17.50 -32.94
C GLN I 166 -9.85 -17.90 -31.67
N PHE I 167 -9.21 -18.70 -30.82
CA PHE I 167 -9.87 -19.29 -29.66
C PHE I 167 -9.63 -18.53 -28.36
N ASP I 168 -8.49 -17.86 -28.24
CA ASP I 168 -8.14 -17.01 -27.11
C ASP I 168 -6.92 -16.19 -27.51
N ASP I 169 -6.23 -15.56 -26.57
CA ASP I 169 -5.14 -14.67 -26.94
C ASP I 169 -3.99 -15.45 -27.58
N ARG I 170 -3.77 -16.71 -27.18
CA ARG I 170 -2.60 -17.47 -27.61
C ARG I 170 -2.89 -18.63 -28.56
N HIS I 171 -4.16 -19.05 -28.73
CA HIS I 171 -4.50 -20.25 -29.49
C HIS I 171 -5.46 -19.93 -30.62
N CYS I 172 -5.34 -20.69 -31.72
CA CYS I 172 -6.22 -20.54 -32.86
C CYS I 172 -6.42 -21.88 -33.54
N GLY I 173 -7.38 -21.91 -34.48
CA GLY I 173 -7.63 -23.08 -35.27
C GLY I 173 -6.55 -23.31 -36.33
N TRP I 174 -6.57 -24.52 -36.91
CA TRP I 174 -5.51 -24.95 -37.81
C TRP I 174 -5.62 -24.35 -39.20
N LEU I 175 -6.78 -23.78 -39.55
CA LEU I 175 -6.98 -23.10 -40.82
C LEU I 175 -6.84 -21.59 -40.71
N ASN I 176 -6.60 -21.07 -39.51
CA ASN I 176 -6.21 -19.69 -39.30
C ASN I 176 -4.90 -19.39 -40.05
N GLU I 177 -4.76 -18.17 -40.57
CA GLU I 177 -3.61 -17.90 -41.43
C GLU I 177 -2.30 -17.93 -40.64
N ARG I 178 -2.34 -17.61 -39.35
CA ARG I 178 -1.14 -17.75 -38.53
C ARG I 178 -0.59 -19.18 -38.60
N ALA I 179 -1.49 -20.17 -38.49
CA ALA I 179 -1.09 -21.57 -38.49
C ALA I 179 -0.79 -22.05 -39.90
N LEU I 180 -1.66 -21.68 -40.85
CA LEU I 180 -1.42 -21.96 -42.27
C LEU I 180 -0.04 -21.46 -42.70
N SER I 181 0.34 -20.26 -42.26
CA SER I 181 1.65 -19.72 -42.59
C SER I 181 2.77 -20.58 -41.99
N ALA I 182 2.66 -20.91 -40.70
CA ALA I 182 3.71 -21.68 -40.03
C ALA I 182 3.95 -23.01 -40.73
N MET I 183 2.87 -23.68 -41.18
CA MET I 183 2.96 -25.01 -41.77
C MET I 183 3.58 -25.03 -43.17
N VAL I 184 3.73 -23.90 -43.86
CA VAL I 184 4.39 -23.88 -45.16
C VAL I 184 5.67 -23.08 -45.14
N LYS I 185 6.19 -22.76 -43.96
CA LYS I 185 7.44 -22.02 -43.81
C LYS I 185 8.55 -22.54 -44.74
N HIS I 186 8.68 -23.86 -44.86
CA HIS I 186 9.78 -24.45 -45.62
C HIS I 186 9.37 -24.89 -47.02
N TYR I 187 8.28 -24.36 -47.54
CA TYR I 187 7.83 -24.77 -48.87
C TYR I 187 8.00 -23.65 -49.88
N ASN I 188 8.83 -22.66 -49.56
CA ASN I 188 9.40 -21.78 -50.57
C ASN I 188 8.31 -20.94 -51.24
N GLY I 189 7.48 -20.29 -50.42
CA GLY I 189 6.45 -19.42 -50.94
C GLY I 189 5.15 -20.08 -51.39
N ARG I 190 5.15 -21.39 -51.65
CA ARG I 190 3.89 -22.08 -51.94
C ARG I 190 2.95 -22.09 -50.72
N ALA I 191 1.66 -22.10 -51.00
CA ALA I 191 0.63 -21.98 -49.96
C ALA I 191 0.15 -23.36 -49.54
N PHE I 192 -0.53 -23.40 -48.40
CA PHE I 192 -0.94 -24.67 -47.78
C PHE I 192 -1.71 -25.56 -48.75
N ASP I 193 -2.71 -25.00 -49.44
CA ASP I 193 -3.56 -25.79 -50.33
C ASP I 193 -2.86 -26.14 -51.66
N GLU I 194 -1.76 -25.47 -52.00
CA GLU I 194 -0.91 -25.94 -53.09
C GLU I 194 -0.08 -27.14 -52.64
N VAL I 195 0.55 -27.03 -51.47
CA VAL I 195 1.49 -28.04 -50.97
C VAL I 195 0.76 -29.33 -50.60
N PHE I 196 -0.29 -29.23 -49.79
CA PHE I 196 -0.97 -30.40 -49.29
C PHE I 196 -2.29 -30.62 -50.02
N LEU I 197 -2.69 -31.88 -50.12
CA LEU I 197 -3.92 -32.28 -50.80
C LEU I 197 -5.11 -31.96 -49.92
N CYS I 198 -5.89 -30.96 -50.30
CA CYS I 198 -7.07 -30.60 -49.55
C CYS I 198 -8.02 -29.88 -50.49
N ASP I 199 -9.05 -29.27 -49.92
CA ASP I 199 -10.01 -28.44 -50.66
C ASP I 199 -10.17 -27.13 -49.90
N LYS I 200 -9.54 -26.05 -50.39
CA LYS I 200 -9.57 -24.79 -49.64
C LYS I 200 -10.96 -24.18 -49.59
N ASN I 201 -11.91 -24.65 -50.41
CA ASN I 201 -13.27 -24.14 -50.44
C ASN I 201 -14.23 -24.98 -49.63
N ALA I 202 -13.81 -26.08 -49.16
CA ALA I 202 -14.68 -26.93 -48.38
C ALA I 202 -14.58 -26.58 -46.91
N PRO I 203 -15.63 -26.88 -46.13
CA PRO I 203 -15.50 -26.78 -44.67
C PRO I 203 -14.44 -27.77 -44.18
N TYR I 204 -13.64 -27.31 -43.23
CA TYR I 204 -12.53 -28.08 -42.67
C TYR I 204 -11.48 -28.41 -43.71
N TYR I 205 -11.37 -27.60 -44.76
CA TYR I 205 -10.47 -27.84 -45.87
C TYR I 205 -10.64 -29.26 -46.45
N GLY I 206 -11.79 -29.88 -46.23
CA GLY I 206 -12.04 -31.20 -46.79
C GLY I 206 -11.57 -32.36 -45.95
N PHE I 207 -10.81 -32.12 -44.88
CA PHE I 207 -10.37 -33.22 -44.02
C PHE I 207 -11.55 -33.75 -43.21
N ASN I 208 -11.60 -35.07 -43.03
CA ASN I 208 -12.73 -35.69 -42.32
C ASN I 208 -12.49 -35.92 -40.84
N SER I 209 -11.34 -35.50 -40.31
CA SER I 209 -11.01 -35.64 -38.90
C SER I 209 -9.71 -34.92 -38.66
N TYR I 210 -9.35 -34.77 -37.38
CA TYR I 210 -8.07 -34.15 -37.07
C TYR I 210 -6.91 -35.01 -37.56
N ASP I 211 -6.97 -36.31 -37.30
CA ASP I 211 -5.91 -37.21 -37.75
C ASP I 211 -5.72 -37.13 -39.26
N ASP I 212 -6.83 -37.00 -40.01
CA ASP I 212 -6.75 -36.82 -41.45
C ASP I 212 -5.92 -35.57 -41.79
N PHE I 213 -6.15 -34.48 -41.07
CA PHE I 213 -5.38 -33.26 -41.30
C PHE I 213 -3.92 -33.44 -40.87
N PHE I 214 -3.72 -34.06 -39.70
CA PHE I 214 -2.39 -34.32 -39.17
C PHE I 214 -1.53 -35.12 -40.15
N ASN I 215 -2.15 -36.09 -40.83
CA ASN I 215 -1.46 -36.94 -41.80
C ASN I 215 -1.80 -36.58 -43.25
N ARG I 216 -1.98 -35.28 -43.51
CA ARG I 216 -2.27 -34.80 -44.84
C ARG I 216 -1.17 -35.21 -45.83
N ARG I 217 -1.57 -35.58 -47.03
CA ARG I 217 -0.57 -35.97 -48.00
C ARG I 217 -0.12 -34.76 -48.85
N PHE I 218 0.98 -34.95 -49.59
CA PHE I 218 1.43 -33.89 -50.49
C PHE I 218 0.58 -33.89 -51.76
N ARG I 219 0.19 -32.70 -52.23
CA ARG I 219 -0.56 -32.63 -53.48
C ARG I 219 0.31 -32.98 -54.68
N ASN I 220 1.59 -32.65 -54.62
CA ASN I 220 2.46 -32.84 -55.77
C ASN I 220 3.90 -32.84 -55.29
N ARG I 221 4.38 -34.01 -54.83
CA ARG I 221 5.71 -34.04 -54.23
C ARG I 221 6.80 -33.67 -55.23
N ASP I 222 6.58 -33.93 -56.53
CA ASP I 222 7.60 -33.59 -57.53
C ASP I 222 7.85 -32.09 -57.63
N ILE I 223 6.90 -31.25 -57.22
CA ILE I 223 7.19 -29.82 -57.12
C ILE I 223 7.86 -29.49 -55.79
N ASP I 224 7.19 -29.85 -54.68
CA ASP I 224 7.56 -29.35 -53.35
C ASP I 224 8.60 -30.18 -52.61
N ARG I 225 8.62 -31.50 -52.78
CA ARG I 225 9.54 -32.39 -52.06
C ARG I 225 10.01 -33.48 -53.00
N PRO I 226 10.78 -33.11 -54.02
CA PRO I 226 11.17 -34.10 -55.05
C PRO I 226 12.11 -35.15 -54.50
N VAL I 227 12.01 -36.35 -55.06
CA VAL I 227 12.99 -37.42 -54.81
C VAL I 227 14.28 -37.02 -55.51
N VAL I 228 15.14 -36.28 -54.80
CA VAL I 228 16.31 -35.63 -55.40
C VAL I 228 17.18 -36.64 -56.11
N GLY I 229 17.55 -36.32 -57.35
CA GLY I 229 18.33 -37.21 -58.18
C GLY I 229 17.54 -38.28 -58.90
N GLY I 230 16.27 -38.44 -58.57
CA GLY I 230 15.36 -39.38 -59.21
C GLY I 230 15.46 -40.79 -58.65
N VAL I 231 14.31 -41.48 -58.64
CA VAL I 231 14.18 -42.82 -58.09
C VAL I 231 15.17 -43.80 -58.73
N ASN I 232 15.68 -43.47 -59.92
CA ASN I 232 16.59 -44.37 -60.63
C ASN I 232 18.03 -44.32 -60.13
N ASN I 233 18.43 -43.26 -59.42
CA ASN I 233 19.78 -43.17 -58.87
C ASN I 233 19.76 -43.85 -57.52
N THR I 234 20.33 -45.05 -57.44
CA THR I 234 20.26 -45.83 -56.22
C THR I 234 21.47 -45.59 -55.31
N THR I 235 22.32 -44.63 -55.66
CA THR I 235 23.43 -44.25 -54.80
C THR I 235 23.05 -43.21 -53.75
N LEU I 236 21.77 -42.81 -53.71
CA LEU I 236 21.31 -41.73 -52.84
C LEU I 236 20.33 -42.27 -51.82
N ILE I 237 20.42 -41.77 -50.59
CA ILE I 237 19.51 -42.13 -49.52
C ILE I 237 18.74 -40.87 -49.13
N SER I 238 17.40 -40.97 -49.17
CA SER I 238 16.51 -39.85 -48.90
C SER I 238 16.12 -39.75 -47.43
N ALA I 239 15.84 -38.52 -46.99
CA ALA I 239 15.24 -38.29 -45.68
C ALA I 239 13.86 -38.92 -45.60
N ALA I 240 13.61 -39.70 -44.54
CA ALA I 240 12.33 -40.39 -44.41
C ALA I 240 11.22 -39.52 -43.85
N CYS I 241 11.56 -38.44 -43.15
CA CYS I 241 10.59 -37.59 -42.48
C CYS I 241 10.97 -36.14 -42.69
N GLU I 242 9.97 -35.31 -42.95
CA GLU I 242 10.10 -33.86 -42.86
C GLU I 242 10.47 -33.47 -41.43
N SER I 243 11.68 -32.96 -41.21
CA SER I 243 12.17 -32.84 -39.84
C SER I 243 13.28 -31.79 -39.78
N LEU I 244 13.77 -31.58 -38.57
CA LEU I 244 15.00 -30.84 -38.29
C LEU I 244 16.08 -31.82 -37.86
N SER I 245 17.30 -31.61 -38.35
CA SER I 245 18.49 -32.31 -37.85
C SER I 245 18.52 -32.30 -36.32
N TYR I 246 18.74 -33.46 -35.70
CA TYR I 246 18.86 -33.47 -34.24
C TYR I 246 20.22 -33.98 -33.74
N ASN I 247 20.71 -35.09 -34.28
CA ASN I 247 22.01 -35.63 -33.88
C ASN I 247 22.50 -36.54 -34.99
N VAL I 248 23.82 -36.55 -35.19
CA VAL I 248 24.49 -37.60 -35.96
C VAL I 248 25.54 -38.22 -35.06
N SER I 249 25.62 -39.55 -35.06
CA SER I 249 26.63 -40.25 -34.29
C SER I 249 27.34 -41.26 -35.18
N TYR I 250 28.65 -41.33 -35.03
CA TYR I 250 29.47 -42.28 -35.75
C TYR I 250 29.98 -43.33 -34.78
N ASP I 251 30.33 -44.50 -35.34
CA ASP I 251 30.90 -45.61 -34.60
C ASP I 251 30.02 -45.94 -33.38
N VAL I 252 28.75 -46.22 -33.65
CA VAL I 252 27.79 -46.47 -32.59
C VAL I 252 27.99 -47.87 -32.01
N GLN I 253 27.54 -48.03 -30.77
CA GLN I 253 27.85 -49.21 -29.97
C GLN I 253 26.64 -49.57 -29.09
N SER I 254 26.79 -50.65 -28.33
CA SER I 254 25.80 -51.04 -27.35
C SER I 254 26.31 -50.77 -25.93
N LEU I 255 25.37 -50.43 -25.05
CA LEU I 255 25.65 -50.16 -23.65
C LEU I 255 24.93 -51.19 -22.78
N ASP I 256 25.49 -51.47 -21.60
CA ASP I 256 24.81 -52.38 -20.70
C ASP I 256 23.71 -51.68 -19.90
N THR I 257 23.87 -50.39 -19.56
CA THR I 257 22.82 -49.58 -18.97
C THR I 257 22.82 -48.19 -19.61
N LEU I 258 21.68 -47.51 -19.49
CA LEU I 258 21.54 -46.13 -19.98
C LEU I 258 21.60 -45.15 -18.80
N VAL I 259 22.79 -45.08 -18.23
CA VAL I 259 23.07 -44.29 -17.02
C VAL I 259 24.36 -43.53 -17.24
N PHE I 260 24.34 -42.22 -16.95
CA PHE I 260 25.55 -41.39 -16.90
C PHE I 260 26.18 -41.28 -18.27
N LYS I 261 25.53 -42.00 -19.22
CA LYS I 261 25.74 -42.03 -20.67
C LYS I 261 24.58 -41.35 -21.43
N GLY I 262 23.96 -40.26 -20.85
CA GLY I 262 22.80 -39.69 -21.51
C GLY I 262 23.10 -39.14 -22.87
N GLU I 263 22.17 -39.31 -23.79
CA GLU I 263 22.33 -38.78 -25.14
C GLU I 263 23.41 -39.54 -25.90
N THR I 264 23.54 -40.83 -25.57
CA THR I 264 24.28 -41.80 -26.35
C THR I 264 23.34 -42.89 -26.81
N TYR I 265 23.46 -43.31 -28.06
CA TYR I 265 22.72 -44.49 -28.49
C TYR I 265 23.32 -45.75 -27.88
N SER I 266 22.45 -46.74 -27.64
CA SER I 266 22.84 -48.11 -27.35
C SER I 266 22.09 -49.00 -28.35
N LEU I 267 22.82 -49.50 -29.36
CA LEU I 267 22.19 -50.28 -30.43
C LEU I 267 21.32 -51.39 -29.88
N LYS I 268 21.85 -52.17 -28.93
CA LYS I 268 21.11 -53.26 -28.29
C LYS I 268 19.75 -52.77 -27.77
N HIS I 269 19.68 -51.56 -27.21
CA HIS I 269 18.42 -51.00 -26.73
C HIS I 269 17.58 -50.42 -27.87
N LEU I 270 18.14 -49.46 -28.61
CA LEU I 270 17.45 -48.86 -29.75
C LEU I 270 16.76 -49.93 -30.61
N LEU I 271 17.51 -50.96 -31.03
CA LEU I 271 16.98 -52.01 -31.89
C LEU I 271 16.37 -53.17 -31.11
N ASN I 272 16.22 -53.04 -29.78
CA ASN I 272 15.48 -54.02 -28.98
C ASN I 272 16.04 -55.44 -29.15
N ASN I 273 17.38 -55.55 -29.11
CA ASN I 273 18.10 -56.83 -29.17
C ASN I 273 17.80 -57.62 -30.43
N ASP I 274 17.57 -56.95 -31.56
CA ASP I 274 17.27 -57.68 -32.79
C ASP I 274 18.49 -58.51 -33.21
N PRO I 275 18.27 -59.71 -33.78
CA PRO I 275 19.40 -60.45 -34.37
C PRO I 275 20.24 -59.63 -35.35
N PHE I 276 19.68 -58.63 -36.07
CA PHE I 276 20.50 -57.79 -36.95
C PHE I 276 21.42 -56.83 -36.19
N THR I 277 21.21 -56.64 -34.90
CA THR I 277 21.96 -55.63 -34.15
C THR I 277 23.47 -55.68 -34.40
N PRO I 278 24.14 -56.84 -34.38
CA PRO I 278 25.61 -56.83 -34.57
C PRO I 278 26.05 -56.20 -35.88
N GLN I 279 25.25 -56.31 -36.95
CA GLN I 279 25.63 -55.75 -38.25
C GLN I 279 25.80 -54.23 -38.22
N PHE I 280 25.18 -53.55 -37.25
CA PHE I 280 25.20 -52.10 -37.15
C PHE I 280 26.19 -51.61 -36.12
N GLU I 281 26.85 -52.53 -35.42
CA GLU I 281 27.94 -52.16 -34.53
C GLU I 281 29.01 -51.39 -35.32
N HIS I 282 29.44 -50.25 -34.77
CA HIS I 282 30.40 -49.32 -35.38
C HIS I 282 29.82 -48.53 -36.54
N GLY I 283 28.53 -48.68 -36.86
CA GLY I 283 27.91 -47.94 -37.94
C GLY I 283 27.57 -46.51 -37.53
N SER I 284 26.66 -45.86 -38.26
CA SER I 284 26.34 -44.46 -37.99
C SER I 284 24.84 -44.28 -37.99
N ILE I 285 24.40 -43.23 -37.30
CA ILE I 285 22.99 -42.93 -37.10
C ILE I 285 22.77 -41.44 -37.31
N LEU I 286 21.77 -41.10 -38.13
CA LEU I 286 21.24 -39.75 -38.26
C LEU I 286 19.84 -39.73 -37.66
N GLN I 287 19.55 -38.75 -36.81
CA GLN I 287 18.25 -38.65 -36.13
C GLN I 287 17.65 -37.27 -36.35
N GLY I 288 16.38 -37.24 -36.75
CA GLY I 288 15.65 -36.01 -36.94
C GLY I 288 14.48 -35.81 -35.96
N PHE I 289 14.07 -34.56 -35.79
CA PHE I 289 12.95 -34.20 -34.94
C PHE I 289 11.89 -33.56 -35.81
N LEU I 290 10.64 -34.03 -35.68
CA LEU I 290 9.51 -33.46 -36.41
C LEU I 290 8.78 -32.47 -35.50
N ASN I 291 8.67 -31.20 -35.93
CA ASN I 291 7.87 -30.21 -35.20
C ASN I 291 6.40 -30.62 -35.16
N VAL I 292 5.65 -29.97 -34.27
CA VAL I 292 4.26 -30.37 -34.14
C VAL I 292 3.46 -30.03 -35.39
N THR I 293 3.89 -29.01 -36.15
CA THR I 293 3.20 -28.62 -37.38
C THR I 293 3.76 -29.28 -38.65
N ALA I 294 4.67 -30.24 -38.53
CA ALA I 294 5.30 -30.80 -39.72
C ALA I 294 4.45 -31.91 -40.35
N TYR I 295 4.73 -32.15 -41.62
CA TYR I 295 4.22 -33.33 -42.28
C TYR I 295 4.66 -34.56 -41.48
N HIS I 296 3.73 -35.46 -41.16
CA HIS I 296 4.04 -36.56 -40.25
C HIS I 296 3.96 -37.94 -40.90
N ARG I 297 4.08 -38.03 -42.22
CA ARG I 297 4.14 -39.35 -42.84
C ARG I 297 5.60 -39.75 -43.04
N TRP I 298 5.81 -41.05 -43.32
CA TRP I 298 7.12 -41.62 -43.56
C TRP I 298 7.24 -41.96 -45.04
N HIS I 299 8.40 -41.66 -45.60
CA HIS I 299 8.74 -42.03 -46.96
C HIS I 299 9.91 -43.00 -46.98
N ALA I 300 9.96 -43.84 -48.01
CA ALA I 300 11.04 -44.83 -48.11
C ALA I 300 12.35 -44.13 -48.45
N PRO I 301 13.43 -44.40 -47.70
CA PRO I 301 14.70 -43.69 -47.95
C PRO I 301 15.53 -44.26 -49.10
N VAL I 302 15.18 -45.45 -49.59
CA VAL I 302 15.91 -46.13 -50.66
C VAL I 302 14.92 -46.96 -51.47
N ASN I 303 15.33 -47.35 -52.68
CA ASN I 303 14.67 -48.46 -53.35
C ASN I 303 15.08 -49.75 -52.65
N GLY I 304 14.12 -50.55 -52.21
CA GLY I 304 14.52 -51.77 -51.53
C GLY I 304 13.33 -52.56 -51.05
N THR I 305 13.64 -53.57 -50.24
CA THR I 305 12.67 -54.52 -49.73
C THR I 305 12.54 -54.38 -48.22
N ILE I 306 11.30 -54.39 -47.73
CA ILE I 306 11.07 -54.35 -46.30
C ILE I 306 11.45 -55.71 -45.74
N VAL I 307 12.47 -55.74 -44.89
CA VAL I 307 12.92 -57.01 -44.34
C VAL I 307 12.13 -57.39 -43.10
N LYS I 308 11.86 -56.44 -42.21
CA LYS I 308 11.36 -56.74 -40.88
C LYS I 308 10.82 -55.47 -40.23
N ILE I 309 9.61 -55.56 -39.66
CA ILE I 309 8.96 -54.47 -38.95
C ILE I 309 8.68 -54.96 -37.53
N ILE I 310 9.19 -54.24 -36.53
CA ILE I 310 9.01 -54.63 -35.13
C ILE I 310 8.42 -53.46 -34.36
N ASN I 311 7.36 -53.73 -33.61
CA ASN I 311 6.74 -52.69 -32.78
C ASN I 311 7.12 -52.94 -31.34
N VAL I 312 7.74 -51.94 -30.72
CA VAL I 312 8.34 -52.08 -29.40
C VAL I 312 7.60 -51.18 -28.42
N PRO I 313 6.99 -51.75 -27.38
CA PRO I 313 6.41 -50.90 -26.32
C PRO I 313 7.52 -50.20 -25.55
N GLY I 314 7.20 -49.02 -25.03
CA GLY I 314 8.21 -48.26 -24.32
C GLY I 314 7.66 -47.10 -23.54
N THR I 315 8.53 -46.12 -23.30
CA THR I 315 8.16 -44.92 -22.56
C THR I 315 7.43 -43.92 -23.46
N TYR I 316 6.81 -42.94 -22.82
CA TYR I 316 6.15 -41.75 -23.35
C TYR I 316 6.68 -40.47 -22.71
N PHE I 317 7.02 -40.50 -21.42
CA PHE I 317 7.32 -39.27 -20.69
C PHE I 317 8.67 -39.32 -20.01
N ALA I 318 9.61 -40.11 -20.54
CA ALA I 318 10.95 -40.24 -19.95
C ALA I 318 11.90 -39.28 -20.63
N GLN I 319 12.40 -38.29 -19.88
CA GLN I 319 13.50 -37.48 -20.38
C GLN I 319 14.82 -38.11 -19.90
N ALA I 320 15.94 -37.56 -20.38
CA ALA I 320 17.24 -38.07 -19.97
C ALA I 320 17.50 -37.74 -18.50
N PRO I 321 17.90 -38.71 -17.67
CA PRO I 321 18.10 -38.43 -16.23
C PRO I 321 19.08 -37.29 -15.97
N SER I 322 20.13 -37.14 -16.81
CA SER I 322 21.07 -36.02 -16.67
C SER I 322 20.42 -34.65 -16.77
N THR I 323 19.21 -34.55 -17.37
CA THR I 323 18.54 -33.26 -17.50
C THR I 323 17.50 -33.02 -16.42
N ILE I 324 17.26 -33.99 -15.53
CA ILE I 324 16.24 -33.82 -14.51
C ILE I 324 16.61 -32.62 -13.64
N GLY I 325 15.70 -31.65 -13.57
CA GLY I 325 15.94 -30.44 -12.80
C GLY I 325 16.35 -29.22 -13.61
N ASP I 326 16.83 -29.39 -14.84
CA ASP I 326 17.14 -28.26 -15.70
C ASP I 326 15.94 -27.33 -15.86
N PRO I 327 16.18 -26.05 -16.14
CA PRO I 327 15.05 -25.12 -16.28
C PRO I 327 14.17 -25.45 -17.48
N ILE I 328 12.86 -25.28 -17.30
CA ILE I 328 11.92 -25.38 -18.41
C ILE I 328 11.61 -23.99 -18.93
N PRO I 329 12.23 -23.57 -20.04
CA PRO I 329 12.07 -22.17 -20.50
C PRO I 329 10.61 -21.81 -20.75
N ASP I 330 10.28 -20.56 -20.43
CA ASP I 330 8.96 -19.99 -20.66
C ASP I 330 8.84 -19.25 -22.00
N ASN I 331 9.70 -19.61 -22.97
CA ASN I 331 9.73 -19.05 -24.31
C ASN I 331 9.66 -20.20 -25.31
N ASP I 332 10.06 -19.96 -26.55
CA ASP I 332 9.98 -20.89 -27.73
C ASP I 332 11.30 -21.13 -28.46
N TYR I 333 12.40 -20.46 -28.09
CA TYR I 333 13.68 -20.78 -28.70
C TYR I 333 14.60 -21.61 -27.82
N ASP I 334 14.37 -21.57 -26.54
CA ASP I 334 15.22 -22.43 -25.71
C ASP I 334 14.61 -23.81 -25.51
N PRO I 335 15.34 -24.88 -25.80
CA PRO I 335 14.78 -26.23 -25.69
C PRO I 335 14.61 -26.61 -24.24
N PRO I 336 13.45 -27.17 -23.88
CA PRO I 336 13.25 -27.72 -22.52
C PRO I 336 13.94 -29.06 -22.39
N PRO I 337 14.07 -29.59 -21.16
CA PRO I 337 14.87 -30.82 -20.96
C PRO I 337 14.45 -31.99 -21.84
N TYR I 338 13.14 -32.23 -21.99
CA TYR I 338 12.67 -33.31 -22.85
C TYR I 338 13.20 -33.17 -24.27
N LEU I 339 13.13 -31.98 -24.86
CA LEU I 339 13.62 -31.81 -26.24
C LEU I 339 15.15 -31.81 -26.33
N LYS I 340 15.86 -31.85 -25.20
CA LYS I 340 17.28 -32.16 -25.21
C LYS I 340 17.58 -33.65 -24.95
N SER I 341 16.56 -34.52 -25.01
CA SER I 341 16.68 -35.92 -24.62
C SER I 341 16.45 -36.92 -25.75
N LEU I 342 16.30 -36.47 -26.99
CA LEU I 342 15.82 -37.35 -28.06
C LEU I 342 16.78 -38.51 -28.31
N VAL I 343 18.09 -38.30 -28.21
CA VAL I 343 18.98 -39.43 -28.40
C VAL I 343 18.79 -40.44 -27.28
N TYR I 344 18.76 -39.97 -26.03
CA TYR I 344 18.56 -40.86 -24.90
C TYR I 344 17.32 -41.73 -25.06
N PHE I 345 16.15 -41.10 -25.27
CA PHE I 345 14.91 -41.89 -25.18
C PHE I 345 14.57 -42.61 -26.48
N SER I 346 15.33 -42.40 -27.56
CA SER I 346 15.23 -43.31 -28.69
C SER I 346 15.53 -44.74 -28.26
N ASN I 347 16.29 -44.89 -27.18
CA ASN I 347 16.64 -46.22 -26.66
C ASN I 347 15.45 -46.92 -26.01
N ILE I 348 14.47 -46.16 -25.48
CA ILE I 348 13.46 -46.75 -24.60
C ILE I 348 12.02 -46.36 -24.93
N ALA I 349 11.83 -45.37 -25.82
CA ALA I 349 10.49 -44.90 -26.11
C ALA I 349 9.72 -45.91 -26.96
N ALA I 350 8.39 -45.90 -26.81
CA ALA I 350 7.55 -46.61 -27.77
C ALA I 350 7.94 -46.23 -29.20
N ARG I 351 8.21 -47.24 -30.02
CA ARG I 351 8.87 -47.01 -31.29
C ARG I 351 8.62 -48.20 -32.21
N GLN I 352 8.84 -47.97 -33.50
CA GLN I 352 8.79 -49.03 -34.50
C GLN I 352 10.13 -49.07 -35.21
N ILE I 353 10.70 -50.28 -35.30
CA ILE I 353 11.96 -50.52 -35.97
C ILE I 353 11.64 -51.12 -37.33
N MET I 354 12.26 -50.60 -38.38
CA MET I 354 12.03 -51.12 -39.72
C MET I 354 13.37 -51.37 -40.40
N PHE I 355 13.63 -52.62 -40.76
CA PHE I 355 14.85 -53.00 -41.49
C PHE I 355 14.55 -53.06 -42.98
N ILE I 356 15.38 -52.41 -43.78
CA ILE I 356 15.18 -52.39 -45.22
C ILE I 356 16.45 -52.87 -45.89
N GLU I 357 16.29 -53.74 -46.91
CA GLU I 357 17.40 -54.16 -47.74
C GLU I 357 17.41 -53.34 -49.04
N ALA I 358 18.33 -52.39 -49.11
CA ALA I 358 18.47 -51.52 -50.28
C ALA I 358 18.81 -52.34 -51.51
N ASP I 359 18.17 -52.01 -52.64
CA ASP I 359 18.50 -52.66 -53.90
C ASP I 359 19.98 -52.49 -54.24
N ASN I 360 20.56 -51.35 -53.90
CA ASN I 360 21.97 -51.13 -54.14
C ASN I 360 22.78 -51.88 -53.08
N LYS I 361 23.49 -52.94 -53.50
CA LYS I 361 24.23 -53.79 -52.57
C LYS I 361 25.27 -53.03 -51.78
N GLU I 362 25.76 -51.90 -52.30
CA GLU I 362 26.74 -51.08 -51.59
C GLU I 362 26.12 -50.30 -50.43
N ILE I 363 24.80 -50.23 -50.36
CA ILE I 363 24.09 -49.66 -49.24
C ILE I 363 23.56 -50.75 -48.32
N GLY I 364 22.96 -51.78 -48.92
CA GLY I 364 22.66 -52.98 -48.23
C GLY I 364 21.58 -52.82 -47.19
N LEU I 365 21.77 -53.53 -46.07
CA LEU I 365 20.81 -53.49 -44.98
C LEU I 365 20.93 -52.15 -44.26
N ILE I 366 19.78 -51.46 -44.10
CA ILE I 366 19.71 -50.24 -43.32
C ILE I 366 18.61 -50.45 -42.29
N PHE I 367 18.55 -49.54 -41.32
CA PHE I 367 17.39 -49.55 -40.44
C PHE I 367 16.83 -48.14 -40.31
N LEU I 368 15.55 -48.10 -40.01
CA LEU I 368 14.83 -46.91 -39.60
C LEU I 368 14.21 -47.21 -38.25
N VAL I 369 14.26 -46.25 -37.32
CA VAL I 369 13.48 -46.32 -36.09
C VAL I 369 12.58 -45.09 -36.04
N PHE I 370 11.27 -45.31 -35.96
CA PHE I 370 10.32 -44.21 -35.77
C PHE I 370 10.00 -44.09 -34.28
N ILE I 371 10.30 -42.94 -33.70
CA ILE I 371 10.39 -42.76 -32.25
C ILE I 371 9.24 -41.90 -31.77
N GLY I 372 8.40 -42.46 -30.89
CA GLY I 372 7.31 -41.69 -30.33
C GLY I 372 7.78 -40.63 -29.34
N MET I 373 6.92 -39.64 -29.14
CA MET I 373 7.15 -38.59 -28.16
C MET I 373 5.82 -38.23 -27.54
N THR I 374 5.74 -38.40 -26.21
CA THR I 374 4.52 -38.20 -25.41
C THR I 374 3.30 -38.75 -26.17
N GLU I 375 2.27 -37.95 -26.38
CA GLU I 375 1.03 -38.47 -26.97
C GLU I 375 1.12 -38.74 -28.47
N ILE I 376 2.17 -38.28 -29.16
CA ILE I 376 2.32 -38.64 -30.58
C ILE I 376 3.28 -39.83 -30.67
N SER I 377 2.77 -41.03 -30.39
CA SER I 377 3.63 -42.19 -30.22
C SER I 377 3.14 -43.44 -30.96
N THR I 378 2.06 -43.33 -31.72
CA THR I 378 1.61 -44.44 -32.55
C THR I 378 2.36 -44.44 -33.90
N CYS I 379 2.91 -45.60 -34.25
CA CYS I 379 3.72 -45.78 -35.45
C CYS I 379 3.01 -46.79 -36.34
N GLU I 380 2.29 -46.30 -37.34
CA GLU I 380 1.61 -47.18 -38.28
C GLU I 380 2.47 -47.36 -39.52
N ALA I 381 2.89 -48.61 -39.76
CA ALA I 381 3.44 -48.99 -41.06
C ALA I 381 2.31 -49.27 -42.04
N THR I 382 2.43 -48.73 -43.26
CA THR I 382 1.52 -49.08 -44.34
C THR I 382 2.20 -49.95 -45.40
N VAL I 383 3.35 -50.54 -45.07
CA VAL I 383 4.03 -51.50 -45.91
C VAL I 383 4.12 -52.81 -45.14
N SER I 384 4.43 -53.88 -45.86
CA SER I 384 4.46 -55.23 -45.30
C SER I 384 5.85 -55.80 -45.45
N GLU I 385 6.21 -56.72 -44.55
CA GLU I 385 7.47 -57.41 -44.73
C GLU I 385 7.47 -58.10 -46.09
N GLY I 386 8.60 -58.03 -46.79
CA GLY I 386 8.73 -58.61 -48.11
C GLY I 386 8.38 -57.69 -49.25
N GLN I 387 7.60 -56.65 -49.01
CA GLN I 387 7.20 -55.72 -50.05
C GLN I 387 8.39 -54.91 -50.57
N HIS I 388 8.33 -54.55 -51.86
CA HIS I 388 9.32 -53.66 -52.47
C HIS I 388 8.77 -52.24 -52.51
N VAL I 389 9.66 -51.27 -52.32
CA VAL I 389 9.31 -49.86 -52.36
C VAL I 389 10.42 -49.10 -53.08
N ASN I 390 10.04 -47.96 -53.65
CA ASN I 390 10.96 -47.00 -54.25
C ASN I 390 11.15 -45.82 -53.32
N ARG I 391 12.36 -45.26 -53.34
CA ARG I 391 12.67 -44.04 -52.63
C ARG I 391 11.56 -43.00 -52.82
N GLY I 392 10.96 -42.55 -51.72
CA GLY I 392 9.89 -41.56 -51.72
C GLY I 392 8.48 -42.11 -51.55
N ASP I 393 8.30 -43.44 -51.61
CA ASP I 393 6.99 -44.05 -51.40
C ASP I 393 6.61 -44.00 -49.91
N ASP I 394 5.31 -44.15 -49.63
CA ASP I 394 4.85 -44.20 -48.24
C ASP I 394 5.41 -45.43 -47.53
N LEU I 395 5.97 -45.23 -46.32
CA LEU I 395 6.22 -46.36 -45.43
C LEU I 395 5.16 -46.48 -44.35
N GLY I 396 4.59 -45.35 -43.98
CA GLY I 396 3.62 -45.32 -42.90
C GLY I 396 3.55 -43.90 -42.36
N MET I 397 3.14 -43.78 -41.11
CA MET I 397 2.96 -42.46 -40.54
C MET I 397 2.85 -42.54 -39.02
N PHE I 398 2.99 -41.36 -38.41
CA PHE I 398 2.72 -41.16 -36.99
C PHE I 398 1.25 -40.81 -36.74
N HIS I 399 0.75 -41.18 -35.57
CA HIS I 399 -0.56 -40.72 -35.10
C HIS I 399 -0.47 -40.35 -33.64
N PHE I 400 -1.34 -39.43 -33.21
CA PHE I 400 -1.68 -39.36 -31.81
C PHE I 400 -2.16 -40.74 -31.35
N GLY I 401 -1.60 -41.22 -30.26
CA GLY I 401 -1.93 -42.53 -29.75
C GLY I 401 -0.74 -43.13 -29.01
N GLY I 402 -0.93 -44.36 -28.55
CA GLY I 402 0.09 -45.07 -27.79
C GLY I 402 1.06 -45.87 -28.66
N SER J 1 9.90 -38.33 -33.61
CA SER J 1 11.33 -38.38 -33.98
C SER J 1 11.65 -39.62 -34.82
N PHE J 2 12.74 -39.58 -35.59
CA PHE J 2 13.12 -40.75 -36.39
C PHE J 2 14.64 -40.86 -36.46
N ALA J 3 15.13 -42.09 -36.69
CA ALA J 3 16.56 -42.32 -36.84
C ALA J 3 16.82 -43.26 -38.00
N LEU J 4 17.83 -42.91 -38.80
CA LEU J 4 18.34 -43.72 -39.90
C LEU J 4 19.64 -44.36 -39.46
N GLY J 5 19.77 -45.68 -39.67
CA GLY J 5 20.97 -46.43 -39.29
C GLY J 5 21.71 -47.04 -40.47
N LEU J 6 23.01 -46.78 -40.54
CA LEU J 6 23.88 -47.32 -41.58
C LEU J 6 24.97 -48.18 -40.96
N ARG J 7 25.24 -49.31 -41.62
CA ARG J 7 26.34 -50.20 -41.23
C ARG J 7 27.71 -49.57 -41.55
N LYS J 8 28.76 -50.01 -40.84
CA LYS J 8 30.11 -49.53 -41.14
C LYS J 8 30.53 -49.94 -42.54
N ASP J 9 30.26 -51.19 -42.93
CA ASP J 9 30.53 -51.70 -44.27
C ASP J 9 29.70 -51.02 -45.36
N CYS J 10 28.79 -50.13 -45.01
CA CYS J 10 28.01 -49.42 -46.00
C CYS J 10 28.86 -48.25 -46.52
N ARG J 11 29.06 -48.23 -47.84
CA ARG J 11 29.86 -47.22 -48.50
C ARG J 11 29.14 -45.85 -48.62
N ALA J 12 27.96 -45.70 -48.04
CA ALA J 12 27.26 -44.41 -48.04
C ALA J 12 27.66 -43.61 -46.82
N GLU J 13 27.69 -42.28 -46.99
CA GLU J 13 28.15 -41.37 -45.95
C GLU J 13 27.10 -40.30 -45.74
N ILE J 14 26.73 -40.08 -44.48
CA ILE J 14 25.79 -39.02 -44.12
C ILE J 14 26.30 -37.68 -44.64
N VAL J 15 25.39 -36.90 -45.17
CA VAL J 15 25.74 -35.59 -45.73
C VAL J 15 26.10 -34.64 -44.59
N GLU J 16 27.29 -34.02 -44.69
CA GLU J 16 27.91 -33.34 -43.55
C GLU J 16 27.04 -32.22 -42.98
N LYS J 17 26.25 -31.52 -43.81
CA LYS J 17 25.52 -30.38 -43.24
C LYS J 17 24.55 -30.81 -42.16
N PHE J 18 24.12 -32.08 -42.18
CA PHE J 18 23.18 -32.57 -41.18
C PHE J 18 23.83 -32.95 -39.87
N THR J 19 25.16 -32.96 -39.78
CA THR J 19 25.76 -33.12 -38.46
C THR J 19 25.61 -31.87 -37.60
N GLU J 20 25.15 -30.74 -38.15
CA GLU J 20 24.87 -29.56 -37.33
C GLU J 20 23.42 -29.61 -36.86
N PRO J 21 23.19 -29.76 -35.56
CA PRO J 21 21.82 -29.75 -35.05
C PRO J 21 21.07 -28.51 -35.53
N GLY J 22 19.77 -28.68 -35.79
CA GLY J 22 18.92 -27.58 -36.20
C GLY J 22 18.79 -27.40 -37.71
N THR J 23 19.62 -28.07 -38.50
CA THR J 23 19.52 -27.96 -39.95
C THR J 23 18.20 -28.52 -40.45
N VAL J 24 17.59 -27.81 -41.41
CA VAL J 24 16.31 -28.24 -41.96
C VAL J 24 16.50 -29.48 -42.82
N ILE J 25 15.67 -30.49 -42.59
CA ILE J 25 15.67 -31.74 -43.36
C ILE J 25 14.37 -31.78 -44.15
N ARG J 26 14.45 -31.54 -45.44
CA ARG J 26 13.28 -31.63 -46.31
C ARG J 26 13.07 -33.08 -46.67
N ILE J 27 11.88 -33.61 -46.37
CA ILE J 27 11.61 -35.01 -46.66
C ILE J 27 11.91 -35.30 -48.14
N ASN J 28 12.41 -36.50 -48.40
CA ASN J 28 12.86 -36.99 -49.71
C ASN J 28 14.18 -36.37 -50.16
N GLU J 29 14.70 -35.36 -49.47
CA GLU J 29 16.00 -34.84 -49.90
C GLU J 29 17.12 -35.80 -49.47
N VAL J 30 18.30 -35.62 -50.05
CA VAL J 30 19.41 -36.56 -49.85
C VAL J 30 20.05 -36.32 -48.49
N VAL J 31 20.04 -37.35 -47.63
CA VAL J 31 20.75 -37.27 -46.35
C VAL J 31 22.00 -38.16 -46.30
N ALA J 32 22.13 -39.13 -47.20
CA ALA J 32 23.36 -39.89 -47.30
C ALA J 32 23.52 -40.35 -48.74
N ALA J 33 24.78 -40.50 -49.17
CA ALA J 33 25.10 -40.85 -50.55
C ALA J 33 26.39 -41.64 -50.59
N LEU J 34 26.51 -42.48 -51.61
CA LEU J 34 27.71 -43.31 -51.82
C LEU J 34 28.96 -42.49 -52.14
N GLY K 56 37.98 12.64 -51.33
CA GLY K 56 37.23 13.89 -51.16
C GLY K 56 35.82 13.68 -50.63
N LEU K 57 34.94 14.61 -50.91
CA LEU K 57 33.53 14.53 -50.57
C LEU K 57 32.81 13.59 -51.53
N MET K 58 31.92 12.76 -51.00
CA MET K 58 31.17 11.87 -51.87
C MET K 58 30.25 12.67 -52.79
N GLN K 59 30.04 12.15 -54.00
CA GLN K 59 29.32 12.91 -55.03
C GLN K 59 27.98 13.49 -54.58
N PRO K 60 27.12 12.77 -53.86
CA PRO K 60 25.85 13.40 -53.43
C PRO K 60 26.06 14.67 -52.61
N ILE K 61 27.09 14.69 -51.74
CA ILE K 61 27.41 15.92 -51.00
C ILE K 61 27.95 16.99 -51.93
N GLN K 62 28.70 16.62 -52.97
CA GLN K 62 29.19 17.61 -53.93
C GLN K 62 28.05 18.26 -54.70
N GLU K 63 27.07 17.44 -55.13
CA GLU K 63 25.90 18.00 -55.80
C GLU K 63 25.08 18.85 -54.85
N PHE K 64 25.00 18.43 -53.58
CA PHE K 64 24.34 19.23 -52.54
C PHE K 64 24.99 20.60 -52.42
N LYS K 65 26.31 20.63 -52.23
CA LYS K 65 27.06 21.89 -52.17
C LYS K 65 26.89 22.70 -53.45
N ALA K 66 26.94 22.04 -54.61
CA ALA K 66 26.79 22.76 -55.86
C ALA K 66 25.40 23.40 -55.95
N PHE K 67 24.39 22.75 -55.38
CA PHE K 67 23.05 23.31 -55.42
C PHE K 67 22.97 24.56 -54.55
N ILE K 68 23.48 24.48 -53.33
CA ILE K 68 23.53 25.63 -52.42
C ILE K 68 24.12 26.84 -53.13
N GLU K 69 25.19 26.61 -53.88
CA GLU K 69 25.92 27.66 -54.57
C GLU K 69 25.25 28.09 -55.88
N SER K 70 24.35 27.27 -56.42
CA SER K 70 23.72 27.54 -57.71
C SER K 70 22.67 28.65 -57.65
N ASP K 71 22.17 29.01 -56.47
CA ASP K 71 21.07 29.97 -56.34
C ASP K 71 21.47 30.99 -55.28
N PRO K 72 21.59 32.26 -55.63
CA PRO K 72 22.06 33.25 -54.65
C PRO K 72 21.17 33.37 -53.42
N VAL K 73 19.87 33.15 -53.54
CA VAL K 73 18.98 33.22 -52.38
C VAL K 73 19.24 32.04 -51.44
N VAL K 74 19.30 30.82 -52.00
CA VAL K 74 19.64 29.64 -51.22
C VAL K 74 20.99 29.81 -50.55
N HIS K 75 21.99 30.23 -51.33
CA HIS K 75 23.33 30.46 -50.81
C HIS K 75 23.29 31.42 -49.62
N GLN K 76 22.57 32.53 -49.76
CA GLN K 76 22.48 33.49 -48.66
C GLN K 76 21.87 32.85 -47.42
N GLU K 77 20.83 32.02 -47.61
CA GLU K 77 20.24 31.30 -46.50
C GLU K 77 21.27 30.42 -45.80
N PHE K 78 22.15 29.76 -46.57
CA PHE K 78 23.20 28.92 -46.00
C PHE K 78 24.38 29.72 -45.46
N ILE K 79 24.31 31.05 -45.51
CA ILE K 79 25.23 31.89 -44.77
C ILE K 79 24.56 32.42 -43.52
N ASP K 80 23.40 33.07 -43.67
CA ASP K 80 22.75 33.70 -42.54
C ASP K 80 22.43 32.71 -41.43
N MET K 81 22.12 31.45 -41.79
CA MET K 81 21.73 30.46 -40.78
C MET K 81 22.89 30.14 -39.80
N PHE K 82 24.14 30.48 -40.16
CA PHE K 82 25.29 30.21 -39.30
C PHE K 82 25.69 31.40 -38.45
N GLU K 83 24.94 32.50 -38.52
CA GLU K 83 25.36 33.77 -37.92
C GLU K 83 25.74 33.59 -36.46
N GLY K 84 26.98 33.95 -36.14
CA GLY K 84 27.47 33.89 -34.77
C GLY K 84 27.72 32.51 -34.21
N ILE K 85 27.60 31.46 -35.01
CA ILE K 85 27.86 30.12 -34.54
C ILE K 85 29.36 29.94 -34.40
N GLN K 86 29.79 29.68 -33.18
CA GLN K 86 31.20 29.56 -32.89
C GLN K 86 31.71 28.12 -32.99
N ASP K 87 30.84 27.12 -32.91
CA ASP K 87 31.25 25.72 -32.96
C ASP K 87 31.11 25.13 -34.36
N SER K 88 31.69 23.96 -34.51
CA SER K 88 31.62 23.22 -35.76
C SER K 88 30.25 22.52 -35.88
N PRO K 89 29.52 22.68 -37.02
CA PRO K 89 29.88 23.41 -38.25
C PRO K 89 29.72 24.94 -38.14
N ARG K 90 30.67 25.71 -38.67
CA ARG K 90 30.54 27.16 -38.68
C ARG K 90 30.11 27.72 -40.03
N ASN K 91 30.14 26.93 -41.09
CA ASN K 91 29.68 27.39 -42.39
C ASN K 91 29.15 26.18 -43.14
N TYR K 92 28.66 26.44 -44.34
CA TYR K 92 28.10 25.33 -45.09
C TYR K 92 29.20 24.40 -45.58
N GLN K 93 30.44 24.87 -45.71
CA GLN K 93 31.50 23.97 -46.13
C GLN K 93 31.83 22.97 -45.04
N GLU K 94 31.89 23.41 -43.78
CA GLU K 94 32.13 22.47 -42.68
C GLU K 94 30.95 21.52 -42.53
N LEU K 95 29.73 22.04 -42.72
CA LEU K 95 28.55 21.19 -42.71
C LEU K 95 28.73 20.04 -43.69
N CYS K 96 29.11 20.36 -44.94
CA CYS K 96 29.31 19.31 -45.93
C CYS K 96 30.39 18.33 -45.52
N ASN K 97 31.48 18.82 -44.89
CA ASN K 97 32.55 17.92 -44.49
C ASN K 97 32.09 16.99 -43.38
N MET K 98 31.33 17.52 -42.41
CA MET K 98 30.82 16.67 -41.34
C MET K 98 29.80 15.65 -41.86
N PHE K 99 28.98 16.03 -42.84
CA PHE K 99 28.09 15.06 -43.50
C PHE K 99 28.91 13.91 -44.07
N ASN K 100 30.06 14.24 -44.69
CA ASN K 100 30.90 13.23 -45.33
C ASN K 100 31.44 12.23 -44.31
N ASP K 101 31.72 12.68 -43.07
CA ASP K 101 32.07 11.74 -42.01
C ASP K 101 30.85 10.94 -41.56
N ILE K 102 29.74 11.63 -41.26
CA ILE K 102 28.58 10.97 -40.65
C ILE K 102 28.05 9.86 -41.54
N PHE K 103 27.94 10.12 -42.86
CA PHE K 103 27.33 9.18 -43.80
C PHE K 103 28.22 7.96 -44.08
N ARG K 104 29.43 7.90 -43.54
CA ARG K 104 30.30 6.74 -43.73
C ARG K 104 30.34 5.83 -42.52
N LYS K 105 29.60 6.14 -41.47
CA LYS K 105 29.62 5.31 -40.28
C LYS K 105 28.22 5.26 -39.67
N ALA K 106 27.99 4.25 -38.86
CA ALA K 106 26.70 4.04 -38.22
C ALA K 106 26.59 4.87 -36.95
N PRO K 107 25.37 5.22 -36.54
CA PRO K 107 25.20 5.98 -35.30
C PRO K 107 25.58 5.15 -34.08
N VAL K 108 25.84 5.85 -32.98
CA VAL K 108 26.16 5.21 -31.72
C VAL K 108 25.18 5.69 -30.65
N TYR K 109 25.18 4.99 -29.53
CA TYR K 109 24.28 5.33 -28.42
C TYR K 109 24.87 6.45 -27.59
N GLY K 110 24.01 7.36 -27.14
CA GLY K 110 24.51 8.43 -26.29
C GLY K 110 23.89 9.80 -26.46
N ASP K 111 23.63 10.23 -27.69
CA ASP K 111 23.14 11.59 -27.89
C ASP K 111 21.62 11.65 -27.77
N LEU K 112 21.07 12.89 -27.59
CA LEU K 112 19.60 13.02 -27.48
C LEU K 112 18.90 12.70 -28.79
N GLY K 113 19.57 12.93 -29.90
CA GLY K 113 18.98 12.54 -31.16
C GLY K 113 20.03 11.99 -32.11
N PRO K 114 19.60 11.62 -33.31
CA PRO K 114 20.53 11.04 -34.30
C PRO K 114 21.54 12.08 -34.78
N PRO K 115 22.62 11.65 -35.44
CA PRO K 115 23.78 12.55 -35.60
C PRO K 115 23.55 13.73 -36.54
N VAL K 116 22.79 13.57 -37.63
CA VAL K 116 22.50 14.72 -38.49
C VAL K 116 21.65 15.74 -37.75
N TYR K 117 20.63 15.29 -37.03
CA TYR K 117 19.86 16.22 -36.21
C TYR K 117 20.77 17.02 -35.27
N MET K 118 21.69 16.32 -34.58
CA MET K 118 22.53 16.98 -33.58
C MET K 118 23.31 18.16 -34.18
N ILE K 119 23.95 17.97 -35.33
CA ILE K 119 24.67 19.10 -35.93
C ILE K 119 23.77 20.07 -36.68
N MET K 120 22.49 19.73 -36.91
CA MET K 120 21.57 20.62 -37.63
C MET K 120 20.70 21.48 -36.72
N ALA K 121 20.57 21.12 -35.44
CA ALA K 121 19.53 21.70 -34.61
C ALA K 121 19.68 23.21 -34.49
N LYS K 122 20.92 23.70 -34.38
CA LYS K 122 21.14 25.14 -34.27
C LYS K 122 20.70 25.85 -35.56
N LEU K 123 20.98 25.26 -36.72
CA LEU K 123 20.56 25.82 -38.00
C LEU K 123 19.04 25.82 -38.15
N MET K 124 18.40 24.68 -37.84
CA MET K 124 16.94 24.60 -37.93
C MET K 124 16.27 25.68 -37.10
N ASN K 125 16.94 26.17 -36.06
CA ASN K 125 16.36 27.11 -35.12
C ASN K 125 16.53 28.58 -35.56
N THR K 126 16.75 28.83 -36.84
CA THR K 126 16.85 30.18 -37.36
C THR K 126 15.80 30.38 -38.44
N ARG K 127 15.52 31.65 -38.74
CA ARG K 127 14.60 31.93 -39.84
C ARG K 127 15.24 31.62 -41.20
N ALA K 128 16.55 31.81 -41.35
CA ALA K 128 17.24 31.44 -42.58
C ALA K 128 17.21 29.92 -42.78
N GLY K 129 17.43 29.15 -41.71
CA GLY K 129 17.42 27.70 -41.84
C GLY K 129 16.04 27.15 -42.20
N PHE K 130 15.01 27.64 -41.52
CA PHE K 130 13.65 27.21 -41.86
C PHE K 130 13.33 27.52 -43.33
N SER K 131 13.67 28.72 -43.83
CA SER K 131 13.47 29.02 -45.24
C SER K 131 14.13 27.97 -46.13
N ALA K 132 15.42 27.72 -45.90
CA ALA K 132 16.15 26.78 -46.75
C ALA K 132 15.49 25.40 -46.71
N PHE K 133 15.16 24.93 -45.49
CA PHE K 133 14.66 23.59 -45.26
C PHE K 133 13.21 23.41 -45.67
N THR K 134 12.54 24.47 -46.13
CA THR K 134 11.19 24.35 -46.66
C THR K 134 11.15 24.59 -48.18
N ARG K 135 12.27 24.34 -48.86
CA ARG K 135 12.33 24.35 -50.32
C ARG K 135 12.35 22.91 -50.82
N GLN K 136 11.34 22.54 -51.62
CA GLN K 136 11.31 21.18 -52.16
C GLN K 136 12.57 20.84 -52.91
N ARG K 137 13.22 21.85 -53.54
CA ARG K 137 14.43 21.59 -54.33
C ARG K 137 15.55 21.10 -53.45
N LEU K 138 15.81 21.83 -52.36
CA LEU K 138 16.81 21.39 -51.38
C LEU K 138 16.47 20.03 -50.79
N ASN K 139 15.21 19.82 -50.43
CA ASN K 139 14.84 18.57 -49.78
C ASN K 139 15.08 17.37 -50.69
N LEU K 140 15.01 17.56 -52.01
CA LEU K 140 15.41 16.50 -52.94
C LEU K 140 16.84 16.04 -52.67
N HIS K 141 17.72 16.98 -52.31
CA HIS K 141 19.11 16.62 -52.04
C HIS K 141 19.25 15.90 -50.70
N PHE K 142 18.59 16.40 -49.65
CA PHE K 142 18.57 15.66 -48.39
C PHE K 142 18.10 14.23 -48.59
N LYS K 143 17.08 14.05 -49.41
CA LYS K 143 16.61 12.70 -49.70
C LYS K 143 17.74 11.85 -50.24
N LYS K 144 18.47 12.40 -51.24
CA LYS K 144 19.56 11.68 -51.90
C LYS K 144 20.71 11.41 -50.93
N LEU K 145 20.98 12.35 -50.01
CA LEU K 145 22.01 12.16 -48.99
C LEU K 145 21.64 11.00 -48.05
N PHE K 146 20.44 11.04 -47.50
CA PHE K 146 20.05 10.03 -46.51
C PHE K 146 19.83 8.67 -47.15
N ASP K 147 19.31 8.62 -48.38
CA ASP K 147 19.24 7.33 -49.06
C ASP K 147 20.62 6.74 -49.23
N THR K 148 21.60 7.57 -49.62
CA THR K 148 22.96 7.10 -49.78
C THR K 148 23.49 6.55 -48.45
N TRP K 149 23.27 7.30 -47.36
CA TRP K 149 23.67 6.85 -46.03
C TRP K 149 23.02 5.52 -45.69
N GLY K 150 21.73 5.39 -46.01
CA GLY K 150 21.01 4.18 -45.63
C GLY K 150 21.54 2.93 -46.31
N LEU K 151 22.12 3.10 -47.50
CA LEU K 151 22.83 1.99 -48.16
C LEU K 151 23.90 1.42 -47.26
N PHE K 152 24.79 2.30 -46.78
CA PHE K 152 25.81 1.86 -45.85
C PHE K 152 25.21 1.21 -44.61
N LEU K 153 24.09 1.73 -44.11
CA LEU K 153 23.51 1.20 -42.88
C LEU K 153 22.80 -0.14 -43.08
N SER K 154 22.69 -0.60 -44.33
CA SER K 154 22.18 -1.91 -44.67
C SER K 154 23.29 -2.92 -44.94
N SER K 155 24.55 -2.49 -44.88
CA SER K 155 25.71 -3.27 -45.29
C SER K 155 26.39 -3.90 -44.08
N LYS K 156 27.08 -5.02 -44.33
CA LYS K 156 27.73 -5.73 -43.23
C LYS K 156 28.67 -4.82 -42.45
N ASP K 157 29.24 -3.81 -43.12
CA ASP K 157 30.21 -2.92 -42.49
C ASP K 157 29.61 -2.04 -41.40
N SER K 158 28.30 -1.80 -41.46
CA SER K 158 27.68 -0.99 -40.41
C SER K 158 27.49 -1.76 -39.11
N ARG K 159 27.86 -3.05 -39.05
CA ARG K 159 27.74 -3.80 -37.79
C ARG K 159 28.73 -3.35 -36.73
N ASN K 160 29.77 -2.60 -37.10
CA ASN K 160 30.83 -2.29 -36.15
C ASN K 160 30.37 -1.50 -34.94
N VAL K 161 29.19 -0.88 -34.97
CA VAL K 161 28.65 -0.24 -33.77
C VAL K 161 27.86 -1.21 -32.91
N LEU K 162 27.63 -2.43 -33.40
CA LEU K 162 26.87 -3.44 -32.67
C LEU K 162 27.83 -4.22 -31.77
N VAL K 163 28.30 -3.51 -30.75
CA VAL K 163 29.36 -3.97 -29.86
C VAL K 163 29.10 -3.37 -28.48
N ALA K 164 29.82 -3.86 -27.47
CA ALA K 164 29.68 -3.28 -26.13
C ALA K 164 30.69 -2.18 -25.85
N ASP K 165 31.74 -2.07 -26.67
CA ASP K 165 32.81 -1.10 -26.51
C ASP K 165 32.26 0.28 -26.13
N GLN K 166 32.86 0.89 -25.12
CA GLN K 166 32.66 2.29 -24.84
C GLN K 166 33.58 3.07 -25.78
N PHE K 167 33.04 4.08 -26.46
CA PHE K 167 33.77 4.80 -27.50
C PHE K 167 34.42 6.09 -27.03
N ASP K 168 33.84 6.74 -26.03
CA ASP K 168 34.38 7.94 -25.41
C ASP K 168 33.62 8.16 -24.11
N ASP K 169 33.72 9.35 -23.51
CA ASP K 169 33.09 9.55 -22.21
C ASP K 169 31.56 9.47 -22.31
N ARG K 170 30.99 9.87 -23.45
CA ARG K 170 29.54 10.00 -23.58
C ARG K 170 28.87 8.98 -24.52
N HIS K 171 29.65 8.23 -25.32
CA HIS K 171 29.09 7.35 -26.36
C HIS K 171 29.56 5.91 -26.17
N CYS K 172 28.69 4.97 -26.53
CA CYS K 172 29.02 3.56 -26.47
C CYS K 172 28.32 2.80 -27.59
N GLY K 173 28.71 1.53 -27.76
CA GLY K 173 28.06 0.67 -28.73
C GLY K 173 26.69 0.22 -28.27
N TRP K 174 25.93 -0.35 -29.22
CA TRP K 174 24.54 -0.69 -28.99
C TRP K 174 24.35 -1.96 -28.16
N LEU K 175 25.40 -2.77 -28.02
CA LEU K 175 25.36 -3.98 -27.19
C LEU K 175 25.97 -3.75 -25.81
N ASN K 176 26.48 -2.55 -25.54
CA ASN K 176 26.86 -2.13 -24.20
C ASN K 176 25.65 -2.20 -23.27
N GLU K 177 25.88 -2.54 -21.99
CA GLU K 177 24.74 -2.78 -21.11
C GLU K 177 23.98 -1.48 -20.82
N ARG K 178 24.66 -0.33 -20.86
CA ARG K 178 23.96 0.94 -20.71
C ARG K 178 22.85 1.06 -21.77
N ALA K 179 23.18 0.71 -23.02
CA ALA K 179 22.23 0.84 -24.11
C ALA K 179 21.22 -0.30 -24.10
N LEU K 180 21.70 -1.52 -23.89
CA LEU K 180 20.83 -2.68 -23.71
C LEU K 180 19.78 -2.42 -22.63
N SER K 181 20.18 -1.81 -21.52
CA SER K 181 19.24 -1.49 -20.47
C SER K 181 18.18 -0.48 -20.93
N ALA K 182 18.64 0.61 -21.58
CA ALA K 182 17.71 1.65 -22.03
C ALA K 182 16.64 1.08 -22.95
N MET K 183 17.03 0.18 -23.86
CA MET K 183 16.14 -0.38 -24.87
C MET K 183 15.09 -1.34 -24.33
N VAL K 184 15.21 -1.83 -23.10
CA VAL K 184 14.17 -2.69 -22.54
C VAL K 184 13.50 -2.06 -21.32
N LYS K 185 13.70 -0.75 -21.13
CA LYS K 185 13.08 -0.03 -20.02
C LYS K 185 11.59 -0.38 -19.84
N HIS K 186 10.84 -0.47 -20.94
CA HIS K 186 9.40 -0.67 -20.87
C HIS K 186 8.98 -2.11 -21.09
N TYR K 187 9.89 -3.06 -20.91
CA TYR K 187 9.56 -4.46 -21.13
C TYR K 187 9.52 -5.24 -19.83
N ASN K 188 9.42 -4.53 -18.70
CA ASN K 188 8.96 -5.13 -17.47
C ASN K 188 9.94 -6.20 -16.98
N GLY K 189 11.22 -5.83 -16.91
CA GLY K 189 12.24 -6.73 -16.40
C GLY K 189 12.82 -7.73 -17.38
N ARG K 190 12.14 -8.02 -18.49
CA ARG K 190 12.73 -8.88 -19.52
C ARG K 190 13.95 -8.22 -20.17
N ALA K 191 14.87 -9.05 -20.61
CA ALA K 191 16.15 -8.60 -21.14
C ALA K 191 16.09 -8.50 -22.66
N PHE K 192 17.08 -7.79 -23.21
CA PHE K 192 17.08 -7.47 -24.64
C PHE K 192 16.92 -8.72 -25.51
N ASP K 193 17.70 -9.77 -25.23
CA ASP K 193 17.68 -10.98 -26.05
C ASP K 193 16.46 -11.86 -25.80
N GLU K 194 15.73 -11.64 -24.70
CA GLU K 194 14.41 -12.23 -24.54
C GLU K 194 13.38 -11.51 -25.39
N VAL K 195 13.38 -10.17 -25.32
CA VAL K 195 12.37 -9.35 -25.99
C VAL K 195 12.52 -9.40 -27.51
N PHE K 196 13.73 -9.15 -28.00
CA PHE K 196 13.95 -9.05 -29.44
C PHE K 196 14.63 -10.31 -29.96
N LEU K 197 14.34 -10.64 -31.22
CA LEU K 197 14.89 -11.81 -31.88
C LEU K 197 16.34 -11.56 -32.27
N CYS K 198 17.26 -12.21 -31.57
CA CYS K 198 18.68 -12.06 -31.88
C CYS K 198 19.38 -13.31 -31.38
N ASP K 199 20.71 -13.25 -31.35
CA ASP K 199 21.56 -14.30 -30.82
C ASP K 199 22.58 -13.65 -29.88
N LYS K 200 22.36 -13.77 -28.57
CA LYS K 200 23.23 -13.07 -27.62
C LYS K 200 24.66 -13.63 -27.62
N ASN K 201 24.88 -14.80 -28.21
CA ASN K 201 26.19 -15.42 -28.27
C ASN K 201 26.90 -15.18 -29.58
N ALA K 202 26.26 -14.61 -30.50
CA ALA K 202 26.89 -14.35 -31.78
C ALA K 202 27.54 -12.98 -31.78
N PRO K 203 28.55 -12.77 -32.63
CA PRO K 203 29.06 -11.41 -32.83
C PRO K 203 27.97 -10.54 -33.43
N TYR K 204 27.90 -9.30 -32.93
CA TYR K 204 26.89 -8.33 -33.32
C TYR K 204 25.48 -8.79 -32.97
N TYR K 205 25.35 -9.64 -31.96
CA TYR K 205 24.08 -10.24 -31.58
C TYR K 205 23.36 -10.88 -32.77
N GLY K 206 24.08 -11.23 -33.83
CA GLY K 206 23.49 -11.89 -34.96
C GLY K 206 22.91 -10.98 -36.03
N PHE K 207 22.83 -9.68 -35.76
CA PHE K 207 22.32 -8.76 -36.78
C PHE K 207 23.35 -8.59 -37.89
N ASN K 208 22.87 -8.50 -39.14
CA ASN K 208 23.78 -8.41 -40.28
C ASN K 208 24.06 -6.99 -40.75
N SER K 209 23.54 -5.98 -40.06
CA SER K 209 23.77 -4.58 -40.39
C SER K 209 23.13 -3.75 -39.30
N TYR K 210 23.41 -2.44 -39.34
CA TYR K 210 22.78 -1.56 -38.36
C TYR K 210 21.27 -1.50 -38.56
N ASP K 211 20.84 -1.36 -39.82
CA ASP K 211 19.41 -1.30 -40.12
C ASP K 211 18.71 -2.56 -39.62
N ASP K 212 19.35 -3.72 -39.76
CA ASP K 212 18.81 -4.96 -39.22
C ASP K 212 18.56 -4.83 -37.71
N PHE K 213 19.52 -4.26 -36.99
CA PHE K 213 19.35 -4.06 -35.55
C PHE K 213 18.27 -3.03 -35.26
N PHE K 214 18.30 -1.92 -36.01
CA PHE K 214 17.31 -0.84 -35.85
C PHE K 214 15.88 -1.36 -36.02
N ASN K 215 15.67 -2.29 -36.95
CA ASN K 215 14.35 -2.86 -37.22
C ASN K 215 14.23 -4.29 -36.69
N ARG K 216 14.85 -4.56 -35.54
CA ARG K 216 14.78 -5.86 -34.91
C ARG K 216 13.32 -6.25 -34.62
N ARG K 217 12.99 -7.52 -34.83
CA ARG K 217 11.62 -7.97 -34.60
C ARG K 217 11.48 -8.43 -33.14
N PHE K 218 10.24 -8.61 -32.68
CA PHE K 218 9.99 -9.17 -31.36
C PHE K 218 10.18 -10.68 -31.38
N ARG K 219 10.83 -11.23 -30.35
CA ARG K 219 10.99 -12.68 -30.28
C ARG K 219 9.67 -13.37 -29.98
N ASN K 220 8.80 -12.73 -29.22
CA ASN K 220 7.56 -13.35 -28.78
C ASN K 220 6.59 -12.27 -28.35
N ARG K 221 5.87 -11.69 -29.32
CA ARG K 221 5.01 -10.55 -28.99
C ARG K 221 3.92 -10.94 -28.00
N ASP K 222 3.46 -12.20 -28.01
CA ASP K 222 2.40 -12.60 -27.08
C ASP K 222 2.83 -12.54 -25.61
N ILE K 223 4.13 -12.56 -25.32
CA ILE K 223 4.58 -12.29 -23.96
C ILE K 223 4.71 -10.79 -23.73
N ASP K 224 5.52 -10.11 -24.56
CA ASP K 224 5.97 -8.75 -24.29
C ASP K 224 5.05 -7.64 -24.81
N ARG K 225 4.37 -7.84 -25.94
CA ARG K 225 3.52 -6.81 -26.55
C ARG K 225 2.28 -7.48 -27.12
N PRO K 226 1.44 -8.02 -26.26
CA PRO K 226 0.29 -8.80 -26.75
C PRO K 226 -0.73 -7.92 -27.46
N VAL K 227 -1.41 -8.52 -28.44
CA VAL K 227 -2.57 -7.89 -29.07
C VAL K 227 -3.71 -7.91 -28.07
N VAL K 228 -3.80 -6.86 -27.24
CA VAL K 228 -4.67 -6.83 -26.08
C VAL K 228 -6.11 -7.10 -26.48
N GLY K 229 -6.75 -8.03 -25.77
CA GLY K 229 -8.10 -8.45 -26.06
C GLY K 229 -8.22 -9.49 -27.16
N GLY K 230 -7.13 -9.78 -27.86
CA GLY K 230 -7.08 -10.80 -28.90
C GLY K 230 -7.57 -10.30 -30.25
N VAL K 231 -6.95 -10.85 -31.30
CA VAL K 231 -7.23 -10.48 -32.68
C VAL K 231 -8.71 -10.63 -33.03
N ASN K 232 -9.45 -11.44 -32.27
CA ASN K 232 -10.86 -11.70 -32.56
C ASN K 232 -11.80 -10.59 -32.08
N ASN K 233 -11.37 -9.74 -31.15
CA ASN K 233 -12.20 -8.64 -30.67
C ASN K 233 -11.96 -7.45 -31.61
N THR K 234 -12.92 -7.20 -32.49
CA THR K 234 -12.73 -6.15 -33.50
C THR K 234 -13.23 -4.80 -33.03
N THR K 235 -13.63 -4.68 -31.77
CA THR K 235 -14.02 -3.40 -31.20
C THR K 235 -12.83 -2.60 -30.67
N LEU K 236 -11.62 -3.12 -30.80
CA LEU K 236 -10.43 -2.51 -30.22
C LEU K 236 -9.47 -2.08 -31.32
N ILE K 237 -8.85 -0.92 -31.12
CA ILE K 237 -7.84 -0.40 -32.05
C ILE K 237 -6.51 -0.35 -31.31
N SER K 238 -5.50 -1.00 -31.89
CA SER K 238 -4.17 -1.13 -31.30
C SER K 238 -3.24 0.02 -31.70
N ALA K 239 -2.30 0.31 -30.81
CA ALA K 239 -1.20 1.22 -31.13
C ALA K 239 -0.33 0.63 -32.25
N ALA K 240 -0.07 1.44 -33.28
CA ALA K 240 0.70 0.94 -34.43
C ALA K 240 2.21 0.98 -34.20
N CYS K 241 2.69 1.80 -33.28
CA CYS K 241 4.11 1.99 -33.04
C CYS K 241 4.37 2.04 -31.54
N GLU K 242 5.45 1.37 -31.12
CA GLU K 242 6.02 1.57 -29.81
C GLU K 242 6.46 3.02 -29.65
N SER K 243 5.81 3.79 -28.79
CA SER K 243 5.99 5.23 -28.80
C SER K 243 5.60 5.83 -27.47
N LEU K 244 5.77 7.15 -27.37
CA LEU K 244 5.22 7.98 -26.31
C LEU K 244 4.08 8.82 -26.87
N SER K 245 3.00 8.95 -26.10
CA SER K 245 1.93 9.90 -26.39
C SER K 245 2.51 11.28 -26.72
N TYR K 246 2.06 11.88 -27.82
CA TYR K 246 2.52 13.23 -28.13
C TYR K 246 1.41 14.28 -28.19
N ASN K 247 0.30 13.99 -28.86
CA ASN K 247 -0.82 14.90 -28.95
C ASN K 247 -2.07 14.11 -29.31
N VAL K 248 -3.21 14.54 -28.78
CA VAL K 248 -4.51 14.11 -29.27
C VAL K 248 -5.30 15.36 -29.63
N SER K 249 -5.95 15.34 -30.79
CA SER K 249 -6.78 16.47 -31.21
C SER K 249 -8.13 15.96 -31.64
N TYR K 250 -9.17 16.67 -31.23
CA TYR K 250 -10.54 16.37 -31.61
C TYR K 250 -11.05 17.44 -32.57
N ASP K 251 -12.06 17.05 -33.34
CA ASP K 251 -12.71 17.93 -34.30
C ASP K 251 -11.68 18.60 -35.22
N VAL K 252 -10.90 17.76 -35.89
CA VAL K 252 -9.82 18.27 -36.73
C VAL K 252 -10.37 18.82 -38.04
N GLN K 253 -9.60 19.70 -38.64
CA GLN K 253 -10.05 20.51 -39.76
C GLN K 253 -8.90 20.73 -40.76
N SER K 254 -9.21 21.43 -41.85
CA SER K 254 -8.19 21.85 -42.80
C SER K 254 -7.93 23.35 -42.70
N LEU K 255 -6.68 23.72 -42.96
CA LEU K 255 -6.24 25.10 -42.94
C LEU K 255 -5.77 25.50 -44.34
N ASP K 256 -5.89 26.80 -44.65
CA ASP K 256 -5.39 27.26 -45.94
C ASP K 256 -3.88 27.50 -45.92
N THR K 257 -3.31 27.92 -44.78
CA THR K 257 -1.87 27.99 -44.59
C THR K 257 -1.50 27.49 -43.21
N LEU K 258 -0.24 27.10 -43.06
CA LEU K 258 0.31 26.65 -41.78
C LEU K 258 1.15 27.77 -41.15
N VAL K 259 0.46 28.82 -40.76
CA VAL K 259 1.06 30.05 -40.24
C VAL K 259 0.27 30.47 -39.02
N PHE K 260 1.00 30.77 -37.92
CA PHE K 260 0.40 31.39 -36.72
C PHE K 260 -0.59 30.48 -36.06
N LYS K 261 -0.66 29.27 -36.64
CA LYS K 261 -1.47 28.10 -36.39
C LYS K 261 -0.58 26.92 -35.97
N GLY K 262 0.64 27.20 -35.39
CA GLY K 262 1.58 26.11 -35.17
C GLY K 262 1.03 25.06 -34.25
N GLU K 263 1.36 23.82 -34.54
CA GLU K 263 0.93 22.71 -33.68
C GLU K 263 -0.57 22.50 -33.78
N THR K 264 -1.12 22.80 -34.96
CA THR K 264 -2.47 22.40 -35.35
C THR K 264 -2.36 21.52 -36.59
N TYR K 265 -3.14 20.44 -36.62
CA TYR K 265 -3.24 19.68 -37.86
C TYR K 265 -4.05 20.45 -38.90
N SER K 266 -3.69 20.22 -40.16
CA SER K 266 -4.51 20.61 -41.32
C SER K 266 -4.70 19.35 -42.15
N LEU K 267 -5.91 18.76 -42.10
CA LEU K 267 -6.17 17.49 -42.78
C LEU K 267 -5.74 17.54 -44.24
N LYS K 268 -6.15 18.60 -44.95
CA LYS K 268 -5.78 18.79 -46.36
C LYS K 268 -4.27 18.64 -46.56
N HIS K 269 -3.45 19.16 -45.64
CA HIS K 269 -1.99 19.04 -45.73
C HIS K 269 -1.52 17.66 -45.28
N LEU K 270 -1.83 17.30 -44.01
CA LEU K 270 -1.45 15.98 -43.48
C LEU K 270 -1.71 14.87 -44.50
N LEU K 271 -2.93 14.81 -45.03
CA LEU K 271 -3.31 13.75 -45.98
C LEU K 271 -3.04 14.12 -47.43
N ASN K 272 -2.34 15.23 -47.69
CA ASN K 272 -1.87 15.58 -49.03
C ASN K 272 -3.02 15.64 -50.04
N ASN K 273 -4.12 16.27 -49.63
CA ASN K 273 -5.30 16.50 -50.49
C ASN K 273 -5.90 15.20 -51.02
N ASP K 274 -5.86 14.12 -50.24
CA ASP K 274 -6.43 12.86 -50.72
C ASP K 274 -7.95 13.00 -50.91
N PRO K 275 -8.53 12.36 -51.91
CA PRO K 275 -10.01 12.31 -52.01
C PRO K 275 -10.71 11.86 -50.73
N PHE K 276 -10.09 11.00 -49.89
CA PHE K 276 -10.71 10.63 -48.61
C PHE K 276 -10.72 11.75 -47.58
N THR K 277 -9.96 12.83 -47.79
CA THR K 277 -9.83 13.87 -46.77
C THR K 277 -11.16 14.33 -46.18
N PRO K 278 -12.21 14.60 -46.97
CA PRO K 278 -13.45 15.10 -46.36
C PRO K 278 -14.05 14.16 -45.33
N GLN K 279 -13.88 12.84 -45.47
CA GLN K 279 -14.45 11.89 -44.52
C GLN K 279 -13.88 12.05 -43.11
N PHE K 280 -12.70 12.66 -42.97
CA PHE K 280 -12.04 12.80 -41.68
C PHE K 280 -12.21 14.20 -41.11
N GLU K 281 -12.87 15.08 -41.84
CA GLU K 281 -13.24 16.38 -41.30
C GLU K 281 -14.05 16.20 -40.02
N HIS K 282 -13.68 16.93 -38.97
CA HIS K 282 -14.27 16.86 -37.63
C HIS K 282 -13.92 15.59 -36.87
N GLY K 283 -13.07 14.71 -37.42
CA GLY K 283 -12.66 13.50 -36.74
C GLY K 283 -11.59 13.76 -35.69
N SER K 284 -10.86 12.72 -35.28
CA SER K 284 -9.87 12.89 -34.22
C SER K 284 -8.57 12.20 -34.63
N ILE K 285 -7.48 12.66 -34.02
CA ILE K 285 -6.14 12.20 -34.35
C ILE K 285 -5.38 11.97 -33.04
N LEU K 286 -4.74 10.81 -32.93
CA LEU K 286 -3.76 10.50 -31.89
C LEU K 286 -2.40 10.39 -32.56
N GLN K 287 -1.39 11.07 -31.99
CA GLN K 287 -0.04 11.08 -32.55
C GLN K 287 0.98 10.67 -31.50
N GLY K 288 1.85 9.73 -31.87
CA GLY K 288 2.92 9.28 -30.99
C GLY K 288 4.32 9.62 -31.50
N PHE K 289 5.28 9.64 -30.58
CA PHE K 289 6.68 9.89 -30.88
C PHE K 289 7.48 8.66 -30.50
N LEU K 290 8.32 8.19 -31.43
CA LEU K 290 9.21 7.06 -31.20
C LEU K 290 10.59 7.57 -30.80
N ASN K 291 11.08 7.19 -29.60
CA ASN K 291 12.45 7.51 -29.19
C ASN K 291 13.46 6.86 -30.12
N VAL K 292 14.71 7.33 -30.04
CA VAL K 292 15.71 6.80 -30.96
C VAL K 292 16.00 5.33 -30.67
N THR K 293 15.80 4.90 -29.42
CA THR K 293 16.05 3.51 -29.04
C THR K 293 14.82 2.61 -29.13
N ALA K 294 13.71 3.09 -29.66
CA ALA K 294 12.49 2.30 -29.64
C ALA K 294 12.42 1.31 -30.81
N TYR K 295 11.59 0.29 -30.63
CA TYR K 295 11.21 -0.56 -31.72
C TYR K 295 10.63 0.30 -32.83
N HIS K 296 11.10 0.11 -34.07
CA HIS K 296 10.72 1.03 -35.14
C HIS K 296 9.91 0.37 -36.25
N ARG K 297 9.26 -0.77 -35.99
CA ARG K 297 8.37 -1.34 -36.99
C ARG K 297 6.94 -0.87 -36.75
N TRP K 298 6.09 -1.07 -37.77
CA TRP K 298 4.68 -0.71 -37.71
C TRP K 298 3.85 -1.98 -37.64
N HIS K 299 2.82 -1.95 -36.79
CA HIS K 299 1.86 -3.03 -36.66
C HIS K 299 0.48 -2.53 -37.09
N ALA K 300 -0.34 -3.46 -37.58
CA ALA K 300 -1.69 -3.11 -38.02
C ALA K 300 -2.57 -2.78 -36.81
N PRO K 301 -3.25 -1.64 -36.82
CA PRO K 301 -4.06 -1.25 -35.64
C PRO K 301 -5.42 -1.92 -35.56
N VAL K 302 -5.88 -2.56 -36.65
CA VAL K 302 -7.18 -3.21 -36.72
C VAL K 302 -7.08 -4.41 -37.66
N ASN K 303 -8.05 -5.31 -37.57
CA ASN K 303 -8.27 -6.25 -38.66
C ASN K 303 -8.92 -5.49 -39.81
N GLY K 304 -8.34 -5.57 -40.99
CA GLY K 304 -8.92 -4.83 -42.09
C GLY K 304 -8.14 -4.97 -43.37
N THR K 305 -8.53 -4.15 -44.34
CA THR K 305 -7.96 -4.19 -45.68
C THR K 305 -7.20 -2.89 -45.96
N ILE K 306 -6.02 -3.02 -46.56
CA ILE K 306 -5.25 -1.85 -46.94
C ILE K 306 -5.95 -1.23 -48.15
N VAL K 307 -6.44 -0.01 -47.99
CA VAL K 307 -7.17 0.63 -49.07
C VAL K 307 -6.21 1.36 -50.01
N LYS K 308 -5.22 2.07 -49.46
CA LYS K 308 -4.43 3.01 -50.24
C LYS K 308 -3.18 3.39 -49.46
N ILE K 309 -2.03 3.34 -50.14
CA ILE K 309 -0.74 3.73 -49.58
C ILE K 309 -0.18 4.83 -50.46
N ILE K 310 0.13 6.00 -49.86
CA ILE K 310 0.66 7.14 -50.60
C ILE K 310 1.96 7.60 -49.96
N ASN K 311 2.99 7.78 -50.78
CA ASN K 311 4.26 8.27 -50.28
C ASN K 311 4.42 9.73 -50.70
N VAL K 312 4.61 10.59 -49.71
CA VAL K 312 4.57 12.03 -49.92
C VAL K 312 5.96 12.61 -49.64
N PRO K 313 6.61 13.22 -50.61
CA PRO K 313 7.86 13.94 -50.33
C PRO K 313 7.58 15.16 -49.45
N GLY K 314 8.58 15.52 -48.64
CA GLY K 314 8.38 16.63 -47.74
C GLY K 314 9.65 17.13 -47.10
N THR K 315 9.48 17.77 -45.95
CA THR K 315 10.59 18.31 -45.20
C THR K 315 11.28 17.22 -44.36
N TYR K 316 12.47 17.55 -43.87
CA TYR K 316 13.33 16.82 -42.94
C TYR K 316 13.72 17.68 -41.74
N PHE K 317 13.94 18.98 -41.94
CA PHE K 317 14.54 19.81 -40.91
C PHE K 317 13.69 21.03 -40.59
N ALA K 318 12.37 20.96 -40.81
CA ALA K 318 11.47 22.08 -40.56
C ALA K 318 10.86 21.96 -39.17
N GLN K 319 11.20 22.89 -38.27
CA GLN K 319 10.47 22.98 -37.02
C GLN K 319 9.33 23.98 -37.18
N ALA K 320 8.48 24.08 -36.15
CA ALA K 320 7.37 25.02 -36.22
C ALA K 320 7.89 26.45 -36.15
N PRO K 321 7.46 27.34 -37.07
CA PRO K 321 7.98 28.72 -37.08
C PRO K 321 7.80 29.45 -35.75
N SER K 322 6.71 29.19 -35.01
CA SER K 322 6.50 29.78 -33.69
C SER K 322 7.60 29.43 -32.69
N THR K 323 8.37 28.37 -32.91
CA THR K 323 9.44 27.99 -32.00
C THR K 323 10.81 28.49 -32.43
N ILE K 324 10.91 29.14 -33.59
CA ILE K 324 12.21 29.58 -34.07
C ILE K 324 12.79 30.57 -33.06
N GLY K 325 13.98 30.26 -32.55
CA GLY K 325 14.64 31.10 -31.56
C GLY K 325 14.54 30.61 -30.13
N ASP K 326 13.59 29.72 -29.82
CA ASP K 326 13.49 29.15 -28.48
C ASP K 326 14.82 28.50 -28.07
N PRO K 327 15.09 28.40 -26.77
CA PRO K 327 16.36 27.81 -26.33
C PRO K 327 16.45 26.33 -26.68
N ILE K 328 17.65 25.90 -27.08
CA ILE K 328 17.93 24.48 -27.27
C ILE K 328 18.60 23.93 -26.01
N PRO K 329 17.86 23.24 -25.14
CA PRO K 329 18.42 22.81 -23.85
C PRO K 329 19.65 21.93 -24.02
N ASP K 330 20.61 22.12 -23.11
CA ASP K 330 21.83 21.34 -23.05
C ASP K 330 21.73 20.12 -22.12
N ASN K 331 20.50 19.63 -21.88
CA ASN K 331 20.20 18.47 -21.05
C ASN K 331 19.36 17.51 -21.88
N ASP K 332 18.77 16.52 -21.27
CA ASP K 332 17.50 15.90 -21.65
C ASP K 332 16.32 16.32 -20.76
N TYR K 333 16.54 17.17 -19.77
CA TYR K 333 15.47 17.62 -18.89
C TYR K 333 14.30 18.25 -19.69
N ASP K 334 14.47 18.51 -21.02
CA ASP K 334 13.72 19.61 -21.65
C ASP K 334 13.69 19.45 -23.17
N PRO K 335 12.50 19.47 -23.77
CA PRO K 335 12.40 19.27 -25.22
C PRO K 335 12.93 20.47 -25.98
N PRO K 336 13.76 20.23 -27.01
CA PRO K 336 14.20 21.33 -27.88
C PRO K 336 13.09 21.72 -28.85
N PRO K 337 13.24 22.85 -29.55
CA PRO K 337 12.13 23.34 -30.39
C PRO K 337 11.59 22.31 -31.40
N TYR K 338 12.48 21.58 -32.08
CA TYR K 338 12.04 20.57 -33.02
C TYR K 338 11.12 19.55 -32.38
N LEU K 339 11.48 19.03 -31.18
CA LEU K 339 10.62 18.04 -30.53
C LEU K 339 9.36 18.65 -29.92
N LYS K 340 9.21 19.98 -29.94
CA LYS K 340 7.92 20.60 -29.68
C LYS K 340 7.12 20.92 -30.96
N SER K 341 7.53 20.36 -32.12
CA SER K 341 6.96 20.71 -33.42
C SER K 341 6.25 19.56 -34.13
N LEU K 342 6.09 18.40 -33.49
CA LEU K 342 5.66 17.20 -34.20
C LEU K 342 4.28 17.36 -34.83
N VAL K 343 3.36 18.06 -34.16
CA VAL K 343 2.06 18.25 -34.78
C VAL K 343 2.20 19.12 -36.03
N TYR K 344 2.93 20.23 -35.91
CA TYR K 344 3.13 21.13 -37.04
C TYR K 344 3.68 20.38 -38.25
N PHE K 345 4.81 19.69 -38.10
CA PHE K 345 5.50 19.17 -39.28
C PHE K 345 4.94 17.83 -39.76
N SER K 346 4.00 17.23 -39.03
CA SER K 346 3.23 16.13 -39.61
C SER K 346 2.53 16.60 -40.88
N ASN K 347 2.25 17.91 -40.98
CA ASN K 347 1.59 18.47 -42.15
C ASN K 347 2.50 18.48 -43.38
N ILE K 348 3.82 18.53 -43.20
CA ILE K 348 4.72 18.84 -44.32
C ILE K 348 5.92 17.90 -44.45
N ALA K 349 6.17 17.07 -43.43
CA ALA K 349 7.35 16.22 -43.46
C ALA K 349 7.18 15.07 -44.45
N ALA K 350 8.31 14.60 -44.98
CA ALA K 350 8.30 13.34 -45.72
C ALA K 350 7.59 12.26 -44.89
N ARG K 351 6.60 11.61 -45.50
CA ARG K 351 5.67 10.79 -44.74
C ARG K 351 4.99 9.82 -45.69
N GLN K 352 4.41 8.77 -45.09
CA GLN K 352 3.58 7.82 -45.82
C GLN K 352 2.20 7.79 -45.18
N ILE K 353 1.17 7.92 -46.02
CA ILE K 353 -0.22 7.89 -45.61
C ILE K 353 -0.76 6.52 -45.94
N MET K 354 -1.44 5.88 -44.99
CA MET K 354 -2.01 4.57 -45.24
C MET K 354 -3.46 4.57 -44.79
N PHE K 355 -4.38 4.31 -45.72
CA PHE K 355 -5.81 4.20 -45.42
C PHE K 355 -6.18 2.74 -45.24
N ILE K 356 -6.86 2.43 -44.16
CA ILE K 356 -7.26 1.06 -43.88
C ILE K 356 -8.77 1.01 -43.67
N GLU K 357 -9.42 0.01 -44.26
CA GLU K 357 -10.83 -0.24 -44.02
C GLU K 357 -10.96 -1.36 -42.98
N ALA K 358 -11.32 -0.97 -41.75
CA ALA K 358 -11.51 -1.91 -40.65
C ALA K 358 -12.63 -2.89 -40.97
N ASP K 359 -12.40 -4.16 -40.65
CA ASP K 359 -13.45 -5.17 -40.81
C ASP K 359 -14.71 -4.78 -40.02
N ASN K 360 -14.52 -4.18 -38.85
CA ASN K 360 -15.67 -3.73 -38.06
C ASN K 360 -16.23 -2.45 -38.68
N LYS K 361 -17.44 -2.55 -39.25
CA LYS K 361 -18.04 -1.42 -39.95
C LYS K 361 -18.24 -0.20 -39.05
N GLU K 362 -18.33 -0.40 -37.74
CA GLU K 362 -18.48 0.71 -36.80
C GLU K 362 -17.17 1.49 -36.61
N ILE K 363 -16.05 0.94 -37.06
CA ILE K 363 -14.78 1.65 -37.09
C ILE K 363 -14.49 2.18 -38.48
N GLY K 364 -14.70 1.33 -39.49
CA GLY K 364 -14.72 1.76 -40.85
C GLY K 364 -13.37 2.21 -41.37
N LEU K 365 -13.41 3.26 -42.18
CA LEU K 365 -12.19 3.79 -42.76
C LEU K 365 -11.40 4.53 -41.69
N ILE K 366 -10.12 4.19 -41.55
CA ILE K 366 -9.21 4.90 -40.67
C ILE K 366 -8.00 5.30 -41.51
N PHE K 367 -7.17 6.17 -40.96
CA PHE K 367 -5.90 6.43 -41.61
C PHE K 367 -4.77 6.35 -40.60
N LEU K 368 -3.60 6.02 -41.12
CA LEU K 368 -2.33 6.11 -40.43
C LEU K 368 -1.43 7.02 -41.25
N VAL K 369 -0.68 7.90 -40.59
CA VAL K 369 0.39 8.63 -41.24
C VAL K 369 1.69 8.32 -40.49
N PHE K 370 2.68 7.80 -41.21
CA PHE K 370 4.00 7.58 -40.65
C PHE K 370 4.90 8.75 -41.01
N ILE K 371 5.40 9.46 -40.00
CA ILE K 371 5.97 10.79 -40.15
C ILE K 371 7.48 10.72 -39.92
N GLY K 372 8.25 11.10 -40.94
CA GLY K 372 9.69 11.13 -40.82
C GLY K 372 10.16 12.27 -39.91
N MET K 373 11.37 12.10 -39.40
CA MET K 373 12.04 13.12 -38.60
C MET K 373 13.52 13.08 -38.95
N THR K 374 14.03 14.22 -39.44
CA THR K 374 15.41 14.38 -39.91
C THR K 374 15.85 13.13 -40.69
N GLU K 375 16.96 12.51 -40.32
CA GLU K 375 17.48 11.40 -41.11
C GLU K 375 16.71 10.10 -40.97
N ILE K 376 15.79 9.97 -40.00
CA ILE K 376 14.95 8.78 -39.93
C ILE K 376 13.63 9.08 -40.61
N SER K 377 13.60 9.05 -41.94
CA SER K 377 12.46 9.54 -42.69
C SER K 377 12.01 8.61 -43.82
N THR K 378 12.63 7.45 -43.96
CA THR K 378 12.17 6.47 -44.92
C THR K 378 11.04 5.60 -44.33
N CYS K 379 9.95 5.50 -45.07
CA CYS K 379 8.74 4.80 -44.63
C CYS K 379 8.51 3.64 -45.60
N GLU K 380 8.91 2.44 -45.21
CA GLU K 380 8.71 1.26 -46.03
C GLU K 380 7.44 0.54 -45.58
N ALA K 381 6.45 0.47 -46.47
CA ALA K 381 5.33 -0.44 -46.30
C ALA K 381 5.74 -1.85 -46.74
N THR K 382 5.41 -2.85 -45.93
CA THR K 382 5.54 -4.25 -46.33
C THR K 382 4.19 -4.91 -46.61
N VAL K 383 3.15 -4.11 -46.78
CA VAL K 383 1.83 -4.60 -47.18
C VAL K 383 1.49 -3.92 -48.50
N SER K 384 0.47 -4.47 -49.17
CA SER K 384 0.07 -4.00 -50.48
C SER K 384 -1.37 -3.52 -50.44
N GLU K 385 -1.72 -2.61 -51.33
CA GLU K 385 -3.12 -2.21 -51.42
C GLU K 385 -3.96 -3.45 -51.73
N GLY K 386 -5.10 -3.55 -51.06
CA GLY K 386 -5.98 -4.69 -51.22
C GLY K 386 -5.74 -5.84 -50.27
N GLN K 387 -4.55 -5.93 -49.69
CA GLN K 387 -4.22 -7.00 -48.77
C GLN K 387 -5.03 -6.89 -47.47
N HIS K 388 -5.32 -8.05 -46.87
CA HIS K 388 -5.95 -8.10 -45.55
C HIS K 388 -4.90 -8.34 -44.48
N VAL K 389 -5.11 -7.73 -43.32
CA VAL K 389 -4.21 -7.86 -42.17
C VAL K 389 -5.04 -7.97 -40.91
N ASN K 390 -4.46 -8.61 -39.90
CA ASN K 390 -5.01 -8.68 -38.55
C ASN K 390 -4.25 -7.73 -37.64
N ARG K 391 -5.00 -7.17 -36.68
CA ARG K 391 -4.42 -6.35 -35.64
C ARG K 391 -3.14 -6.99 -35.08
N GLY K 392 -2.02 -6.26 -35.18
CA GLY K 392 -0.72 -6.72 -34.70
C GLY K 392 0.24 -7.21 -35.77
N ASP K 393 -0.23 -7.41 -37.00
CA ASP K 393 0.63 -7.83 -38.10
C ASP K 393 1.54 -6.68 -38.55
N ASP K 394 2.63 -7.04 -39.25
CA ASP K 394 3.52 -6.01 -39.80
C ASP K 394 2.79 -5.16 -40.85
N LEU K 395 2.91 -3.83 -40.74
CA LEU K 395 2.55 -2.98 -41.87
C LEU K 395 3.77 -2.50 -42.62
N GLY K 396 4.89 -2.39 -41.92
CA GLY K 396 6.10 -1.86 -42.51
C GLY K 396 7.00 -1.37 -41.40
N MET K 397 7.88 -0.43 -41.75
CA MET K 397 8.84 0.05 -40.76
C MET K 397 9.48 1.35 -41.22
N PHE K 398 10.14 2.00 -40.27
CA PHE K 398 11.00 3.15 -40.52
C PHE K 398 12.44 2.71 -40.83
N HIS K 399 13.14 3.51 -41.63
CA HIS K 399 14.57 3.35 -41.82
C HIS K 399 15.24 4.72 -41.80
N PHE K 400 16.51 4.72 -41.42
CA PHE K 400 17.38 5.83 -41.81
C PHE K 400 17.33 5.96 -43.33
N GLY K 401 17.07 7.17 -43.80
CA GLY K 401 16.96 7.42 -45.23
C GLY K 401 16.04 8.60 -45.48
N GLY K 402 15.82 8.86 -46.76
CA GLY K 402 14.97 9.98 -47.19
C GLY K 402 13.50 9.62 -47.33
N SER L 1 7.89 9.42 -35.95
CA SER L 1 6.58 9.76 -35.37
C SER L 1 5.43 9.10 -36.14
N PHE L 2 4.27 8.94 -35.51
CA PHE L 2 3.12 8.35 -36.20
C PHE L 2 1.84 9.00 -35.70
N ALA L 3 0.81 8.96 -36.56
CA ALA L 3 -0.51 9.49 -36.19
C ALA L 3 -1.60 8.53 -36.65
N LEU L 4 -2.57 8.33 -35.75
CA LEU L 4 -3.78 7.55 -36.00
C LEU L 4 -4.94 8.52 -36.19
N GLY L 5 -5.71 8.32 -37.27
CA GLY L 5 -6.85 9.17 -37.58
C GLY L 5 -8.19 8.46 -37.55
N LEU L 6 -9.15 9.02 -36.81
CA LEU L 6 -10.49 8.48 -36.69
C LEU L 6 -11.51 9.48 -37.21
N ARG L 7 -12.50 8.99 -37.96
CA ARG L 7 -13.63 9.79 -38.43
C ARG L 7 -14.56 10.18 -37.27
N LYS L 8 -15.31 11.29 -37.45
CA LYS L 8 -16.30 11.68 -36.43
C LYS L 8 -17.37 10.61 -36.29
N ASP L 9 -17.87 10.08 -37.40
CA ASP L 9 -18.85 9.00 -37.42
C ASP L 9 -18.32 7.69 -36.85
N CYS L 10 -17.05 7.62 -36.49
CA CYS L 10 -16.51 6.42 -35.90
C CYS L 10 -16.87 6.41 -34.42
N ARG L 11 -17.53 5.34 -33.98
CA ARG L 11 -17.99 5.18 -32.61
C ARG L 11 -16.85 4.80 -31.63
N ALA L 12 -15.60 4.76 -32.09
CA ALA L 12 -14.46 4.51 -31.22
C ALA L 12 -13.94 5.82 -30.65
N GLU L 13 -13.43 5.75 -29.42
CA GLU L 13 -12.98 6.93 -28.70
C GLU L 13 -11.57 6.68 -28.17
N ILE L 14 -10.67 7.63 -28.45
CA ILE L 14 -9.32 7.56 -27.94
C ILE L 14 -9.32 7.41 -26.43
N VAL L 15 -8.45 6.54 -25.93
CA VAL L 15 -8.36 6.28 -24.50
C VAL L 15 -7.78 7.50 -23.80
N GLU L 16 -8.49 8.01 -22.78
CA GLU L 16 -8.21 9.34 -22.23
C GLU L 16 -6.79 9.49 -21.70
N LYS L 17 -6.18 8.42 -21.16
CA LYS L 17 -4.86 8.63 -20.56
C LYS L 17 -3.84 9.11 -21.59
N PHE L 18 -4.07 8.83 -22.87
CA PHE L 18 -3.14 9.25 -23.92
C PHE L 18 -3.31 10.70 -24.34
N THR L 19 -4.34 11.39 -23.86
CA THR L 19 -4.37 12.83 -24.11
C THR L 19 -3.34 13.58 -23.27
N GLU L 20 -2.69 12.94 -22.29
CA GLU L 20 -1.61 13.58 -21.55
C GLU L 20 -0.28 13.32 -22.27
N PRO L 21 0.36 14.35 -22.82
CA PRO L 21 1.67 14.15 -23.45
C PRO L 21 2.62 13.45 -22.50
N GLY L 22 3.49 12.61 -23.08
CA GLY L 22 4.49 11.90 -22.32
C GLY L 22 4.08 10.52 -21.83
N THR L 23 2.80 10.17 -21.91
CA THR L 23 2.34 8.85 -21.49
C THR L 23 2.95 7.76 -22.36
N VAL L 24 3.38 6.67 -21.73
CA VAL L 24 3.98 5.56 -22.45
C VAL L 24 2.93 4.82 -23.26
N ILE L 25 3.23 4.59 -24.54
CA ILE L 25 2.37 3.85 -25.46
C ILE L 25 3.09 2.54 -25.79
N ARG L 26 2.60 1.45 -25.21
CA ARG L 26 3.15 0.14 -25.51
C ARG L 26 2.51 -0.35 -26.80
N ILE L 27 3.35 -0.68 -27.79
CA ILE L 27 2.82 -1.13 -29.07
C ILE L 27 1.87 -2.31 -28.85
N ASN L 28 0.81 -2.36 -29.67
CA ASN L 28 -0.28 -3.32 -29.60
C ASN L 28 -1.23 -3.08 -28.44
N GLU L 29 -0.93 -2.17 -27.52
CA GLU L 29 -1.90 -1.92 -26.46
C GLU L 29 -3.05 -1.06 -27.00
N VAL L 30 -4.16 -1.01 -26.24
CA VAL L 30 -5.38 -0.37 -26.71
C VAL L 30 -5.24 1.15 -26.61
N VAL L 31 -5.36 1.85 -27.74
CA VAL L 31 -5.38 3.32 -27.72
C VAL L 31 -6.74 3.89 -28.05
N ALA L 32 -7.65 3.12 -28.65
CA ALA L 32 -9.02 3.57 -28.84
C ALA L 32 -9.93 2.35 -28.83
N ALA L 33 -11.17 2.55 -28.38
CA ALA L 33 -12.13 1.47 -28.21
C ALA L 33 -13.54 2.00 -28.43
N LEU L 34 -14.43 1.11 -28.88
CA LEU L 34 -15.83 1.44 -29.11
C LEU L 34 -16.59 1.78 -27.82
#